data_8VH4
#
_entry.id   8VH4
#
_cell.length_a   1.00
_cell.length_b   1.00
_cell.length_c   1.00
_cell.angle_alpha   90.00
_cell.angle_beta   90.00
_cell.angle_gamma   90.00
#
_symmetry.space_group_name_H-M   'P 1'
#
loop_
_entity.id
_entity.type
_entity.pdbx_description
1 polymer 'Leucine-rich repeat serine/threonine-protein kinase 2'
2 polymer 'Ras-related protein Rab-12'
3 non-polymer "GUANOSINE-5'-DIPHOSPHATE"
4 non-polymer 'PHOSPHOAMINOPHOSPHONIC ACID-ADENYLATE ESTER'
5 non-polymer 'MAGNESIUM ION'
6 non-polymer 'PHOSPHOAMINOPHOSPHONIC ACID-GUANYLATE ESTER'
#
loop_
_entity_poly.entity_id
_entity_poly.type
_entity_poly.pdbx_seq_one_letter_code
_entity_poly.pdbx_strand_id
1 'polypeptide(L)'
;MASGSCQGCEEDEETLKKLIVRLNNVQEGKQIETLVQILEDLLVFTYSEHASKLFQGKNIHVPLLIVLDSYMRVASVQQV
GWSLLCKLIEVCPGTMQSLMGPQDVGNDWEVLGVHQLILKMLTVHNASVNLSVIGLKTLDLLLTSGKITLLILDEESDIF
MLIFDAMHSFPANDEVQKLGCKALHVLFERVSEEQLTEFVENKDYMILLSALTNFKDEEEIVLHVLHCLHSLAIPCNNVE
VLMSGNVRCYNIVVEAMKAFPMSERIQEVSCCLLHRLTLGNFFNILVLNEVHEFVVKAVQQYPENAALQISALSCLALLT
ETIFLNQDLEEKNENQENDDEGEEDKLFWLEACYKALTWHRKNKHVQEAACWALNNLLMYQNSLHEKIGDEDGHFPAHRE
VMLSMLMHSSSKEVFQASANALSTLLEQNVNFRKILLSKGIHLNVLELMQKHIHSPEVAESGCKMLNHLFEGSNTSLDIM
AAVVPKILTVMKRHETSLPVQLEALRAILHFIVPGMPEESREDTEFHHKLNMVKKQCFKNDIHKLVLAALNRFIGNPGIQ
KCGLKVISSIVHFPDALEMLSLEGAMDSVLHTLQMYPDDQEIQCLGLSLIGYLITKKNVFIGTGHLLAKILVSSLYRFKD
VAEIQTKGFQTILAILKLSASFSKLLVHHSFDLVIFHQMSSNIMEQKDQQFLNLCCKCFAKVAMDDYLKNVMLERACDQN
NSIMVECLLLLGADANQAKEGSSLICQVCEKESSPKLVELLLNSGSREQDVRKALTISIGKGDSQIISLLLRRLALDVAN
NSICLGGFCIGKVEPSWLGPLFPDKTSNLRKQTNIASTLARMVIRYQMKSAVEEGTASGSDGNFSEDVLSKFDEWTFIPD
SSMDSVFAQSDDLDSEGSEGSFLVKKKSNSISVGEFYRDAVLQRCSPNLQRHSNSLGPIFDHEDLLKRKRKILSSDDSLR
SSKLQSHMRHSDSISSLASEREYITSLDLSANELRDIDALSQKCCISVHLEHLEKLELHQNALTSFPQQLCETLKSLTHL
DLHSNKFTSFPSYLLKMSCIANLDVSRNDIGPSVVLDPTVKCPTLKQFNLSYNQLSFVPENLTDVVEKLEQLILEGNKIS
GICSPLRLKELKILNLSKNHISSLSENFLEACPKVESFSARMNFLAAMPFLPPSMTILKLSQNKFSCIPEAILNLPHLRS
LDMSSNDIQYLPGPAHWKSLNLRELLFSHNQISILDLSEKAYLWSRVEKLHLSHNKLKEIPPEIGCLENLTSLDVSYNLE
LRSFPNEMGKLSKIWDLPLDELHLNFDFKHIGCKAKDIIRFLQQRLKKAVPYNRMKLMIVGNTGSGKTTLLQQLMKTKKS
DLGMQSATVGIDVKDWPIQIRDKRKRDLVLNVWDFAGREEFYSTHPHFMTQRALYLAVYDLSKGQAEVDAMKPWLFNIKA
RASSSPVILVGTHLDVSDEKQRKACMSKITKELLNKRGFPAIRDYHFVNATEESDALAKLRKTIINESLNFKIRDQLVVG
QLIPDCYVELEKIILSERKNVPIEFPVIDRKRLLQLVRENQLQLDENELPHAVHFLNESGVLLHFQDPALQLSDLYFVEP
KWLCKIMAQILTVKVEGCPKHPKGIISRRDVEKFLSKKRKFPKNYMTQYFKLLEKFQIALPIGEEYLLVPSSLSDHRPVI
ELPHCENSEIIIRLYEMPYFPMGFWSRLINRLLEISPYMLSGRERALRPNRMYWRQGIYLNWSPEAYCLVGSEVLDNHPE
SFLKITVPSCRKGCILLGQVVDHIDSLMEEWFPGLLEIDICGEGETLLKKWALYSFNDGEEHQKILLDDLMKKAEEGDLL
VNPDQPRLTIPISQIAPDLILADLPRNIMLNNDELEFEQAPEFLLGDGSFGSVYRAAYEGEEVAVKIFNKHTSLRLLRQE
LVVLCHLHHPSLISLLAAGIRPRMLVMELASKGSLDRLLQQDKASLTRTLQHRIALHVADGLRYLHSAMIIYRDLKPHNV
LLFTLYPNAAIIAKIADYGIAQYCCRMGIKTSEGTPGFRAPEVARGNVIYNQQADVYSFGLLLYDILTTGGRIVEGLKFP
NEFDELEIQGKLPDPVKEYGCAPWPMVEKLIKQCLKENPQERPTSAQVFDILNSAELVCLTRRILLPKNVIVECMVATHH
NSRNASIWLGCGHTDRGQLSFLDLNTEGYTSEEVADSRILCLALVHLPVEKESWIVSGTQSGTLLVINTEDGKKRHTLEK
MTDSVTCLYCNSFSKQSKQKNFLLVGTADGKLAIFEDKTVKLKGAAPLKILNIGNVSTPLMCLSESTNSTERNVMWGGCG
TKIFSFSNDFTIQKLIETRTSQLFSYAAFSDSNIITVVVDTALYIAKQNSPVVEVWDKKTEKLCGLIDCVHFLREVTVKE
NKESKHKMSYSGRVKTLCLQKNTALWIGTGGGHILLLDLSTRRLIRVIYNFCNSVRVMMTAQLGSLKNVMLVLGYNRKNT
EGTQKQKEIQSCLTVWDINLPHEVQNLEKHIEVRKELAEKMRRTSVE
;
A
2 'polypeptide(L)'
;PRPADFKLQVIIIGSRGVGKTSLMERFTDDTFCEACKSTVGVDFKIKTVELRGKKIRLQIWDTAGLERFNSITSAYYRSA
KGIILVYDITKKETFDDLPKWMKMIDKYASEDAELLLVGNKLDCETDREITRQQGEKFAQQITGMRFCEASAKDNFNVDE
IFLKLVDDILKKMPLD
;
B
#
loop_
_chem_comp.id
_chem_comp.type
_chem_comp.name
_chem_comp.formula
ANP non-polymer 'PHOSPHOAMINOPHOSPHONIC ACID-ADENYLATE ESTER' 'C10 H17 N6 O12 P3'
GDP RNA linking GUANOSINE-5'-DIPHOSPHATE 'C10 H15 N5 O11 P2'
GNP non-polymer 'PHOSPHOAMINOPHOSPHONIC ACID-GUANYLATE ESTER' 'C10 H17 N6 O13 P3'
MG non-polymer 'MAGNESIUM ION' 'Mg 2'
#
# COMPACT_ATOMS: atom_id res chain seq x y z
N ASP A 12 28.15 133.46 -30.58
CA ASP A 12 27.22 132.54 -31.25
C ASP A 12 27.95 131.37 -31.89
N GLU A 13 27.46 130.96 -33.07
CA GLU A 13 28.01 129.78 -33.73
C GLU A 13 29.40 130.05 -34.31
N GLU A 14 29.66 131.30 -34.72
CA GLU A 14 30.96 131.63 -35.29
C GLU A 14 32.06 131.52 -34.24
N THR A 15 31.73 131.73 -32.96
CA THR A 15 32.68 131.46 -31.89
C THR A 15 33.03 129.98 -31.85
N LEU A 16 32.04 129.11 -32.04
CA LEU A 16 32.30 127.68 -32.08
C LEU A 16 33.08 127.30 -33.33
N LYS A 17 32.90 128.04 -34.42
CA LYS A 17 33.71 127.82 -35.61
C LYS A 17 35.17 128.17 -35.37
N LYS A 18 35.42 129.30 -34.70
CA LYS A 18 36.77 129.65 -34.28
C LYS A 18 37.35 128.60 -33.36
N LEU A 19 36.53 128.07 -32.44
CA LEU A 19 37.00 127.06 -31.51
C LEU A 19 37.38 125.77 -32.23
N ILE A 20 36.59 125.36 -33.22
CA ILE A 20 36.92 124.16 -33.98
C ILE A 20 38.15 124.40 -34.84
N VAL A 21 38.30 125.60 -35.40
CA VAL A 21 39.47 125.92 -36.20
C VAL A 21 40.72 125.97 -35.34
N ARG A 22 40.58 126.33 -34.07
CA ARG A 22 41.72 126.32 -33.17
C ARG A 22 42.07 124.91 -32.74
N LEU A 23 41.07 124.11 -32.36
CA LEU A 23 41.32 122.76 -31.89
C LEU A 23 41.76 121.82 -33.00
N ASN A 24 41.49 122.16 -34.27
CA ASN A 24 41.88 121.27 -35.35
C ASN A 24 43.37 121.35 -35.64
N ASN A 25 44.02 122.46 -35.31
CA ASN A 25 45.43 122.67 -35.58
C ASN A 25 46.16 122.83 -34.25
N VAL A 26 47.00 121.85 -33.92
CA VAL A 26 47.79 121.89 -32.69
C VAL A 26 49.09 122.65 -32.96
N GLN A 27 49.27 123.77 -32.26
CA GLN A 27 50.49 124.56 -32.33
C GLN A 27 51.19 124.66 -30.99
N GLU A 28 50.49 125.07 -29.94
CA GLU A 28 51.05 125.19 -28.60
C GLU A 28 50.28 124.26 -27.66
N GLY A 29 51.02 123.45 -26.89
CA GLY A 29 50.43 122.37 -26.12
C GLY A 29 49.62 122.80 -24.91
N LYS A 30 49.70 124.07 -24.51
CA LYS A 30 49.05 124.52 -23.28
C LYS A 30 47.89 125.47 -23.51
N GLN A 31 47.87 126.20 -24.62
CA GLN A 31 46.78 127.15 -24.85
C GLN A 31 45.48 126.44 -25.20
N ILE A 32 45.57 125.26 -25.83
CA ILE A 32 44.39 124.53 -26.30
C ILE A 32 43.47 124.18 -25.14
N GLU A 33 44.05 123.88 -23.98
CA GLU A 33 43.28 123.55 -22.79
C GLU A 33 42.45 124.70 -22.27
N THR A 34 42.59 125.89 -22.84
CA THR A 34 41.65 126.98 -22.54
C THR A 34 40.42 126.90 -23.42
N LEU A 35 40.62 126.70 -24.73
CA LEU A 35 39.55 126.87 -25.72
C LEU A 35 38.40 125.91 -25.47
N VAL A 36 38.69 124.61 -25.48
CA VAL A 36 37.67 123.61 -25.19
C VAL A 36 37.13 123.77 -23.77
N GLN A 37 37.94 124.35 -22.86
CA GLN A 37 37.46 124.62 -21.51
C GLN A 37 36.31 125.62 -21.55
N ILE A 38 36.45 126.66 -22.37
CA ILE A 38 35.36 127.61 -22.55
C ILE A 38 34.17 126.90 -23.20
N LEU A 39 34.47 125.93 -24.09
CA LEU A 39 33.41 125.10 -24.66
C LEU A 39 32.66 124.35 -23.58
N GLU A 40 33.36 123.94 -22.52
CA GLU A 40 32.70 123.27 -21.40
C GLU A 40 31.65 124.17 -20.78
N ASP A 41 31.93 125.48 -20.73
CA ASP A 41 30.91 126.44 -20.28
C ASP A 41 29.71 126.41 -21.22
N LEU A 42 29.97 126.47 -22.53
CA LEU A 42 28.89 126.34 -23.50
C LEU A 42 28.31 124.94 -23.50
N LEU A 43 29.00 123.97 -22.90
CA LEU A 43 28.41 122.67 -22.69
C LEU A 43 27.28 122.76 -21.67
N VAL A 44 27.51 123.50 -20.58
CA VAL A 44 26.48 123.62 -19.54
C VAL A 44 25.66 124.89 -19.69
N PHE A 45 25.95 125.72 -20.68
CA PHE A 45 25.11 126.88 -21.00
C PHE A 45 23.92 126.37 -21.79
N THR A 46 22.76 126.27 -21.13
CA THR A 46 21.56 125.70 -21.71
C THR A 46 20.75 126.71 -22.52
N TYR A 47 21.39 127.77 -23.01
CA TYR A 47 20.68 128.77 -23.83
C TYR A 47 20.13 128.15 -25.10
N SER A 48 20.81 127.16 -25.66
CA SER A 48 20.35 126.44 -26.83
C SER A 48 21.13 125.14 -26.94
N GLU A 49 20.69 124.29 -27.86
CA GLU A 49 21.47 123.12 -28.27
C GLU A 49 22.39 123.48 -29.43
N HIS A 50 23.24 124.49 -29.20
CA HIS A 50 24.16 124.97 -30.23
C HIS A 50 25.17 123.91 -30.66
N ALA A 51 25.40 122.89 -29.84
CA ALA A 51 26.22 121.76 -30.25
C ALA A 51 25.39 120.74 -31.01
N SER A 52 24.66 121.19 -32.04
CA SER A 52 23.87 120.32 -32.89
C SER A 52 24.50 120.13 -34.26
N LYS A 53 25.62 120.80 -34.54
CA LYS A 53 26.26 120.67 -35.84
C LYS A 53 26.83 119.29 -36.08
N LEU A 54 27.09 118.53 -35.01
CA LEU A 54 27.67 117.18 -34.98
C LEU A 54 29.10 117.13 -35.49
N PHE A 55 29.72 118.27 -35.81
CA PHE A 55 31.11 118.28 -36.20
C PHE A 55 32.05 118.08 -35.03
N GLN A 56 31.72 118.61 -33.86
CA GLN A 56 32.55 118.45 -32.68
C GLN A 56 32.27 117.13 -32.00
N GLY A 57 33.09 116.83 -31.00
CA GLY A 57 32.85 115.74 -30.09
C GLY A 57 32.89 114.33 -30.66
N LYS A 58 33.05 114.21 -31.98
CA LYS A 58 33.11 112.89 -32.59
C LYS A 58 34.20 112.71 -33.62
N ASN A 59 34.73 113.78 -34.21
CA ASN A 59 35.75 113.64 -35.26
C ASN A 59 36.91 114.59 -35.01
N ILE A 60 36.67 115.64 -34.25
CA ILE A 60 37.74 116.56 -33.91
C ILE A 60 38.23 116.31 -32.50
N HIS A 61 37.32 116.13 -31.56
CA HIS A 61 37.71 116.07 -30.16
C HIS A 61 38.35 114.75 -29.80
N VAL A 62 38.04 113.67 -30.51
CA VAL A 62 38.72 112.40 -30.25
C VAL A 62 40.18 112.43 -30.73
N PRO A 63 40.52 112.92 -31.93
CA PRO A 63 41.95 113.12 -32.22
C PRO A 63 42.61 114.14 -31.34
N LEU A 64 41.90 115.20 -30.95
CA LEU A 64 42.50 116.15 -30.02
C LEU A 64 42.66 115.55 -28.63
N LEU A 65 41.94 114.46 -28.35
CA LEU A 65 41.90 113.88 -27.02
C LEU A 65 42.88 112.72 -26.87
N ILE A 66 43.22 112.05 -27.96
CA ILE A 66 44.17 110.94 -27.88
C ILE A 66 45.57 111.36 -28.33
N VAL A 67 45.68 112.23 -29.34
CA VAL A 67 47.00 112.56 -29.88
C VAL A 67 47.68 113.63 -29.02
N LEU A 68 47.03 114.79 -28.89
CA LEU A 68 47.70 116.00 -28.40
C LEU A 68 48.14 115.85 -26.95
N ASP A 69 47.43 115.06 -26.17
CA ASP A 69 47.89 114.70 -24.83
C ASP A 69 47.37 113.32 -24.51
N SER A 70 48.17 112.30 -24.81
CA SER A 70 47.82 110.95 -24.38
C SER A 70 48.16 110.73 -22.91
N TYR A 71 49.39 111.03 -22.51
CA TYR A 71 49.81 110.94 -21.12
C TYR A 71 49.62 112.24 -20.36
N MET A 72 49.86 113.38 -21.02
CA MET A 72 49.67 114.73 -20.45
C MET A 72 50.41 114.96 -19.13
N ALA A 75 47.55 114.79 -16.89
CA ALA A 75 46.21 115.23 -16.50
C ALA A 75 45.94 116.62 -17.00
N SER A 76 46.70 117.03 -18.02
CA SER A 76 46.57 118.38 -18.54
C SER A 76 45.28 118.54 -19.34
N VAL A 77 45.13 117.75 -20.40
CA VAL A 77 44.05 117.96 -21.36
C VAL A 77 43.09 116.78 -21.30
N GLN A 78 43.60 115.62 -20.88
CA GLN A 78 42.79 114.39 -20.86
C GLN A 78 41.62 114.52 -19.90
N GLN A 79 41.82 115.25 -18.80
CA GLN A 79 40.76 115.43 -17.81
C GLN A 79 39.60 116.24 -18.37
N VAL A 80 39.89 117.45 -18.85
CA VAL A 80 38.82 118.29 -19.37
C VAL A 80 38.28 117.75 -20.69
N GLY A 81 39.08 116.98 -21.42
CA GLY A 81 38.57 116.37 -22.64
C GLY A 81 37.57 115.26 -22.37
N TRP A 82 37.93 114.34 -21.47
CA TRP A 82 37.00 113.29 -21.12
C TRP A 82 35.90 113.79 -20.20
N SER A 83 35.96 115.05 -19.76
CA SER A 83 34.79 115.67 -19.14
C SER A 83 33.87 116.30 -20.18
N LEU A 84 34.44 116.91 -21.22
CA LEU A 84 33.62 117.47 -22.30
C LEU A 84 32.85 116.39 -23.01
N LEU A 85 33.47 115.23 -23.22
CA LEU A 85 32.78 114.15 -23.93
C LEU A 85 31.55 113.68 -23.17
N CYS A 86 31.66 113.57 -21.84
CA CYS A 86 30.51 113.13 -21.06
C CYS A 86 29.45 114.24 -20.97
N LYS A 87 29.88 115.50 -20.91
CA LYS A 87 28.90 116.58 -20.91
C LYS A 87 28.24 116.74 -22.28
N LEU A 88 28.88 116.26 -23.34
CA LEU A 88 28.30 116.34 -24.67
C LEU A 88 27.30 115.22 -24.92
N ILE A 89 27.64 113.99 -24.50
CA ILE A 89 26.81 112.81 -24.75
C ILE A 89 25.40 112.98 -24.19
N GLU A 90 25.27 113.73 -23.09
CA GLU A 90 23.95 113.99 -22.52
C GLU A 90 23.11 114.93 -23.38
N VAL A 91 23.65 116.11 -23.68
CA VAL A 91 22.86 117.15 -24.36
C VAL A 91 22.69 116.80 -25.84
N CYS A 92 23.79 116.79 -26.59
CA CYS A 92 23.73 116.39 -27.98
C CYS A 92 23.53 114.89 -28.09
N PRO A 93 22.40 114.43 -28.61
CA PRO A 93 22.14 112.98 -28.61
C PRO A 93 22.82 112.23 -29.74
N GLY A 94 23.02 112.88 -30.90
CA GLY A 94 23.50 112.17 -32.07
C GLY A 94 24.90 111.60 -31.91
N THR A 95 25.68 112.14 -30.96
CA THR A 95 27.00 111.61 -30.66
C THR A 95 26.92 110.17 -30.19
N MET A 96 25.81 109.78 -29.54
CA MET A 96 25.66 108.40 -29.12
C MET A 96 25.56 107.45 -30.31
N GLN A 97 25.15 107.96 -31.47
CA GLN A 97 25.17 107.16 -32.68
C GLN A 97 26.51 107.21 -33.39
N SER A 98 27.34 108.23 -33.13
CA SER A 98 28.57 108.40 -33.88
C SER A 98 29.80 107.88 -33.15
N LEU A 99 29.67 107.57 -31.86
CA LEU A 99 30.83 107.10 -31.10
C LEU A 99 31.25 105.69 -31.52
N MET A 100 30.32 104.91 -32.07
CA MET A 100 30.62 103.59 -32.58
C MET A 100 29.54 103.19 -33.57
N GLY A 101 29.91 102.33 -34.52
CA GLY A 101 28.98 101.87 -35.54
C GLY A 101 29.63 101.64 -36.89
N GLY A 113 38.88 104.99 -32.33
CA GLY A 113 37.51 105.13 -31.87
C GLY A 113 37.42 105.57 -30.42
N VAL A 114 36.19 105.64 -29.90
CA VAL A 114 35.99 106.06 -28.51
C VAL A 114 36.20 104.90 -27.54
N HIS A 115 36.29 103.67 -28.03
CA HIS A 115 36.41 102.53 -27.13
C HIS A 115 37.84 102.06 -27.00
N GLN A 116 38.63 102.13 -28.07
CA GLN A 116 40.06 101.90 -27.93
C GLN A 116 40.73 103.02 -27.14
N LEU A 117 40.11 104.20 -27.09
CA LEU A 117 40.71 105.34 -26.40
C LEU A 117 40.54 105.26 -24.89
N ILE A 118 39.37 104.81 -24.41
CA ILE A 118 39.07 104.95 -22.99
C ILE A 118 39.83 103.94 -22.16
N LEU A 119 40.20 102.80 -22.75
CA LEU A 119 40.99 101.83 -22.00
C LEU A 119 42.40 102.33 -21.78
N LYS A 120 42.99 102.97 -22.79
CA LYS A 120 44.29 103.62 -22.61
C LYS A 120 44.18 104.79 -21.64
N MET A 121 43.05 105.52 -21.68
CA MET A 121 42.88 106.65 -20.78
C MET A 121 42.72 106.21 -19.33
N LEU A 122 42.21 105.00 -19.10
CA LEU A 122 42.21 104.47 -17.73
C LEU A 122 43.55 103.84 -17.37
N THR A 123 44.24 103.27 -18.37
CA THR A 123 45.50 102.59 -18.10
C THR A 123 46.59 103.57 -17.70
N VAL A 124 46.79 104.62 -18.51
CA VAL A 124 47.88 105.57 -18.26
C VAL A 124 47.61 106.34 -16.97
N HIS A 125 46.39 106.84 -16.80
CA HIS A 125 46.02 107.60 -15.61
C HIS A 125 45.48 106.68 -14.52
N ASN A 126 46.34 105.75 -14.12
CA ASN A 126 45.98 104.76 -13.11
C ASN A 126 46.11 105.29 -11.68
N ALA A 127 46.45 106.55 -11.50
CA ALA A 127 46.82 107.07 -10.18
C ALA A 127 46.23 108.43 -9.92
N SER A 128 44.94 108.61 -10.22
CA SER A 128 44.26 109.85 -9.87
C SER A 128 42.81 109.56 -9.51
N VAL A 129 42.45 109.85 -8.25
CA VAL A 129 41.09 109.66 -7.75
C VAL A 129 40.17 110.75 -8.28
N ASN A 130 40.72 111.71 -9.01
CA ASN A 130 39.94 112.74 -9.65
C ASN A 130 40.03 112.72 -11.18
N LEU A 131 40.86 111.86 -11.76
CA LEU A 131 40.85 111.63 -13.20
C LEU A 131 40.42 110.22 -13.57
N SER A 132 40.06 109.40 -12.59
CA SER A 132 39.43 108.12 -12.84
C SER A 132 37.93 108.13 -12.61
N VAL A 133 37.45 109.04 -11.76
CA VAL A 133 36.02 109.23 -11.59
C VAL A 133 35.37 109.65 -12.90
N ILE A 134 36.05 110.49 -13.70
CA ILE A 134 35.46 110.95 -14.95
C ILE A 134 35.56 109.88 -16.03
N GLY A 135 36.63 109.07 -16.00
CA GLY A 135 36.71 107.95 -16.91
C GLY A 135 35.61 106.93 -16.65
N LEU A 136 35.40 106.58 -15.38
CA LEU A 136 34.32 105.66 -15.06
C LEU A 136 32.96 106.29 -15.26
N LYS A 137 32.87 107.63 -15.22
CA LYS A 137 31.58 108.27 -15.50
C LYS A 137 31.25 108.22 -16.98
N THR A 138 32.26 108.46 -17.85
CA THR A 138 32.05 108.23 -19.27
C THR A 138 31.78 106.77 -19.56
N LEU A 139 32.34 105.86 -18.77
CA LEU A 139 32.06 104.45 -18.97
C LEU A 139 30.63 104.11 -18.60
N ASP A 140 30.14 104.63 -17.47
CA ASP A 140 28.78 104.34 -17.03
C ASP A 140 27.74 105.11 -17.82
N LEU A 141 28.14 106.16 -18.53
CA LEU A 141 27.25 106.84 -19.47
C LEU A 141 27.35 106.27 -20.88
N LEU A 142 28.42 105.53 -21.17
CA LEU A 142 28.70 105.01 -22.50
C LEU A 142 28.20 103.58 -22.68
N LEU A 143 28.27 102.75 -21.64
CA LEU A 143 27.88 101.36 -21.77
C LEU A 143 26.37 101.16 -21.87
N THR A 144 25.58 102.23 -21.68
CA THR A 144 24.13 102.11 -21.77
C THR A 144 23.64 101.91 -23.20
N SER A 145 24.51 102.11 -24.18
CA SER A 145 24.09 102.00 -25.57
C SER A 145 23.94 100.54 -25.99
N GLY A 146 24.96 99.73 -25.73
CA GLY A 146 25.13 98.48 -26.43
C GLY A 146 25.90 98.69 -27.72
N LYS A 147 26.47 97.59 -28.22
CA LYS A 147 27.32 97.53 -29.41
C LYS A 147 28.61 98.33 -29.28
N ILE A 148 28.82 98.96 -28.12
CA ILE A 148 30.13 99.42 -27.71
C ILE A 148 30.69 98.58 -26.58
N THR A 149 29.82 97.98 -25.76
CA THR A 149 30.25 97.01 -24.77
C THR A 149 30.96 95.84 -25.43
N LEU A 150 30.42 95.39 -26.56
CA LEU A 150 31.03 94.28 -27.30
C LEU A 150 32.42 94.65 -27.80
N LEU A 151 32.57 95.87 -28.33
CA LEU A 151 33.86 96.28 -28.86
C LEU A 151 34.85 96.59 -27.76
N ILE A 152 34.39 96.98 -26.57
CA ILE A 152 35.30 97.14 -25.45
C ILE A 152 35.79 95.77 -24.96
N LEU A 153 34.86 94.81 -24.88
CA LEU A 153 35.21 93.48 -24.36
C LEU A 153 36.23 92.77 -25.27
N ASP A 154 36.04 92.87 -26.57
CA ASP A 154 37.00 92.30 -27.53
C ASP A 154 38.12 93.30 -27.73
N GLU A 155 39.15 93.21 -26.91
CA GLU A 155 40.32 94.09 -26.96
C GLU A 155 41.43 93.44 -26.15
N GLU A 156 42.58 94.11 -26.10
CA GLU A 156 43.71 93.65 -25.32
C GLU A 156 43.72 94.20 -23.91
N SER A 157 42.76 95.04 -23.55
CA SER A 157 42.81 95.73 -22.27
C SER A 157 42.34 94.84 -21.12
N ASP A 158 41.30 94.04 -21.36
CA ASP A 158 40.61 93.27 -20.32
C ASP A 158 40.11 94.21 -19.22
N ILE A 159 39.11 95.02 -19.61
CA ILE A 159 38.58 96.14 -18.84
C ILE A 159 38.27 95.79 -17.38
N PHE A 160 37.96 94.52 -17.10
CA PHE A 160 37.70 94.10 -15.72
C PHE A 160 38.92 94.30 -14.84
N MET A 161 40.12 94.06 -15.39
CA MET A 161 41.33 94.33 -14.64
C MET A 161 41.46 95.80 -14.29
N LEU A 162 41.07 96.68 -15.23
CA LEU A 162 41.20 98.12 -14.99
C LEU A 162 40.21 98.60 -13.93
N ILE A 163 38.95 98.19 -14.04
CA ILE A 163 37.96 98.64 -13.07
C ILE A 163 38.24 98.03 -11.71
N PHE A 164 38.71 96.77 -11.66
CA PHE A 164 39.01 96.16 -10.39
C PHE A 164 40.25 96.77 -9.75
N ASP A 165 41.22 97.20 -10.57
CA ASP A 165 42.37 97.91 -10.01
C ASP A 165 41.97 99.28 -9.47
N ALA A 166 41.05 99.96 -10.17
CA ALA A 166 40.59 101.25 -9.69
C ALA A 166 39.76 101.12 -8.42
N MET A 167 39.07 99.99 -8.28
CA MET A 167 38.32 99.76 -7.04
C MET A 167 39.25 99.37 -5.91
N HIS A 168 40.29 98.58 -6.21
CA HIS A 168 41.24 98.13 -5.20
C HIS A 168 42.05 99.29 -4.65
N SER A 169 42.52 100.17 -5.54
CA SER A 169 43.40 101.25 -5.11
C SER A 169 42.67 102.32 -4.31
N PHE A 170 41.36 102.47 -4.49
CA PHE A 170 40.60 103.57 -3.90
C PHE A 170 39.47 103.08 -3.03
N PRO A 171 39.75 102.72 -1.77
CA PRO A 171 38.68 102.66 -0.78
C PRO A 171 38.27 104.05 -0.36
N ALA A 172 37.11 104.13 0.29
CA ALA A 172 36.53 105.31 0.93
C ALA A 172 36.15 106.41 -0.05
N ASN A 173 36.41 106.23 -1.36
CA ASN A 173 35.92 107.23 -2.36
C ASN A 173 34.56 106.76 -2.80
N ASP A 174 33.51 107.51 -2.54
CA ASP A 174 32.15 106.99 -2.81
C ASP A 174 31.81 106.84 -4.29
N GLU A 175 32.59 107.40 -5.20
CA GLU A 175 32.19 107.37 -6.63
C GLU A 175 33.00 106.39 -7.46
N VAL A 176 34.21 106.03 -7.08
CA VAL A 176 34.89 104.95 -7.83
C VAL A 176 34.14 103.72 -7.39
N GLN A 177 33.70 103.61 -6.13
CA GLN A 177 33.07 102.34 -5.72
C GLN A 177 31.77 102.25 -6.47
N LYS A 178 31.02 103.34 -6.54
CA LYS A 178 29.84 103.35 -7.45
C LYS A 178 30.39 103.88 -8.79
N LEU A 179 29.65 104.02 -9.90
CA LEU A 179 30.16 104.44 -11.26
C LEU A 179 31.11 103.35 -11.61
N GLY A 180 31.26 102.37 -10.74
CA GLY A 180 32.04 101.17 -10.90
C GLY A 180 30.98 100.38 -10.26
N CYS A 181 30.95 99.10 -10.36
CA CYS A 181 29.79 98.34 -9.85
C CYS A 181 28.64 98.64 -10.79
N LYS A 182 28.28 99.89 -11.02
CA LYS A 182 27.22 100.10 -12.02
C LYS A 182 27.85 99.88 -13.37
N ALA A 183 29.17 99.83 -13.46
CA ALA A 183 29.70 99.60 -14.82
C ALA A 183 30.02 98.13 -14.96
N LEU A 184 29.95 97.38 -13.89
CA LEU A 184 30.08 95.94 -13.90
C LEU A 184 28.73 95.24 -14.02
N HIS A 185 27.73 95.76 -13.32
CA HIS A 185 26.35 95.33 -13.44
C HIS A 185 25.86 95.22 -14.88
N VAL A 186 26.37 96.08 -15.76
CA VAL A 186 25.99 96.02 -17.16
C VAL A 186 27.03 95.29 -18.00
N LEU A 187 28.16 94.93 -17.40
CA LEU A 187 29.22 94.24 -18.13
C LEU A 187 29.32 92.76 -17.79
N PHE A 188 28.79 92.35 -16.63
CA PHE A 188 28.78 90.93 -16.29
C PHE A 188 27.67 90.18 -16.99
N GLU A 189 26.62 90.87 -17.46
CA GLU A 189 25.51 90.17 -18.08
C GLU A 189 25.91 89.55 -19.41
N ARG A 190 26.90 90.14 -20.09
CA ARG A 190 27.40 89.60 -21.35
C ARG A 190 28.93 89.53 -21.26
N VAL A 191 29.44 88.47 -20.65
CA VAL A 191 30.88 88.24 -20.64
C VAL A 191 31.15 86.85 -21.21
N SER A 192 30.74 85.84 -20.46
CA SER A 192 30.96 84.44 -20.80
C SER A 192 30.21 83.54 -19.85
N GLU A 193 30.42 82.23 -19.96
CA GLU A 193 30.07 81.31 -18.91
C GLU A 193 31.30 80.66 -18.31
N GLU A 194 32.50 81.06 -18.73
CA GLU A 194 33.75 80.56 -18.19
C GLU A 194 34.62 81.64 -17.57
N GLN A 195 34.60 82.85 -18.15
CA GLN A 195 35.24 83.97 -17.49
C GLN A 195 34.54 84.32 -16.19
N LEU A 196 33.22 84.13 -16.14
CA LEU A 196 32.47 84.31 -14.90
C LEU A 196 32.93 83.32 -13.84
N THR A 197 33.12 82.06 -14.23
CA THR A 197 33.61 81.06 -13.29
C THR A 197 35.05 81.33 -12.90
N GLU A 198 35.81 81.98 -13.79
CA GLU A 198 37.17 82.38 -13.45
C GLU A 198 37.16 83.49 -12.41
N PHE A 199 36.24 84.44 -12.51
CA PHE A 199 36.33 85.63 -11.63
C PHE A 199 35.96 85.18 -10.24
N VAL A 200 35.60 83.93 -10.07
CA VAL A 200 35.39 83.51 -8.66
C VAL A 200 36.71 82.99 -8.15
N GLU A 201 37.77 83.26 -8.92
CA GLU A 201 39.15 82.91 -8.51
C GLU A 201 39.62 83.99 -7.54
N ASN A 202 39.01 84.11 -6.37
CA ASN A 202 39.46 85.05 -5.32
C ASN A 202 39.63 86.44 -5.86
N LYS A 203 38.72 86.88 -6.71
CA LYS A 203 38.76 88.27 -7.17
C LYS A 203 37.43 88.89 -6.92
N ASP A 204 36.51 88.55 -7.79
CA ASP A 204 35.23 89.23 -7.68
C ASP A 204 34.90 89.26 -6.25
N TYR A 205 34.99 88.11 -5.71
CA TYR A 205 34.52 88.04 -4.35
C TYR A 205 35.15 89.16 -3.51
N MET A 206 36.48 89.38 -3.51
CA MET A 206 36.89 90.42 -2.57
C MET A 206 36.47 91.81 -2.97
N ILE A 207 36.69 92.22 -4.21
CA ILE A 207 36.37 93.66 -4.38
C ILE A 207 34.87 93.90 -4.23
N LEU A 208 34.05 93.07 -4.86
CA LEU A 208 32.60 93.39 -4.85
C LEU A 208 32.09 93.29 -3.42
N LEU A 209 32.49 92.27 -2.69
CA LEU A 209 31.90 92.05 -1.35
C LEU A 209 32.36 93.15 -0.43
N SER A 210 33.60 93.54 -0.58
CA SER A 210 34.07 94.51 0.41
C SER A 210 33.31 95.80 0.21
N ALA A 211 33.09 96.19 -1.04
CA ALA A 211 32.40 97.48 -1.13
C ALA A 211 31.16 97.31 -0.30
N LEU A 212 30.54 96.16 -0.39
CA LEU A 212 29.33 96.12 0.46
C LEU A 212 29.62 96.53 1.89
N THR A 213 30.78 96.25 2.50
CA THR A 213 31.07 96.51 3.92
C THR A 213 31.31 98.00 4.14
N ASN A 214 32.03 98.67 3.26
CA ASN A 214 32.36 100.08 3.56
C ASN A 214 31.14 100.97 3.35
N PHE A 215 30.26 100.63 2.42
CA PHE A 215 29.16 101.54 2.13
C PHE A 215 27.83 100.84 2.34
N LYS A 216 27.68 100.17 3.47
CA LYS A 216 26.51 99.35 3.72
C LYS A 216 25.23 100.16 3.90
N ASP A 217 25.33 101.49 3.97
CA ASP A 217 24.15 102.33 4.18
C ASP A 217 23.74 103.10 2.93
N GLU A 218 24.59 103.18 1.91
CA GLU A 218 24.25 103.83 0.66
C GLU A 218 23.49 102.83 -0.20
N GLU A 219 22.45 103.29 -0.88
CA GLU A 219 21.54 102.36 -1.54
C GLU A 219 22.14 101.79 -2.82
N GLU A 220 22.53 102.67 -3.75
CA GLU A 220 22.83 102.25 -5.11
C GLU A 220 24.05 101.31 -5.16
N ILE A 221 25.00 101.50 -4.26
CA ILE A 221 26.14 100.61 -4.17
C ILE A 221 25.69 99.21 -3.78
N VAL A 222 24.80 99.11 -2.78
CA VAL A 222 24.35 97.80 -2.32
C VAL A 222 23.48 97.14 -3.38
N LEU A 223 22.65 97.91 -4.07
CA LEU A 223 21.79 97.34 -5.11
C LEU A 223 22.63 96.80 -6.27
N HIS A 224 23.66 97.54 -6.67
CA HIS A 224 24.50 97.07 -7.77
C HIS A 224 25.39 95.91 -7.34
N VAL A 225 25.81 95.86 -6.07
CA VAL A 225 26.59 94.72 -5.61
C VAL A 225 25.73 93.47 -5.56
N LEU A 226 24.48 93.61 -5.12
CA LEU A 226 23.56 92.46 -5.14
C LEU A 226 23.30 92.00 -6.57
N HIS A 227 23.21 92.94 -7.51
CA HIS A 227 23.07 92.60 -8.92
C HIS A 227 24.27 91.82 -9.42
N CYS A 228 25.48 92.31 -9.11
CA CYS A 228 26.70 91.68 -9.61
C CYS A 228 26.89 90.29 -9.03
N LEU A 229 26.57 90.10 -7.74
CA LEU A 229 26.62 88.77 -7.15
C LEU A 229 25.56 87.87 -7.76
N HIS A 230 24.39 88.43 -8.06
CA HIS A 230 23.38 87.68 -8.78
C HIS A 230 23.84 87.27 -10.16
N SER A 231 24.75 88.04 -10.77
CA SER A 231 25.13 87.76 -12.15
C SER A 231 26.32 86.82 -12.27
N LEU A 232 26.93 86.39 -11.16
CA LEU A 232 27.95 85.34 -11.21
C LEU A 232 27.61 84.18 -10.30
N ALA A 233 26.34 84.04 -9.91
CA ALA A 233 25.82 82.82 -9.34
C ALA A 233 25.13 81.94 -10.38
N ILE A 234 25.47 82.14 -11.65
CA ILE A 234 24.89 81.37 -12.74
C ILE A 234 25.51 79.99 -12.89
N PRO A 235 26.87 79.79 -12.83
CA PRO A 235 27.39 78.42 -12.93
C PRO A 235 27.03 77.52 -11.75
N CYS A 236 27.48 76.27 -11.78
CA CYS A 236 27.20 75.34 -10.70
C CYS A 236 28.41 75.09 -9.82
N ASN A 237 29.61 75.30 -10.34
CA ASN A 237 30.82 75.36 -9.53
C ASN A 237 31.04 76.72 -8.89
N ASN A 238 30.01 77.57 -8.87
CA ASN A 238 30.05 78.88 -8.24
C ASN A 238 29.04 79.07 -7.14
N VAL A 239 27.92 78.35 -7.18
CA VAL A 239 26.96 78.39 -6.08
C VAL A 239 27.56 77.76 -4.84
N GLU A 240 28.47 76.81 -5.03
CA GLU A 240 29.22 76.25 -3.90
C GLU A 240 30.05 77.32 -3.20
N VAL A 241 30.81 78.10 -3.98
CA VAL A 241 31.73 79.06 -3.38
C VAL A 241 30.98 80.24 -2.79
N LEU A 242 29.79 80.53 -3.30
CA LEU A 242 29.02 81.64 -2.76
C LEU A 242 28.26 81.23 -1.51
N MET A 243 27.68 80.04 -1.50
CA MET A 243 27.00 79.59 -0.29
C MET A 243 27.97 79.07 0.77
N SER A 244 29.26 79.06 0.49
CA SER A 244 30.26 78.54 1.40
C SER A 244 30.42 79.44 2.63
N GLY A 245 31.30 79.03 3.53
CA GLY A 245 31.57 79.76 4.74
C GLY A 245 32.74 80.71 4.69
N ASN A 246 33.35 80.89 3.54
CA ASN A 246 34.46 81.83 3.39
C ASN A 246 34.04 83.16 2.79
N VAL A 247 33.12 83.15 1.83
CA VAL A 247 32.37 84.34 1.44
C VAL A 247 30.89 83.96 1.49
N ARG A 248 30.27 84.19 2.64
CA ARG A 248 28.95 83.65 2.92
C ARG A 248 27.90 84.59 2.34
N CYS A 249 27.15 84.11 1.35
CA CYS A 249 26.06 84.90 0.79
C CYS A 249 24.82 84.84 1.68
N TYR A 250 25.00 85.35 2.90
CA TYR A 250 23.90 85.83 3.73
C TYR A 250 24.04 87.33 3.96
N ASN A 251 24.80 88.00 3.11
CA ASN A 251 24.71 89.45 2.95
C ASN A 251 23.41 89.85 2.28
N ILE A 252 22.74 88.89 1.62
CA ILE A 252 21.42 89.12 1.06
C ILE A 252 20.42 89.46 2.15
N VAL A 253 20.54 88.79 3.29
CA VAL A 253 19.58 88.97 4.38
C VAL A 253 19.77 90.33 5.04
N VAL A 254 21.02 90.69 5.34
CA VAL A 254 21.29 91.98 5.96
C VAL A 254 20.91 93.11 5.02
N GLU A 255 21.11 92.92 3.72
CA GLU A 255 20.71 93.92 2.74
C GLU A 255 19.19 94.06 2.68
N ALA A 256 18.48 92.94 2.74
CA ALA A 256 17.02 93.01 2.71
C ALA A 256 16.43 93.46 4.03
N MET A 257 17.22 93.44 5.11
CA MET A 257 16.71 93.80 6.43
C MET A 257 17.02 95.23 6.83
N LYS A 258 18.19 95.75 6.51
CA LYS A 258 18.62 97.05 7.03
C LYS A 258 18.69 98.13 5.97
N ALA A 259 19.47 97.92 4.91
CA ALA A 259 19.74 98.99 3.95
C ALA A 259 18.59 99.23 2.99
N PHE A 260 17.56 98.39 3.01
CA PHE A 260 16.40 98.56 2.15
C PHE A 260 15.18 97.78 2.62
N PRO A 261 14.52 98.15 3.72
CA PRO A 261 13.28 97.46 4.08
C PRO A 261 12.09 97.85 3.23
N MET A 262 12.13 99.00 2.56
CA MET A 262 10.94 99.53 1.89
C MET A 262 11.28 100.12 0.52
N SER A 263 12.10 99.42 -0.26
CA SER A 263 12.43 99.85 -1.62
C SER A 263 12.46 98.63 -2.52
N GLU A 264 11.62 98.62 -3.56
CA GLU A 264 11.34 97.39 -4.29
C GLU A 264 12.53 96.90 -5.11
N ARG A 265 13.50 97.77 -5.40
CA ARG A 265 14.61 97.39 -6.25
C ARG A 265 15.51 96.38 -5.54
N ILE A 266 15.99 96.74 -4.35
CA ILE A 266 16.88 95.86 -3.60
C ILE A 266 16.14 94.62 -3.16
N GLN A 267 14.85 94.74 -2.85
CA GLN A 267 14.07 93.57 -2.47
C GLN A 267 13.97 92.58 -3.62
N GLU A 268 13.65 93.07 -4.82
CA GLU A 268 13.52 92.19 -5.98
C GLU A 268 14.84 91.54 -6.34
N VAL A 269 15.93 92.30 -6.30
CA VAL A 269 17.24 91.76 -6.70
C VAL A 269 17.74 90.75 -5.67
N SER A 270 17.67 91.12 -4.40
CA SER A 270 18.01 90.21 -3.30
C SER A 270 17.23 88.92 -3.37
N CYS A 271 15.94 89.01 -3.67
CA CYS A 271 15.13 87.81 -3.64
C CYS A 271 15.35 86.93 -4.87
N CYS A 272 15.59 87.54 -6.04
CA CYS A 272 15.95 86.73 -7.20
C CYS A 272 17.29 86.04 -7.00
N LEU A 273 18.24 86.71 -6.34
CA LEU A 273 19.50 86.06 -5.97
C LEU A 273 19.26 84.88 -5.04
N LEU A 274 18.38 85.07 -4.04
CA LEU A 274 18.11 83.98 -3.11
C LEU A 274 17.39 82.83 -3.79
N HIS A 275 16.62 83.10 -4.84
CA HIS A 275 16.05 82.01 -5.62
C HIS A 275 17.14 81.27 -6.39
N ARG A 276 18.10 82.01 -6.92
CA ARG A 276 19.18 81.39 -7.67
C ARG A 276 20.10 80.57 -6.79
N LEU A 277 20.22 80.91 -5.51
CA LEU A 277 21.17 80.20 -4.65
C LEU A 277 20.67 78.84 -4.21
N THR A 278 19.36 78.60 -4.18
CA THR A 278 18.86 77.35 -3.64
C THR A 278 19.12 76.18 -4.58
N LEU A 279 20.38 75.73 -4.62
CA LEU A 279 20.74 74.46 -5.21
C LEU A 279 20.55 73.37 -4.14
N GLY A 280 21.14 72.21 -4.34
CA GLY A 280 20.97 71.05 -3.46
C GLY A 280 21.31 71.20 -1.98
N ASN A 281 21.73 72.39 -1.54
CA ASN A 281 22.01 72.65 -0.13
C ASN A 281 20.89 73.55 0.43
N PHE A 282 19.81 72.93 0.89
CA PHE A 282 18.74 73.70 1.50
C PHE A 282 19.01 73.96 2.98
N PHE A 283 19.56 72.98 3.69
CA PHE A 283 19.64 73.03 5.15
C PHE A 283 20.67 74.01 5.69
N ASN A 284 21.31 74.81 4.82
CA ASN A 284 22.01 75.98 5.31
C ASN A 284 21.09 77.18 5.36
N ILE A 285 20.26 77.33 4.33
CA ILE A 285 19.36 78.47 4.23
C ILE A 285 18.28 78.39 5.31
N LEU A 286 17.51 77.29 5.32
CA LEU A 286 16.33 77.21 6.18
C LEU A 286 16.70 77.14 7.65
N VAL A 287 17.88 76.59 7.96
CA VAL A 287 18.31 76.52 9.36
C VAL A 287 18.70 77.90 9.86
N LEU A 288 19.41 78.66 9.04
CA LEU A 288 19.66 80.08 9.31
C LEU A 288 18.35 80.82 9.06
N ASN A 289 17.49 80.83 10.09
CA ASN A 289 16.08 81.17 10.00
C ASN A 289 15.77 82.46 9.27
N GLU A 290 16.72 83.38 9.24
CA GLU A 290 16.50 84.67 8.62
C GLU A 290 16.58 84.63 7.10
N VAL A 291 16.62 83.44 6.49
CA VAL A 291 16.62 83.35 5.03
C VAL A 291 15.36 82.66 4.52
N HIS A 292 14.41 82.36 5.39
CA HIS A 292 13.06 82.03 4.99
C HIS A 292 12.00 82.83 5.72
N GLU A 293 12.39 83.60 6.73
CA GLU A 293 11.47 84.50 7.40
C GLU A 293 11.40 85.85 6.71
N PHE A 294 12.39 86.16 5.89
CA PHE A 294 12.46 87.46 5.23
C PHE A 294 11.88 87.43 3.82
N VAL A 295 12.05 86.30 3.13
CA VAL A 295 11.49 86.15 1.79
C VAL A 295 9.98 86.24 1.84
N VAL A 296 9.37 85.71 2.91
CA VAL A 296 7.92 85.75 3.06
C VAL A 296 7.44 87.19 3.23
N LYS A 297 8.17 87.99 4.01
CA LYS A 297 7.83 89.40 4.16
C LYS A 297 8.00 90.13 2.84
N ALA A 298 8.99 89.74 2.05
CA ALA A 298 9.18 90.33 0.74
C ALA A 298 8.03 90.00 -0.20
N VAL A 299 7.43 88.82 -0.06
CA VAL A 299 6.25 88.50 -0.85
C VAL A 299 5.07 89.35 -0.40
N GLN A 300 4.76 89.29 0.90
CA GLN A 300 3.51 89.85 1.40
C GLN A 300 3.50 91.37 1.30
N GLN A 301 4.68 92.00 1.36
CA GLN A 301 4.71 93.46 1.32
C GLN A 301 4.54 93.99 -0.10
N TYR A 302 5.00 93.27 -1.11
CA TYR A 302 5.02 93.74 -2.50
C TYR A 302 4.29 92.74 -3.40
N PRO A 303 2.96 92.75 -3.41
CA PRO A 303 2.23 91.80 -4.25
C PRO A 303 2.04 92.26 -5.68
N GLU A 304 2.77 93.27 -6.13
CA GLU A 304 2.51 93.85 -7.45
C GLU A 304 3.76 93.97 -8.34
N ASN A 305 4.84 93.27 -8.03
CA ASN A 305 6.04 93.26 -8.86
C ASN A 305 6.30 91.82 -9.27
N ALA A 306 5.83 91.44 -10.46
CA ALA A 306 5.75 90.04 -10.88
C ALA A 306 7.08 89.30 -10.84
N ALA A 307 8.20 90.01 -10.98
CA ALA A 307 9.50 89.36 -10.86
C ALA A 307 9.75 88.90 -9.43
N LEU A 308 9.29 89.69 -8.46
CA LEU A 308 9.39 89.28 -7.07
C LEU A 308 8.59 88.02 -6.78
N GLN A 309 7.42 87.90 -7.40
CA GLN A 309 6.61 86.71 -7.21
C GLN A 309 7.27 85.48 -7.84
N ILE A 310 7.68 85.60 -9.11
CA ILE A 310 8.25 84.43 -9.79
C ILE A 310 9.59 84.04 -9.19
N SER A 311 10.24 84.92 -8.46
CA SER A 311 11.40 84.48 -7.70
C SER A 311 11.01 83.83 -6.38
N ALA A 312 10.23 84.55 -5.58
CA ALA A 312 10.06 84.18 -4.18
C ALA A 312 9.16 82.97 -4.01
N LEU A 313 8.08 82.88 -4.79
CA LEU A 313 7.19 81.74 -4.64
C LEU A 313 7.87 80.47 -5.10
N SER A 314 8.74 80.56 -6.11
CA SER A 314 9.53 79.39 -6.52
C SER A 314 10.54 79.02 -5.46
N CYS A 315 11.19 80.02 -4.85
CA CYS A 315 12.17 79.76 -3.80
C CYS A 315 11.53 79.09 -2.59
N LEU A 316 10.34 79.55 -2.21
CA LEU A 316 9.67 78.97 -1.07
C LEU A 316 8.97 77.66 -1.41
N ALA A 317 8.64 77.42 -2.68
CA ALA A 317 8.16 76.11 -3.06
C ALA A 317 9.28 75.10 -3.03
N LEU A 318 10.51 75.56 -3.25
CA LEU A 318 11.64 74.66 -3.08
C LEU A 318 11.91 74.38 -1.61
N LEU A 319 11.96 75.43 -0.79
CA LEU A 319 12.43 75.34 0.58
C LEU A 319 11.37 74.88 1.58
N THR A 320 10.19 74.45 1.13
CA THR A 320 9.10 74.30 2.09
C THR A 320 9.21 73.00 2.88
N GLU A 321 9.78 71.96 2.28
CA GLU A 321 10.01 70.71 3.01
C GLU A 321 10.93 70.94 4.20
N THR A 322 12.00 71.71 3.98
CA THR A 322 12.93 71.99 5.06
C THR A 322 12.35 73.01 6.04
N ILE A 323 11.55 73.96 5.56
CA ILE A 323 11.02 74.94 6.50
C ILE A 323 9.86 74.39 7.31
N PHE A 324 9.30 73.24 6.93
CA PHE A 324 8.27 72.60 7.73
C PHE A 324 8.72 71.30 8.37
N LEU A 325 9.91 70.82 8.08
CA LEU A 325 10.48 69.71 8.82
C LEU A 325 11.05 70.16 10.16
N ASN A 326 11.30 71.46 10.32
CA ASN A 326 11.91 71.98 11.53
C ASN A 326 10.94 72.88 12.29
N GLU A 344 0.12 81.08 12.06
CA GLU A 344 1.42 80.62 12.52
C GLU A 344 2.45 80.69 11.39
N ASP A 345 3.43 79.78 11.41
CA ASP A 345 4.36 79.69 10.30
C ASP A 345 3.71 79.04 9.08
N LYS A 346 2.64 78.29 9.30
CA LYS A 346 1.85 77.74 8.20
C LYS A 346 1.21 78.86 7.38
N LEU A 347 0.49 79.77 8.06
CA LEU A 347 -0.35 80.79 7.43
C LEU A 347 0.43 81.78 6.58
N PHE A 348 1.74 81.65 6.49
CA PHE A 348 2.57 82.65 5.81
C PHE A 348 2.25 82.75 4.34
N TRP A 349 2.43 81.66 3.60
CA TRP A 349 2.40 81.72 2.15
C TRP A 349 1.01 81.90 1.55
N LEU A 350 -0.03 81.30 2.15
CA LEU A 350 -1.23 80.99 1.40
C LEU A 350 -2.00 82.23 0.97
N GLU A 351 -2.07 83.25 1.83
CA GLU A 351 -2.71 84.51 1.43
C GLU A 351 -1.97 85.15 0.28
N ALA A 352 -0.64 85.09 0.31
CA ALA A 352 0.17 85.66 -0.76
C ALA A 352 0.03 84.88 -2.05
N CYS A 353 -0.06 83.55 -1.96
CA CYS A 353 -0.23 82.74 -3.16
C CYS A 353 -1.60 82.96 -3.79
N TYR A 354 -2.64 83.16 -2.97
CA TYR A 354 -3.94 83.46 -3.53
C TYR A 354 -3.95 84.84 -4.18
N LYS A 355 -3.28 85.82 -3.55
CA LYS A 355 -3.17 87.13 -4.16
C LYS A 355 -2.36 87.10 -5.45
N ALA A 356 -1.40 86.18 -5.55
CA ALA A 356 -0.61 86.06 -6.76
C ALA A 356 -1.39 85.37 -7.87
N LEU A 357 -2.21 84.38 -7.51
CA LEU A 357 -3.08 83.75 -8.50
C LEU A 357 -4.09 84.74 -9.06
N THR A 358 -4.70 85.55 -8.18
CA THR A 358 -5.79 86.42 -8.60
C THR A 358 -5.31 87.53 -9.51
N TRP A 359 -4.28 88.26 -9.08
CA TRP A 359 -3.90 89.49 -9.78
C TRP A 359 -3.25 89.20 -11.13
N HIS A 360 -2.10 88.53 -11.13
CA HIS A 360 -1.33 88.30 -12.35
C HIS A 360 -1.93 87.15 -13.15
N ARG A 361 -3.09 87.43 -13.76
CA ARG A 361 -3.80 86.39 -14.48
C ARG A 361 -3.14 86.10 -15.84
N LYS A 362 -2.74 87.15 -16.55
CA LYS A 362 -2.28 86.98 -17.92
C LYS A 362 -0.88 86.38 -17.99
N ASN A 363 -0.12 86.40 -16.90
CA ASN A 363 1.23 85.84 -16.92
C ASN A 363 1.17 84.34 -16.71
N LYS A 364 2.17 83.64 -17.24
CA LYS A 364 2.28 82.20 -17.07
C LYS A 364 3.25 81.80 -15.97
N HIS A 365 4.37 82.53 -15.84
CA HIS A 365 5.36 82.17 -14.84
C HIS A 365 4.86 82.43 -13.43
N VAL A 366 4.11 83.53 -13.25
CA VAL A 366 3.55 83.84 -11.94
C VAL A 366 2.60 82.75 -11.50
N GLN A 367 1.74 82.28 -12.41
CA GLN A 367 0.75 81.29 -12.03
C GLN A 367 1.39 79.92 -11.82
N GLU A 368 2.38 79.58 -12.63
CA GLU A 368 3.12 78.34 -12.44
C GLU A 368 3.79 78.31 -11.06
N ALA A 369 4.57 79.34 -10.74
CA ALA A 369 5.29 79.36 -9.48
C ALA A 369 4.34 79.47 -8.29
N ALA A 370 3.25 80.23 -8.44
CA ALA A 370 2.36 80.47 -7.32
C ALA A 370 1.54 79.24 -6.98
N CYS A 371 1.01 78.54 -8.00
CA CYS A 371 0.28 77.32 -7.68
C CYS A 371 1.23 76.20 -7.32
N TRP A 372 2.50 76.28 -7.75
CA TRP A 372 3.53 75.37 -7.23
C TRP A 372 3.72 75.55 -5.74
N ALA A 373 3.81 76.81 -5.28
CA ALA A 373 4.00 77.06 -3.86
C ALA A 373 2.77 76.69 -3.05
N LEU A 374 1.57 76.94 -3.60
CA LEU A 374 0.34 76.55 -2.92
C LEU A 374 0.24 75.04 -2.78
N ASN A 375 0.56 74.30 -3.84
CA ASN A 375 0.55 72.85 -3.77
C ASN A 375 1.55 72.33 -2.76
N ASN A 376 2.79 72.82 -2.84
CA ASN A 376 3.83 72.32 -1.95
C ASN A 376 3.68 72.84 -0.52
N LEU A 377 2.79 73.80 -0.29
CA LEU A 377 2.43 74.19 1.07
C LEU A 377 1.34 73.29 1.62
N LEU A 378 0.30 73.04 0.82
CA LEU A 378 -0.79 72.18 1.30
C LEU A 378 -0.33 70.74 1.48
N MET A 379 0.65 70.30 0.70
CA MET A 379 1.08 68.90 0.81
C MET A 379 1.95 68.65 2.04
N TYR A 380 2.43 69.69 2.71
CA TYR A 380 3.31 69.53 3.86
C TYR A 380 2.77 70.20 5.12
N GLN A 381 1.52 70.64 5.10
CA GLN A 381 0.87 71.19 6.29
C GLN A 381 -0.61 70.91 6.10
N ASN A 382 -1.11 69.86 6.75
CA ASN A 382 -2.47 69.41 6.46
C ASN A 382 -3.53 70.33 7.06
N SER A 383 -3.19 71.03 8.14
CA SER A 383 -4.18 71.75 8.93
C SER A 383 -4.89 72.83 8.12
N LEU A 384 -4.13 73.58 7.32
CA LEU A 384 -4.78 74.67 6.62
C LEU A 384 -5.51 74.20 5.37
N HIS A 385 -5.55 72.88 5.11
CA HIS A 385 -6.62 72.34 4.27
C HIS A 385 -8.00 72.81 4.73
N GLU A 386 -8.19 72.90 6.05
CA GLU A 386 -9.46 73.40 6.56
C GLU A 386 -9.64 74.89 6.34
N LYS A 387 -8.61 75.61 5.90
CA LYS A 387 -8.69 77.06 5.74
C LYS A 387 -8.78 77.49 4.29
N ILE A 388 -8.99 76.56 3.36
CA ILE A 388 -9.03 76.88 1.94
C ILE A 388 -10.32 76.28 1.38
N GLY A 389 -11.36 77.10 1.30
CA GLY A 389 -12.66 76.63 0.88
C GLY A 389 -13.50 77.75 0.32
N ASP A 390 -14.64 77.39 -0.24
CA ASP A 390 -15.50 78.37 -0.91
C ASP A 390 -16.33 79.20 0.06
N GLU A 391 -16.45 78.77 1.31
CA GLU A 391 -17.33 79.45 2.26
C GLU A 391 -16.74 80.80 2.68
N ASP A 392 -17.47 81.50 3.54
CA ASP A 392 -17.06 82.83 3.97
C ASP A 392 -15.78 82.75 4.80
N GLY A 393 -14.94 83.76 4.65
CA GLY A 393 -13.65 83.78 5.30
C GLY A 393 -12.60 82.95 4.60
N HIS A 394 -12.93 81.70 4.28
CA HIS A 394 -12.00 80.82 3.60
C HIS A 394 -11.76 81.31 2.18
N PHE A 395 -10.58 81.00 1.65
CA PHE A 395 -10.23 81.48 0.33
C PHE A 395 -10.69 80.48 -0.73
N PRO A 396 -11.30 80.95 -1.81
CA PRO A 396 -11.83 80.07 -2.85
C PRO A 396 -10.78 79.68 -3.90
N ALA A 397 -9.64 79.17 -3.44
CA ALA A 397 -8.50 79.01 -4.32
C ALA A 397 -8.68 77.87 -5.31
N HIS A 398 -9.58 76.94 -5.05
CA HIS A 398 -9.78 75.84 -6.00
C HIS A 398 -10.38 76.34 -7.31
N ARG A 399 -11.34 77.27 -7.21
CA ARG A 399 -11.86 77.92 -8.42
C ARG A 399 -10.77 78.68 -9.16
N GLU A 400 -9.85 79.29 -8.41
CA GLU A 400 -8.80 80.07 -9.05
C GLU A 400 -7.80 79.18 -9.76
N VAL A 401 -7.47 78.02 -9.18
CA VAL A 401 -6.58 77.09 -9.88
C VAL A 401 -7.30 76.49 -11.09
N MET A 402 -8.61 76.29 -10.98
CA MET A 402 -9.39 75.78 -12.11
C MET A 402 -9.37 76.76 -13.28
N LEU A 403 -9.66 78.02 -13.01
CA LEU A 403 -9.65 79.02 -14.08
C LEU A 403 -8.23 79.30 -14.57
N SER A 404 -7.24 79.19 -13.69
CA SER A 404 -5.86 79.37 -14.08
C SER A 404 -5.35 78.22 -14.95
N MET A 405 -5.97 77.06 -14.87
CA MET A 405 -5.65 76.02 -15.84
C MET A 405 -6.41 76.22 -17.13
N LEU A 406 -7.70 76.60 -17.04
CA LEU A 406 -8.53 76.69 -18.23
C LEU A 406 -8.11 77.84 -19.14
N MET A 407 -7.56 78.91 -18.57
CA MET A 407 -7.05 80.00 -19.40
C MET A 407 -5.80 79.56 -20.15
N HIS A 408 -4.75 79.21 -19.42
CA HIS A 408 -3.44 78.95 -20.01
C HIS A 408 -3.35 77.50 -20.51
N SER A 409 -4.16 77.20 -21.52
CA SER A 409 -4.17 75.87 -22.10
C SER A 409 -2.88 75.59 -22.87
N SER A 410 -2.27 76.62 -23.44
CA SER A 410 -1.21 76.42 -24.42
C SER A 410 0.14 76.07 -23.81
N SER A 411 0.27 75.99 -22.49
CA SER A 411 1.57 75.79 -21.86
C SER A 411 1.57 74.53 -21.02
N LYS A 412 2.67 73.77 -21.10
CA LYS A 412 2.76 72.50 -20.40
C LYS A 412 3.11 72.68 -18.94
N GLU A 413 3.90 73.70 -18.60
CA GLU A 413 4.34 73.88 -17.23
C GLU A 413 3.20 74.29 -16.31
N VAL A 414 2.31 75.18 -16.79
CA VAL A 414 1.22 75.64 -15.94
C VAL A 414 0.19 74.53 -15.76
N PHE A 415 -0.03 73.70 -16.77
CA PHE A 415 -0.93 72.57 -16.59
C PHE A 415 -0.32 71.52 -15.69
N GLN A 416 0.99 71.31 -15.79
CA GLN A 416 1.71 70.41 -14.88
C GLN A 416 1.51 70.81 -13.43
N ALA A 417 1.90 72.04 -13.09
CA ALA A 417 1.78 72.49 -11.71
C ALA A 417 0.33 72.68 -11.30
N SER A 418 -0.57 72.91 -12.25
CA SER A 418 -1.97 73.12 -11.90
C SER A 418 -2.68 71.80 -11.61
N ALA A 419 -2.32 70.75 -12.34
CA ALA A 419 -2.88 69.44 -12.02
C ALA A 419 -2.29 68.91 -10.72
N ASN A 420 -1.02 69.21 -10.45
CA ASN A 420 -0.48 68.84 -9.15
C ASN A 420 -1.10 69.65 -8.02
N ALA A 421 -1.57 70.88 -8.30
CA ALA A 421 -2.21 71.68 -7.26
C ALA A 421 -3.69 71.40 -7.11
N LEU A 422 -4.34 70.84 -8.12
CA LEU A 422 -5.71 70.37 -7.93
C LEU A 422 -5.77 68.92 -7.49
N SER A 423 -4.66 68.18 -7.53
CA SER A 423 -4.67 66.84 -6.95
C SER A 423 -4.75 66.92 -5.44
N THR A 424 -3.83 67.66 -4.81
CA THR A 424 -3.80 67.80 -3.36
C THR A 424 -5.04 68.48 -2.81
N LEU A 425 -5.67 69.36 -3.58
CA LEU A 425 -6.87 70.04 -3.13
C LEU A 425 -8.12 69.18 -3.22
N LEU A 426 -8.01 67.95 -3.71
CA LEU A 426 -9.15 67.04 -3.79
C LEU A 426 -8.99 65.80 -2.94
N GLU A 427 -7.77 65.34 -2.71
CA GLU A 427 -7.56 64.10 -1.97
C GLU A 427 -7.85 64.23 -0.49
N GLN A 428 -7.98 65.46 0.02
CA GLN A 428 -8.28 65.69 1.43
C GLN A 428 -9.61 66.39 1.61
N ASN A 429 -10.57 66.15 0.71
CA ASN A 429 -11.88 66.75 0.81
C ASN A 429 -12.87 65.95 -0.01
N VAL A 430 -14.13 65.92 0.44
CA VAL A 430 -15.17 65.15 -0.23
C VAL A 430 -16.29 66.14 -0.54
N ASN A 431 -15.92 67.40 -0.72
CA ASN A 431 -16.87 68.39 -1.22
C ASN A 431 -16.35 69.18 -2.40
N PHE A 432 -15.04 69.25 -2.60
CA PHE A 432 -14.52 69.82 -3.83
C PHE A 432 -14.63 68.87 -5.00
N ARG A 433 -14.79 67.56 -4.76
CA ARG A 433 -15.08 66.66 -5.87
C ARG A 433 -16.57 66.49 -6.09
N LYS A 434 -17.29 67.60 -6.07
CA LYS A 434 -18.69 67.66 -6.48
C LYS A 434 -19.03 68.93 -7.23
N ILE A 435 -18.17 69.94 -7.22
CA ILE A 435 -18.40 71.18 -7.95
C ILE A 435 -17.72 71.06 -9.30
N LEU A 436 -16.43 70.69 -9.29
CA LEU A 436 -15.68 70.53 -10.52
C LEU A 436 -16.25 69.40 -11.38
N LEU A 437 -16.80 68.38 -10.73
CA LEU A 437 -17.46 67.31 -11.47
C LEU A 437 -18.73 67.79 -12.18
N SER A 438 -19.32 68.88 -11.72
CA SER A 438 -20.52 69.43 -12.35
C SER A 438 -20.21 70.60 -13.28
N LYS A 439 -19.14 71.35 -13.02
CA LYS A 439 -18.80 72.47 -13.90
C LYS A 439 -18.26 71.99 -15.25
N GLY A 440 -17.81 70.75 -15.34
CA GLY A 440 -17.31 70.21 -16.58
C GLY A 440 -15.82 70.19 -16.74
N ILE A 441 -15.07 69.92 -15.67
CA ILE A 441 -13.62 69.95 -15.77
C ILE A 441 -13.07 68.66 -16.34
N HIS A 442 -13.86 67.59 -16.40
CA HIS A 442 -13.34 66.31 -16.88
C HIS A 442 -13.16 66.32 -18.39
N LEU A 443 -14.15 66.80 -19.13
CA LEU A 443 -13.99 67.02 -20.57
C LEU A 443 -12.84 67.98 -20.86
N ASN A 444 -12.73 69.04 -20.05
CA ASN A 444 -11.69 70.04 -20.29
C ASN A 444 -10.30 69.46 -20.07
N VAL A 445 -10.13 68.68 -19.00
CA VAL A 445 -8.81 68.13 -18.72
C VAL A 445 -8.49 67.01 -19.70
N LEU A 446 -9.51 66.32 -20.23
CA LEU A 446 -9.20 65.29 -21.21
C LEU A 446 -8.82 65.91 -22.55
N GLU A 447 -9.47 67.01 -22.93
CA GLU A 447 -9.04 67.73 -24.14
C GLU A 447 -7.66 68.33 -23.95
N LEU A 448 -7.34 68.81 -22.75
CA LEU A 448 -6.00 69.34 -22.47
C LEU A 448 -4.96 68.25 -22.56
N MET A 449 -5.26 67.06 -22.05
CA MET A 449 -4.33 65.94 -22.14
C MET A 449 -4.13 65.52 -23.59
N GLN A 450 -5.23 65.46 -24.36
CA GLN A 450 -5.13 65.02 -25.75
C GLN A 450 -4.47 66.07 -26.63
N LYS A 451 -4.49 67.34 -26.22
CA LYS A 451 -3.79 68.36 -26.98
C LYS A 451 -2.29 68.28 -26.76
N HIS A 452 -1.87 68.04 -25.51
CA HIS A 452 -0.46 67.82 -25.19
C HIS A 452 -0.13 66.34 -25.20
N ILE A 453 -0.43 65.67 -26.32
CA ILE A 453 -0.34 64.22 -26.36
C ILE A 453 1.11 63.74 -26.43
N HIS A 454 2.05 64.62 -26.74
CA HIS A 454 3.45 64.23 -26.93
C HIS A 454 4.32 64.55 -25.72
N SER A 455 3.78 64.48 -24.51
CA SER A 455 4.57 64.70 -23.31
C SER A 455 4.07 63.78 -22.19
N PRO A 456 4.99 63.17 -21.42
CA PRO A 456 4.56 62.24 -20.38
C PRO A 456 4.21 62.94 -19.07
N GLU A 457 4.77 64.12 -18.85
CA GLU A 457 4.52 64.86 -17.62
C GLU A 457 3.06 65.28 -17.51
N VAL A 458 2.54 65.89 -18.58
CA VAL A 458 1.16 66.37 -18.55
C VAL A 458 0.19 65.20 -18.52
N ALA A 459 0.55 64.09 -19.17
CA ALA A 459 -0.29 62.90 -19.13
C ALA A 459 -0.36 62.33 -17.73
N GLU A 460 0.78 62.27 -17.05
CA GLU A 460 0.80 61.76 -15.68
C GLU A 460 0.02 62.64 -14.74
N SER A 461 0.19 63.97 -14.85
CA SER A 461 -0.48 64.87 -13.93
C SER A 461 -1.98 64.92 -14.18
N GLY A 462 -2.39 64.99 -15.45
CA GLY A 462 -3.81 64.97 -15.75
C GLY A 462 -4.46 63.64 -15.40
N CYS A 463 -3.72 62.55 -15.51
CA CYS A 463 -4.28 61.27 -15.15
C CYS A 463 -4.41 61.13 -13.64
N LYS A 464 -3.49 61.73 -12.89
CA LYS A 464 -3.64 61.76 -11.43
C LYS A 464 -4.84 62.61 -11.03
N MET A 465 -5.08 63.71 -11.76
CA MET A 465 -6.25 64.52 -11.46
C MET A 465 -7.53 63.75 -11.76
N LEU A 466 -7.57 63.03 -12.89
CA LEU A 466 -8.76 62.24 -13.21
C LEU A 466 -8.94 61.07 -12.27
N ASN A 467 -7.85 60.59 -11.67
CA ASN A 467 -7.99 59.51 -10.70
C ASN A 467 -8.55 60.05 -9.39
N HIS A 468 -8.03 61.17 -8.91
CA HIS A 468 -8.49 61.71 -7.63
C HIS A 468 -9.87 62.31 -7.72
N LEU A 469 -10.28 62.75 -8.91
CA LEU A 469 -11.50 63.54 -9.00
C LEU A 469 -12.75 62.67 -8.90
N PHE A 470 -12.69 61.43 -9.38
CA PHE A 470 -13.90 60.63 -9.53
C PHE A 470 -14.21 59.76 -8.31
N GLU A 471 -13.22 59.48 -7.46
CA GLU A 471 -13.31 58.42 -6.46
C GLU A 471 -14.46 58.64 -5.49
N GLY A 472 -15.44 57.73 -5.53
CA GLY A 472 -16.60 57.80 -4.68
C GLY A 472 -17.75 58.59 -5.31
N SER A 473 -18.08 58.28 -6.56
CA SER A 473 -19.13 58.98 -7.26
C SER A 473 -19.84 57.99 -8.17
N ASN A 474 -20.83 58.49 -8.91
CA ASN A 474 -21.54 57.70 -9.91
C ASN A 474 -20.86 57.84 -11.27
N THR A 475 -21.41 57.15 -12.27
CA THR A 475 -20.88 57.25 -13.63
C THR A 475 -22.03 57.02 -14.59
N SER A 476 -22.66 58.11 -15.03
CA SER A 476 -23.68 58.02 -16.07
C SER A 476 -23.02 57.61 -17.37
N LEU A 477 -23.46 56.46 -17.92
CA LEU A 477 -22.71 55.68 -18.90
C LEU A 477 -22.15 56.49 -20.08
N ASP A 478 -22.76 57.63 -20.40
CA ASP A 478 -22.17 58.54 -21.36
C ASP A 478 -20.81 59.06 -20.90
N ILE A 479 -20.65 59.26 -19.59
CA ILE A 479 -19.36 59.72 -19.05
C ILE A 479 -18.28 58.69 -19.31
N MET A 480 -18.57 57.42 -19.04
CA MET A 480 -17.57 56.38 -19.26
C MET A 480 -17.31 56.19 -20.74
N ALA A 481 -18.38 56.21 -21.55
CA ALA A 481 -18.22 56.00 -22.99
C ALA A 481 -17.46 57.13 -23.66
N ALA A 482 -17.48 58.33 -23.06
CA ALA A 482 -16.66 59.41 -23.56
C ALA A 482 -15.24 59.37 -23.01
N VAL A 483 -15.07 59.02 -21.73
CA VAL A 483 -13.75 59.15 -21.11
C VAL A 483 -12.84 58.01 -21.54
N VAL A 484 -13.24 56.76 -21.26
CA VAL A 484 -12.33 55.60 -21.26
C VAL A 484 -11.54 55.42 -22.57
N PRO A 485 -12.10 55.68 -23.76
CA PRO A 485 -11.22 55.73 -24.95
C PRO A 485 -10.10 56.74 -24.87
N LYS A 486 -10.33 57.90 -24.24
CA LYS A 486 -9.26 58.90 -24.16
C LYS A 486 -8.16 58.45 -23.21
N ILE A 487 -8.51 57.81 -22.10
CA ILE A 487 -7.49 57.30 -21.18
C ILE A 487 -6.74 56.15 -21.83
N LEU A 488 -7.41 55.35 -22.65
CA LEU A 488 -6.68 54.29 -23.35
C LEU A 488 -5.76 54.85 -24.42
N THR A 489 -6.14 55.98 -25.02
CA THR A 489 -5.23 56.65 -25.94
C THR A 489 -4.01 57.20 -25.20
N VAL A 490 -4.22 57.75 -24.01
CA VAL A 490 -3.13 58.27 -23.20
C VAL A 490 -2.37 57.14 -22.51
N MET A 491 -2.83 55.91 -22.68
CA MET A 491 -2.21 54.74 -22.07
C MET A 491 -1.30 53.98 -23.02
N LYS A 492 -1.56 54.04 -24.32
CA LYS A 492 -0.76 53.32 -25.30
C LYS A 492 0.08 54.25 -26.15
N ARG A 493 0.37 55.44 -25.63
CA ARG A 493 1.27 56.38 -26.29
C ARG A 493 2.44 56.78 -25.41
N HIS A 494 2.51 56.25 -24.19
CA HIS A 494 3.59 56.51 -23.24
C HIS A 494 4.01 55.20 -22.60
N GLU A 495 4.24 54.18 -23.43
CA GLU A 495 4.33 52.83 -22.91
C GLU A 495 5.69 52.51 -22.31
N THR A 496 6.25 53.44 -21.55
CA THR A 496 7.45 53.21 -20.74
C THR A 496 7.39 53.84 -19.35
N SER A 497 6.57 54.86 -19.11
CA SER A 497 6.64 55.61 -17.86
C SER A 497 5.91 54.87 -16.74
N LEU A 498 6.64 54.62 -15.66
CA LEU A 498 6.09 53.87 -14.53
C LEU A 498 4.88 54.51 -13.83
N PRO A 499 4.72 55.83 -13.72
CA PRO A 499 3.47 56.33 -13.14
C PRO A 499 2.36 56.69 -14.12
N VAL A 500 2.59 56.65 -15.44
CA VAL A 500 1.52 56.98 -16.38
C VAL A 500 0.68 55.76 -16.71
N GLN A 501 1.09 54.57 -16.29
CA GLN A 501 0.20 53.42 -16.28
C GLN A 501 -0.25 53.03 -14.89
N LEU A 502 0.54 53.35 -13.86
CA LEU A 502 0.08 53.19 -12.48
C LEU A 502 -1.14 54.05 -12.23
N GLU A 503 -1.04 55.35 -12.50
CA GLU A 503 -2.19 56.23 -12.34
C GLU A 503 -3.29 55.87 -13.31
N ALA A 504 -2.95 55.34 -14.49
CA ALA A 504 -3.99 54.97 -15.45
C ALA A 504 -4.70 53.70 -15.03
N LEU A 505 -3.95 52.68 -14.62
CA LEU A 505 -4.59 51.45 -14.15
C LEU A 505 -5.06 51.56 -12.71
N ARG A 506 -4.99 52.76 -12.12
CA ARG A 506 -5.85 53.11 -11.01
C ARG A 506 -7.10 53.84 -11.48
N ALA A 507 -6.96 54.73 -12.46
CA ALA A 507 -8.05 55.64 -12.81
C ALA A 507 -9.14 54.94 -13.61
N ILE A 508 -8.77 53.96 -14.43
CA ILE A 508 -9.80 53.26 -15.20
C ILE A 508 -10.58 52.30 -14.32
N LEU A 509 -10.11 52.03 -13.11
CA LEU A 509 -10.82 51.13 -12.22
C LEU A 509 -12.13 51.74 -11.71
N HIS A 510 -12.27 53.06 -11.79
CA HIS A 510 -13.49 53.71 -11.32
C HIS A 510 -14.65 53.51 -12.27
N PHE A 511 -14.38 53.13 -13.51
CA PHE A 511 -15.40 53.08 -14.56
C PHE A 511 -15.79 51.67 -14.96
N ILE A 512 -15.10 50.65 -14.44
CA ILE A 512 -15.40 49.29 -14.84
C ILE A 512 -16.04 48.54 -13.67
N GLU A 525 -32.73 48.34 -23.41
CA GLU A 525 -32.64 48.85 -22.04
C GLU A 525 -31.20 49.19 -21.67
N PHE A 526 -30.88 49.02 -20.38
CA PHE A 526 -29.54 49.34 -19.91
C PHE A 526 -28.53 48.32 -20.41
N HIS A 527 -28.88 47.03 -20.35
CA HIS A 527 -27.99 45.99 -20.86
C HIS A 527 -27.77 46.13 -22.35
N HIS A 528 -28.79 46.61 -23.07
CA HIS A 528 -28.68 46.92 -24.49
C HIS A 528 -28.02 48.26 -24.76
N LYS A 529 -27.42 48.83 -23.74
CA LYS A 529 -26.47 49.94 -23.85
C LYS A 529 -25.13 49.59 -23.25
N LEU A 530 -25.10 48.86 -22.14
CA LEU A 530 -23.83 48.48 -21.52
C LEU A 530 -23.11 47.43 -22.34
N ASN A 531 -23.85 46.57 -23.05
CA ASN A 531 -23.21 45.65 -23.98
C ASN A 531 -22.51 46.42 -25.10
N MET A 532 -23.15 47.49 -25.58
CA MET A 532 -22.51 48.33 -26.59
C MET A 532 -21.31 49.06 -26.01
N VAL A 533 -21.39 49.48 -24.75
CA VAL A 533 -20.27 50.16 -24.11
C VAL A 533 -19.08 49.21 -23.95
N LYS A 534 -19.36 47.97 -23.58
CA LYS A 534 -18.29 46.98 -23.46
C LYS A 534 -17.68 46.64 -24.82
N LYS A 535 -18.53 46.56 -25.86
CA LYS A 535 -18.02 46.31 -27.20
C LYS A 535 -17.17 47.47 -27.69
N GLN A 536 -17.55 48.70 -27.33
CA GLN A 536 -16.72 49.85 -27.65
C GLN A 536 -15.41 49.83 -26.86
N CYS A 537 -15.43 49.28 -25.65
CA CYS A 537 -14.21 49.18 -24.87
C CYS A 537 -13.25 48.17 -25.48
N PHE A 538 -13.75 47.00 -25.89
CA PHE A 538 -12.90 46.04 -26.56
C PHE A 538 -12.57 46.40 -28.01
N LYS A 539 -13.32 47.33 -28.61
CA LYS A 539 -12.98 47.76 -29.95
C LYS A 539 -11.78 48.69 -29.93
N ASN A 540 -11.53 49.37 -28.81
CA ASN A 540 -10.38 50.23 -28.63
C ASN A 540 -9.18 49.48 -28.06
N ASP A 541 -9.20 48.15 -28.11
CA ASP A 541 -8.08 47.28 -27.71
C ASP A 541 -7.70 47.52 -26.24
N ILE A 542 -8.62 47.14 -25.36
CA ILE A 542 -8.38 47.31 -23.93
C ILE A 542 -7.48 46.21 -23.37
N HIS A 543 -7.58 44.98 -23.86
CA HIS A 543 -6.82 43.89 -23.24
C HIS A 543 -5.34 43.95 -23.60
N LYS A 544 -5.00 44.48 -24.77
CA LYS A 544 -3.60 44.69 -25.11
C LYS A 544 -2.95 45.66 -24.13
N LEU A 545 -3.67 46.70 -23.74
CA LEU A 545 -3.11 47.75 -22.91
C LEU A 545 -2.73 47.22 -21.53
N VAL A 546 -3.69 46.62 -20.83
CA VAL A 546 -3.40 46.12 -19.48
C VAL A 546 -2.49 44.90 -19.51
N LEU A 547 -2.61 44.05 -20.53
CA LEU A 547 -1.70 42.91 -20.68
C LEU A 547 -0.26 43.39 -20.85
N ALA A 548 -0.05 44.42 -21.67
CA ALA A 548 1.29 44.96 -21.82
C ALA A 548 1.75 45.65 -20.55
N ALA A 549 0.84 46.38 -19.90
CA ALA A 549 1.21 47.18 -18.74
C ALA A 549 1.58 46.33 -17.53
N LEU A 550 1.14 45.09 -17.48
CA LEU A 550 1.70 44.18 -16.47
C LEU A 550 2.70 43.21 -17.04
N ASN A 551 2.81 43.11 -18.37
CA ASN A 551 3.78 42.21 -18.98
C ASN A 551 5.19 42.79 -18.86
N ARG A 552 5.37 44.02 -19.34
CA ARG A 552 6.71 44.62 -19.37
C ARG A 552 7.23 44.89 -17.96
N PHE A 553 6.35 45.28 -17.06
CA PHE A 553 6.76 45.67 -15.71
C PHE A 553 6.33 44.55 -14.76
N ILE A 554 7.29 43.76 -14.30
CA ILE A 554 7.02 42.72 -13.32
C ILE A 554 7.38 43.26 -11.94
N GLY A 555 7.72 44.54 -11.87
CA GLY A 555 7.98 45.22 -10.62
C GLY A 555 6.98 46.31 -10.40
N ASN A 556 7.20 47.15 -9.37
CA ASN A 556 6.27 48.18 -8.90
C ASN A 556 4.92 47.53 -8.65
N PRO A 557 4.77 46.79 -7.53
CA PRO A 557 3.65 45.84 -7.40
C PRO A 557 2.26 46.46 -7.44
N GLY A 558 2.17 47.77 -7.23
CA GLY A 558 0.92 48.50 -7.36
C GLY A 558 0.23 48.28 -8.69
N ILE A 559 0.97 48.43 -9.78
CA ILE A 559 0.37 48.21 -11.10
C ILE A 559 0.16 46.73 -11.34
N GLN A 560 0.76 45.86 -10.54
CA GLN A 560 0.42 44.45 -10.59
C GLN A 560 -0.71 44.12 -9.63
N LYS A 561 -1.03 45.01 -8.70
CA LYS A 561 -2.21 44.80 -7.87
C LYS A 561 -3.44 45.39 -8.53
N CYS A 562 -3.43 46.71 -8.73
CA CYS A 562 -4.59 47.38 -9.32
C CYS A 562 -4.79 46.96 -10.77
N GLY A 563 -3.70 46.65 -11.47
CA GLY A 563 -3.78 46.04 -12.79
C GLY A 563 -4.56 44.75 -12.76
N LEU A 564 -4.24 43.88 -11.81
CA LEU A 564 -4.99 42.63 -11.69
C LEU A 564 -6.41 42.87 -11.19
N LYS A 565 -6.76 44.08 -10.78
CA LYS A 565 -8.16 44.37 -10.54
C LYS A 565 -8.88 44.60 -11.86
N VAL A 566 -8.24 45.33 -12.78
CA VAL A 566 -8.88 45.75 -14.03
C VAL A 566 -9.33 44.54 -14.83
N ILE A 567 -8.38 43.63 -15.08
CA ILE A 567 -8.68 42.37 -15.77
C ILE A 567 -9.82 41.64 -15.10
N SER A 568 -9.85 41.66 -13.76
CA SER A 568 -10.96 41.11 -13.00
C SER A 568 -12.28 41.71 -13.45
N SER A 569 -12.39 43.03 -13.35
CA SER A 569 -13.66 43.66 -13.69
C SER A 569 -13.92 43.67 -15.19
N ILE A 570 -13.04 43.08 -16.00
CA ILE A 570 -13.31 43.00 -17.43
C ILE A 570 -13.25 41.54 -17.89
N VAL A 571 -13.44 40.60 -16.98
CA VAL A 571 -13.57 39.20 -17.36
C VAL A 571 -15.05 38.81 -17.48
N HIS A 572 -15.96 39.77 -17.37
CA HIS A 572 -17.39 39.51 -17.44
C HIS A 572 -18.05 40.20 -18.62
N PHE A 573 -17.27 40.62 -19.60
CA PHE A 573 -17.79 41.22 -20.81
C PHE A 573 -17.94 40.16 -21.89
N PRO A 574 -18.68 40.46 -23.00
CA PRO A 574 -18.84 39.49 -24.10
C PRO A 574 -17.56 38.87 -24.65
N ASP A 575 -16.60 39.68 -25.09
CA ASP A 575 -15.37 39.18 -25.70
C ASP A 575 -14.33 38.76 -24.66
N ALA A 576 -14.71 38.56 -23.39
CA ALA A 576 -13.73 38.29 -22.35
C ALA A 576 -13.02 36.96 -22.58
N LEU A 577 -13.77 35.87 -22.56
CA LEU A 577 -13.17 34.54 -22.61
C LEU A 577 -12.57 34.23 -23.97
N GLU A 578 -12.94 34.96 -25.02
CA GLU A 578 -12.47 34.67 -26.36
C GLU A 578 -11.35 35.60 -26.82
N MET A 579 -11.12 36.72 -26.15
CA MET A 579 -10.01 37.60 -26.49
C MET A 579 -8.96 37.69 -25.41
N LEU A 580 -9.34 37.59 -24.13
CA LEU A 580 -8.33 37.50 -23.08
C LEU A 580 -7.61 36.16 -23.10
N SER A 581 -8.17 35.16 -23.79
CA SER A 581 -7.46 33.93 -24.07
C SER A 581 -6.93 33.87 -25.50
N LEU A 582 -7.31 34.83 -26.35
CA LEU A 582 -6.69 34.92 -27.67
C LEU A 582 -5.28 35.49 -27.55
N GLU A 583 -5.17 36.70 -26.97
CA GLU A 583 -3.86 37.28 -26.71
C GLU A 583 -3.09 36.46 -25.69
N GLY A 584 -3.79 35.80 -24.77
CA GLY A 584 -3.15 34.98 -23.78
C GLY A 584 -2.82 35.79 -22.55
N ALA A 585 -3.45 35.44 -21.43
CA ALA A 585 -3.21 36.13 -20.18
C ALA A 585 -2.95 35.19 -19.01
N MET A 586 -3.05 33.88 -19.22
CA MET A 586 -2.84 32.94 -18.12
C MET A 586 -1.39 32.96 -17.66
N ASP A 587 -0.44 32.94 -18.60
CA ASP A 587 0.98 32.82 -18.25
C ASP A 587 1.47 34.04 -17.49
N SER A 588 1.03 35.23 -17.88
CA SER A 588 1.44 36.46 -17.20
C SER A 588 0.91 36.47 -15.76
N VAL A 589 -0.35 36.10 -15.59
CA VAL A 589 -0.95 36.03 -14.26
C VAL A 589 -0.20 35.02 -13.39
N LEU A 590 0.18 33.87 -13.97
CA LEU A 590 0.90 32.86 -13.20
C LEU A 590 2.29 33.35 -12.81
N HIS A 591 2.98 34.02 -13.73
CA HIS A 591 4.30 34.56 -13.42
C HIS A 591 4.22 35.62 -12.33
N THR A 592 3.17 36.43 -12.34
CA THR A 592 3.01 37.43 -11.29
C THR A 592 2.65 36.78 -9.96
N LEU A 593 1.86 35.70 -10.00
CA LEU A 593 1.52 35.01 -8.76
C LEU A 593 2.74 34.36 -8.14
N GLN A 594 3.63 33.79 -8.95
CA GLN A 594 4.84 33.19 -8.43
C GLN A 594 5.97 34.18 -8.26
N MET A 595 5.78 35.45 -8.65
CA MET A 595 6.75 36.49 -8.39
C MET A 595 6.41 37.34 -7.19
N TYR A 596 5.28 37.10 -6.54
CA TYR A 596 4.93 37.77 -5.27
C TYR A 596 4.22 36.78 -4.36
N PRO A 597 4.89 35.71 -3.94
CA PRO A 597 4.18 34.62 -3.26
C PRO A 597 3.75 34.96 -1.85
N ASP A 598 4.47 35.88 -1.18
CA ASP A 598 4.13 36.18 0.20
C ASP A 598 2.96 37.16 0.30
N ASP A 599 2.62 37.84 -0.78
CA ASP A 599 1.64 38.91 -0.70
C ASP A 599 0.22 38.34 -0.71
N GLN A 600 -0.55 38.71 0.32
CA GLN A 600 -1.93 38.23 0.41
C GLN A 600 -2.83 38.91 -0.62
N GLU A 601 -2.66 40.22 -0.78
CA GLU A 601 -3.55 40.98 -1.65
C GLU A 601 -3.40 40.57 -3.11
N ILE A 602 -2.16 40.41 -3.57
CA ILE A 602 -1.92 40.09 -4.97
C ILE A 602 -2.41 38.67 -5.28
N GLN A 603 -2.11 37.72 -4.40
CA GLN A 603 -2.58 36.35 -4.62
C GLN A 603 -4.11 36.27 -4.54
N CYS A 604 -4.72 37.04 -3.65
CA CYS A 604 -6.17 37.06 -3.56
C CYS A 604 -6.80 37.62 -4.83
N LEU A 605 -6.27 38.75 -5.32
CA LEU A 605 -6.79 39.34 -6.54
C LEU A 605 -6.47 38.50 -7.77
N GLY A 606 -5.48 37.61 -7.68
CA GLY A 606 -5.16 36.75 -8.80
C GLY A 606 -5.97 35.47 -8.88
N LEU A 607 -6.24 34.85 -7.73
CA LEU A 607 -6.82 33.51 -7.70
C LEU A 607 -8.17 33.42 -8.42
N SER A 608 -8.99 34.46 -8.31
CA SER A 608 -10.24 34.47 -9.07
C SER A 608 -9.98 34.59 -10.57
N LEU A 609 -8.88 35.23 -10.96
CA LEU A 609 -8.58 35.31 -12.38
C LEU A 609 -8.06 33.98 -12.91
N ILE A 610 -7.30 33.25 -12.09
CA ILE A 610 -6.94 31.88 -12.46
C ILE A 610 -8.20 31.03 -12.56
N GLY A 611 -9.17 31.29 -11.69
CA GLY A 611 -10.45 30.61 -11.78
C GLY A 611 -11.18 30.87 -13.08
N TYR A 612 -11.24 32.13 -13.51
CA TYR A 612 -12.12 32.47 -14.62
C TYR A 612 -11.46 32.42 -15.99
N LEU A 613 -10.14 32.58 -16.08
CA LEU A 613 -9.49 32.68 -17.37
C LEU A 613 -9.10 31.33 -17.95
N ILE A 614 -9.57 30.23 -17.38
CA ILE A 614 -9.09 28.90 -17.73
C ILE A 614 -10.21 28.13 -18.42
N THR A 615 -9.98 27.75 -19.67
CA THR A 615 -10.82 26.82 -20.40
C THR A 615 -10.01 25.56 -20.67
N LYS A 616 -10.59 24.64 -21.46
CA LYS A 616 -9.92 23.38 -21.75
C LYS A 616 -8.67 23.60 -22.59
N LYS A 617 -8.70 24.59 -23.49
CA LYS A 617 -7.52 24.88 -24.30
C LYS A 617 -6.47 25.60 -23.48
N ASN A 618 -6.90 26.33 -22.45
CA ASN A 618 -5.95 26.95 -21.53
C ASN A 618 -5.24 25.90 -20.68
N VAL A 619 -5.91 24.79 -20.42
CA VAL A 619 -5.35 23.70 -19.62
C VAL A 619 -5.23 22.49 -20.55
N PHE A 620 -4.95 22.77 -21.83
CA PHE A 620 -4.54 21.75 -22.79
C PHE A 620 -3.40 20.92 -22.22
N ILE A 621 -3.64 19.61 -22.13
CA ILE A 621 -2.91 18.67 -21.29
C ILE A 621 -1.40 18.73 -21.50
N GLY A 622 -0.66 18.85 -20.39
CA GLY A 622 0.77 19.08 -20.44
C GLY A 622 1.11 20.44 -19.89
N THR A 623 0.31 21.45 -20.25
CA THR A 623 0.47 22.80 -19.74
C THR A 623 -0.22 23.03 -18.40
N GLY A 624 -0.90 22.00 -17.86
CA GLY A 624 -1.64 22.19 -16.63
C GLY A 624 -0.76 22.35 -15.41
N HIS A 625 0.48 21.84 -15.47
CA HIS A 625 1.40 21.94 -14.34
C HIS A 625 1.75 23.38 -14.02
N LEU A 626 1.68 24.26 -15.03
CA LEU A 626 1.77 25.71 -14.84
C LEU A 626 0.84 26.18 -13.75
N LEU A 627 -0.46 25.93 -13.90
CA LEU A 627 -1.41 26.33 -12.88
C LEU A 627 -1.26 25.49 -11.62
N ALA A 628 -0.89 24.21 -11.78
CA ALA A 628 -0.91 23.27 -10.66
C ALA A 628 0.11 23.64 -9.59
N LYS A 629 1.36 23.86 -10.00
CA LYS A 629 2.43 24.14 -9.06
C LYS A 629 2.14 25.41 -8.27
N ILE A 630 1.69 26.46 -8.96
CA ILE A 630 1.49 27.73 -8.29
C ILE A 630 0.25 27.68 -7.39
N LEU A 631 -0.78 26.92 -7.78
CA LEU A 631 -1.97 26.82 -6.93
C LEU A 631 -1.66 26.09 -5.64
N VAL A 632 -0.98 24.95 -5.74
CA VAL A 632 -0.67 24.19 -4.52
C VAL A 632 0.34 24.95 -3.66
N SER A 633 1.28 25.65 -4.30
CA SER A 633 2.27 26.40 -3.54
C SER A 633 1.63 27.56 -2.78
N SER A 634 0.72 28.28 -3.44
CA SER A 634 0.07 29.41 -2.78
C SER A 634 -0.87 28.93 -1.66
N LEU A 635 -1.61 27.85 -1.91
CA LEU A 635 -2.52 27.34 -0.89
C LEU A 635 -1.77 26.82 0.33
N TYR A 636 -0.61 26.17 0.11
CA TYR A 636 0.17 25.72 1.25
C TYR A 636 0.86 26.88 1.96
N ARG A 637 1.27 27.91 1.20
CA ARG A 637 1.89 29.07 1.81
C ARG A 637 0.89 29.96 2.52
N PHE A 638 -0.41 29.74 2.32
CA PHE A 638 -1.44 30.51 3.01
C PHE A 638 -2.42 29.57 3.70
N LYS A 639 -1.87 28.63 4.47
CA LYS A 639 -2.63 27.54 5.08
C LYS A 639 -3.47 27.96 6.27
N ASP A 640 -3.63 29.26 6.55
CA ASP A 640 -4.39 29.66 7.72
C ASP A 640 -5.49 30.65 7.38
N VAL A 641 -5.26 31.52 6.39
CA VAL A 641 -6.18 32.61 6.12
C VAL A 641 -7.44 32.09 5.43
N ALA A 642 -8.46 32.95 5.37
CA ALA A 642 -9.78 32.49 4.95
C ALA A 642 -10.02 32.66 3.45
N GLU A 643 -9.88 33.89 2.95
CA GLU A 643 -10.31 34.21 1.60
C GLU A 643 -9.46 33.51 0.55
N ILE A 644 -8.18 33.29 0.82
CA ILE A 644 -7.29 32.62 -0.12
C ILE A 644 -7.77 31.19 -0.37
N GLN A 645 -8.03 30.44 0.70
CA GLN A 645 -8.57 29.10 0.55
C GLN A 645 -9.96 29.13 -0.05
N THR A 646 -10.78 30.10 0.36
CA THR A 646 -12.16 30.18 -0.08
C THR A 646 -12.27 30.37 -1.59
N LYS A 647 -11.39 31.16 -2.18
CA LYS A 647 -11.42 31.34 -3.62
C LYS A 647 -10.56 30.33 -4.35
N GLY A 648 -9.50 29.83 -3.72
CA GLY A 648 -8.64 28.85 -4.38
C GLY A 648 -9.32 27.52 -4.57
N PHE A 649 -10.12 27.09 -3.59
CA PHE A 649 -10.85 25.84 -3.76
C PHE A 649 -11.90 25.96 -4.85
N GLN A 650 -12.54 27.13 -4.98
CA GLN A 650 -13.48 27.34 -6.08
C GLN A 650 -12.75 27.30 -7.42
N THR A 651 -11.56 27.90 -7.47
CA THR A 651 -10.76 27.87 -8.69
C THR A 651 -10.38 26.44 -9.07
N ILE A 652 -9.96 25.65 -8.08
CA ILE A 652 -9.56 24.28 -8.33
C ILE A 652 -10.76 23.45 -8.77
N LEU A 653 -11.92 23.66 -8.14
CA LEU A 653 -13.13 22.96 -8.55
C LEU A 653 -13.54 23.36 -9.97
N ALA A 654 -13.34 24.62 -10.34
CA ALA A 654 -13.71 25.07 -11.67
C ALA A 654 -12.81 24.45 -12.73
N ILE A 655 -11.49 24.45 -12.48
CA ILE A 655 -10.55 23.87 -13.43
C ILE A 655 -10.76 22.36 -13.52
N LEU A 656 -11.11 21.74 -12.40
CA LEU A 656 -11.42 20.31 -12.37
C LEU A 656 -12.67 19.99 -13.17
N LYS A 657 -13.71 20.82 -13.02
CA LYS A 657 -14.94 20.60 -13.77
C LYS A 657 -14.73 20.90 -15.26
N LEU A 658 -13.75 21.74 -15.58
CA LEU A 658 -13.41 21.95 -16.99
C LEU A 658 -12.81 20.70 -17.61
N SER A 659 -11.94 20.00 -16.86
CA SER A 659 -11.36 18.76 -17.32
C SER A 659 -10.87 17.97 -16.11
N ALA A 660 -11.30 16.72 -16.01
CA ALA A 660 -10.96 15.90 -14.86
C ALA A 660 -9.55 15.34 -14.91
N SER A 661 -8.80 15.61 -15.98
CA SER A 661 -7.40 15.20 -16.05
C SER A 661 -6.53 15.96 -15.07
N PHE A 662 -7.03 17.06 -14.51
CA PHE A 662 -6.31 17.83 -13.51
C PHE A 662 -6.48 17.23 -12.13
N SER A 663 -6.27 15.91 -12.01
CA SER A 663 -6.30 15.22 -10.73
C SER A 663 -4.98 14.54 -10.44
N LYS A 664 -4.48 13.72 -11.37
CA LYS A 664 -3.17 13.10 -11.19
C LYS A 664 -2.08 14.14 -11.17
N LEU A 665 -2.25 15.22 -11.93
CA LEU A 665 -1.29 16.33 -11.90
C LEU A 665 -1.28 17.02 -10.55
N LEU A 666 -2.42 17.04 -9.85
CA LEU A 666 -2.47 17.65 -8.53
C LEU A 666 -1.78 16.76 -7.49
N VAL A 667 -2.11 15.47 -7.49
CA VAL A 667 -1.54 14.57 -6.49
C VAL A 667 -0.05 14.33 -6.76
N HIS A 668 0.39 14.52 -8.01
CA HIS A 668 1.82 14.48 -8.27
C HIS A 668 2.50 15.74 -7.73
N HIS A 669 1.81 16.87 -7.74
CA HIS A 669 2.33 18.11 -7.18
C HIS A 669 1.96 18.29 -5.71
N SER A 670 1.69 17.18 -5.00
CA SER A 670 1.49 17.15 -3.56
C SER A 670 0.28 17.99 -3.13
N PHE A 671 -0.88 17.61 -3.64
CA PHE A 671 -2.15 18.23 -3.28
C PHE A 671 -2.71 17.69 -1.97
N ASP A 672 -2.01 16.75 -1.33
CA ASP A 672 -2.56 16.10 -0.14
C ASP A 672 -2.62 17.04 1.06
N LEU A 673 -1.63 17.92 1.19
CA LEU A 673 -1.40 18.64 2.44
C LEU A 673 -2.52 19.63 2.72
N VAL A 674 -2.85 20.46 1.73
CA VAL A 674 -3.87 21.49 1.94
C VAL A 674 -5.24 20.87 2.18
N ILE A 675 -5.55 19.80 1.45
CA ILE A 675 -6.85 19.13 1.62
C ILE A 675 -6.94 18.52 3.00
N PHE A 676 -5.89 17.83 3.42
CA PHE A 676 -5.91 17.20 4.74
C PHE A 676 -6.01 18.24 5.85
N HIS A 677 -5.26 19.33 5.72
CA HIS A 677 -5.23 20.36 6.76
C HIS A 677 -6.59 21.03 6.90
N GLN A 678 -7.17 21.48 5.77
CA GLN A 678 -8.46 22.17 5.85
C GLN A 678 -9.57 21.21 6.25
N MET A 679 -9.65 20.03 5.62
CA MET A 679 -10.74 19.11 5.91
C MET A 679 -10.63 18.50 7.30
N SER A 680 -9.46 18.56 7.94
CA SER A 680 -9.36 18.13 9.32
C SER A 680 -9.68 19.27 10.28
N SER A 681 -9.00 20.40 10.13
CA SER A 681 -9.15 21.49 11.10
C SER A 681 -10.46 22.26 10.95
N ASN A 682 -11.24 22.02 9.89
CA ASN A 682 -12.52 22.72 9.75
C ASN A 682 -13.54 22.20 10.76
N ILE A 683 -13.77 20.88 10.76
CA ILE A 683 -14.79 20.30 11.62
C ILE A 683 -14.38 20.38 13.09
N MET A 684 -13.08 20.47 13.37
CA MET A 684 -12.62 20.69 14.74
C MET A 684 -13.05 22.07 15.24
N GLU A 685 -13.05 23.06 14.35
CA GLU A 685 -13.58 24.37 14.66
C GLU A 685 -15.05 24.43 14.23
N GLN A 686 -15.63 25.63 14.23
CA GLN A 686 -16.96 25.84 13.68
C GLN A 686 -16.83 25.93 12.17
N LYS A 687 -17.00 24.78 11.51
CA LYS A 687 -16.81 24.71 10.07
C LYS A 687 -17.93 25.44 9.34
N ASP A 688 -17.54 26.32 8.44
CA ASP A 688 -18.50 26.94 7.52
C ASP A 688 -19.04 25.86 6.58
N GLN A 689 -20.38 25.73 6.55
CA GLN A 689 -21.02 24.65 5.82
C GLN A 689 -20.71 24.72 4.33
N GLN A 690 -20.74 25.93 3.76
CA GLN A 690 -20.42 26.09 2.34
C GLN A 690 -18.95 25.80 2.08
N PHE A 691 -18.07 26.19 3.02
CA PHE A 691 -16.65 25.93 2.84
C PHE A 691 -16.36 24.44 2.89
N LEU A 692 -16.97 23.73 3.83
CA LEU A 692 -16.79 22.29 3.89
C LEU A 692 -17.45 21.61 2.70
N ASN A 693 -18.52 22.19 2.17
CA ASN A 693 -19.12 21.68 0.94
C ASN A 693 -18.13 21.76 -0.21
N LEU A 694 -17.47 22.91 -0.37
CA LEU A 694 -16.49 23.05 -1.44
C LEU A 694 -15.28 22.13 -1.24
N CYS A 695 -14.84 21.99 0.02
CA CYS A 695 -13.65 21.18 0.30
C CYS A 695 -13.93 19.71 0.05
N CYS A 696 -15.04 19.19 0.57
CA CYS A 696 -15.40 17.81 0.27
C CYS A 696 -15.82 17.63 -1.18
N LYS A 697 -16.21 18.70 -1.89
CA LYS A 697 -16.48 18.57 -3.32
C LYS A 697 -15.19 18.33 -4.09
N CYS A 698 -14.14 19.09 -3.74
CA CYS A 698 -12.82 18.82 -4.30
C CYS A 698 -12.35 17.41 -3.94
N PHE A 699 -12.54 17.01 -2.68
CA PHE A 699 -12.15 15.68 -2.25
C PHE A 699 -12.93 14.59 -2.99
N ALA A 700 -14.18 14.88 -3.31
CA ALA A 700 -15.01 13.90 -4.01
C ALA A 700 -14.58 13.74 -5.45
N LYS A 701 -14.40 14.86 -6.15
CA LYS A 701 -14.05 14.76 -7.55
C LYS A 701 -12.56 14.47 -7.76
N VAL A 702 -11.77 14.40 -6.69
CA VAL A 702 -10.44 13.81 -6.80
C VAL A 702 -10.41 12.39 -6.22
N ALA A 703 -11.43 11.98 -5.48
CA ALA A 703 -11.43 10.67 -4.84
C ALA A 703 -11.72 9.53 -5.80
N MET A 704 -12.22 9.83 -7.00
CA MET A 704 -12.35 8.81 -8.03
C MET A 704 -10.97 8.45 -8.58
N ASP A 705 -10.95 7.51 -9.52
CA ASP A 705 -9.71 6.96 -10.10
C ASP A 705 -8.82 6.37 -9.01
N ASP A 706 -9.31 5.26 -8.46
CA ASP A 706 -8.87 4.63 -7.21
C ASP A 706 -7.37 4.50 -7.00
N TYR A 707 -6.57 4.51 -8.09
CA TYR A 707 -5.13 4.61 -7.94
C TYR A 707 -4.74 5.88 -7.19
N LEU A 708 -5.40 7.00 -7.52
CA LEU A 708 -5.14 8.24 -6.80
C LEU A 708 -5.61 8.14 -5.35
N LYS A 709 -6.69 7.40 -5.10
CA LYS A 709 -7.13 7.15 -3.74
C LYS A 709 -6.09 6.37 -2.96
N ASN A 710 -5.44 5.40 -3.62
CA ASN A 710 -4.41 4.61 -2.96
C ASN A 710 -3.17 5.45 -2.68
N VAL A 711 -2.81 6.35 -3.60
CA VAL A 711 -1.66 7.22 -3.36
C VAL A 711 -1.95 8.20 -2.25
N MET A 712 -3.19 8.70 -2.19
CA MET A 712 -3.59 9.58 -1.09
C MET A 712 -3.60 8.82 0.23
N LEU A 713 -3.96 7.53 0.19
CA LEU A 713 -3.90 6.70 1.39
C LEU A 713 -2.47 6.53 1.88
N GLU A 714 -1.55 6.23 0.95
CA GLU A 714 -0.15 6.03 1.33
C GLU A 714 0.44 7.30 1.90
N ARG A 715 0.15 8.44 1.27
CA ARG A 715 0.70 9.69 1.79
C ARG A 715 -0.02 10.12 3.06
N ALA A 716 -1.25 9.65 3.29
CA ALA A 716 -1.92 9.92 4.55
C ALA A 716 -1.27 9.15 5.68
N CYS A 717 -1.01 7.86 5.46
CA CYS A 717 -0.32 7.07 6.48
C CYS A 717 1.15 7.45 6.63
N ASP A 718 1.71 8.18 5.66
CA ASP A 718 3.05 8.73 5.86
C ASP A 718 3.05 9.75 6.99
N GLN A 719 1.94 10.45 7.18
CA GLN A 719 1.76 11.30 8.34
C GLN A 719 0.90 10.58 9.38
N ASN A 720 0.67 11.24 10.51
CA ASN A 720 -0.21 10.70 11.55
C ASN A 720 -1.62 11.27 11.44
N ASN A 721 -2.24 11.17 10.26
CA ASN A 721 -3.59 11.69 10.06
C ASN A 721 -4.58 10.54 10.15
N SER A 722 -5.01 10.25 11.38
CA SER A 722 -5.92 9.14 11.63
C SER A 722 -7.30 9.40 11.01
N ILE A 723 -7.74 10.65 11.01
CA ILE A 723 -9.08 10.98 10.53
C ILE A 723 -9.18 10.72 9.04
N MET A 724 -8.20 11.21 8.28
CA MET A 724 -8.29 11.10 6.83
C MET A 724 -8.00 9.69 6.35
N VAL A 725 -7.20 8.92 7.09
CA VAL A 725 -7.05 7.53 6.69
C VAL A 725 -8.31 6.75 7.02
N GLU A 726 -9.05 7.16 8.07
CA GLU A 726 -10.33 6.54 8.32
C GLU A 726 -11.34 6.87 7.22
N CYS A 727 -11.33 8.12 6.74
CA CYS A 727 -12.18 8.48 5.60
C CYS A 727 -11.82 7.70 4.35
N LEU A 728 -10.52 7.58 4.05
CA LEU A 728 -10.11 6.86 2.85
C LEU A 728 -10.36 5.37 2.97
N LEU A 729 -10.35 4.84 4.20
CA LEU A 729 -10.69 3.43 4.39
C LEU A 729 -12.18 3.20 4.19
N LEU A 730 -13.01 4.14 4.64
CA LEU A 730 -14.44 4.01 4.43
C LEU A 730 -14.80 4.19 2.96
N LEU A 731 -14.07 5.04 2.26
CA LEU A 731 -14.41 5.38 0.88
C LEU A 731 -13.97 4.27 -0.06
N GLY A 732 -12.66 4.04 -0.15
CA GLY A 732 -12.14 2.90 -0.84
C GLY A 732 -10.63 2.92 -0.84
N ALA A 733 -10.04 1.82 -0.38
CA ALA A 733 -8.61 1.67 -0.20
C ALA A 733 -8.34 0.24 0.22
N ASP A 734 -7.07 -0.12 0.41
CA ASP A 734 -6.73 -1.40 1.03
C ASP A 734 -5.37 -1.29 1.68
N ALA A 735 -5.27 -1.77 2.92
CA ALA A 735 -3.97 -1.87 3.57
C ALA A 735 -3.10 -2.91 2.88
N ASN A 736 -3.71 -3.85 2.17
CA ASN A 736 -3.02 -4.93 1.49
C ASN A 736 -2.52 -4.54 0.11
N GLN A 737 -2.39 -3.24 -0.18
CA GLN A 737 -1.96 -2.83 -1.52
C GLN A 737 -0.49 -3.12 -1.73
N ALA A 738 -0.17 -3.66 -2.90
CA ALA A 738 1.20 -3.99 -3.27
C ALA A 738 1.95 -2.82 -3.88
N LYS A 739 1.49 -1.59 -3.64
CA LYS A 739 2.23 -0.42 -4.12
C LYS A 739 3.58 -0.30 -3.44
N GLU A 740 3.69 -0.76 -2.19
CA GLU A 740 4.94 -0.84 -1.48
C GLU A 740 5.12 -2.29 -1.00
N GLY A 741 6.25 -2.89 -1.35
CA GLY A 741 6.53 -4.26 -0.92
C GLY A 741 6.59 -4.38 0.60
N SER A 742 7.25 -3.42 1.24
CA SER A 742 7.07 -3.18 2.66
C SER A 742 5.72 -2.49 2.80
N SER A 743 4.68 -3.24 3.12
CA SER A 743 3.32 -2.76 3.00
C SER A 743 2.97 -1.78 4.12
N LEU A 744 1.69 -1.42 4.18
CA LEU A 744 1.25 -0.31 5.02
C LEU A 744 1.44 -0.60 6.50
N ILE A 745 1.16 -1.83 6.93
CA ILE A 745 1.32 -2.17 8.34
C ILE A 745 2.79 -2.10 8.72
N CYS A 746 3.66 -2.55 7.83
CA CYS A 746 5.10 -2.53 8.08
C CYS A 746 5.61 -1.11 8.24
N GLN A 747 5.21 -0.22 7.34
CA GLN A 747 5.67 1.16 7.42
C GLN A 747 5.08 1.88 8.63
N VAL A 748 3.80 1.61 8.94
CA VAL A 748 3.17 2.35 10.02
C VAL A 748 3.71 1.87 11.37
N CYS A 749 4.24 0.64 11.43
CA CYS A 749 4.97 0.28 12.63
C CYS A 749 6.43 0.70 12.59
N GLU A 750 6.97 0.99 11.40
CA GLU A 750 8.34 1.47 11.33
C GLU A 750 8.44 2.92 11.78
N LYS A 751 7.69 3.83 11.15
CA LYS A 751 7.94 5.25 11.34
C LYS A 751 7.17 5.87 12.50
N GLU A 752 7.22 5.24 13.67
CA GLU A 752 6.84 5.81 14.97
C GLU A 752 5.45 6.47 14.96
N SER A 753 4.45 5.66 14.69
CA SER A 753 3.10 6.17 14.49
C SER A 753 2.31 6.18 15.81
N SER A 754 0.98 6.39 15.69
CA SER A 754 -0.13 6.52 16.62
C SER A 754 -0.86 5.19 16.78
N PRO A 755 -1.42 4.94 17.96
CA PRO A 755 -2.20 3.70 18.16
C PRO A 755 -3.44 3.59 17.30
N LYS A 756 -4.29 4.64 17.28
CA LYS A 756 -5.57 4.57 16.60
C LYS A 756 -5.39 4.37 15.09
N LEU A 757 -4.29 4.89 14.54
CA LEU A 757 -3.96 4.65 13.14
C LEU A 757 -3.73 3.16 12.89
N VAL A 758 -2.94 2.52 13.76
CA VAL A 758 -2.66 1.09 13.61
C VAL A 758 -3.94 0.28 13.78
N GLU A 759 -4.80 0.69 14.72
CA GLU A 759 -6.05 -0.01 14.96
C GLU A 759 -6.99 0.08 13.76
N LEU A 760 -7.15 1.28 13.19
CA LEU A 760 -8.01 1.45 12.03
C LEU A 760 -7.46 0.72 10.82
N LEU A 761 -6.13 0.66 10.69
CA LEU A 761 -5.58 -0.04 9.53
C LEU A 761 -5.67 -1.54 9.70
N LEU A 762 -5.63 -2.03 10.94
CA LEU A 762 -5.80 -3.47 11.16
C LEU A 762 -7.24 -3.91 11.02
N ASN A 763 -8.20 -3.02 11.28
CA ASN A 763 -9.60 -3.40 11.17
C ASN A 763 -9.99 -3.71 9.74
N SER A 764 -9.38 -3.03 8.77
CA SER A 764 -9.61 -3.35 7.38
C SER A 764 -8.75 -4.54 6.96
N GLY A 765 -8.73 -4.81 5.66
CA GLY A 765 -8.02 -5.98 5.16
C GLY A 765 -6.52 -5.79 5.20
N SER A 766 -5.84 -6.58 6.02
CA SER A 766 -4.38 -6.63 6.03
C SER A 766 -3.97 -8.07 6.25
N ARG A 767 -3.13 -8.60 5.37
CA ARG A 767 -2.79 -10.02 5.39
C ARG A 767 -2.02 -10.39 6.65
N GLU A 768 -2.05 -11.69 6.98
CA GLU A 768 -1.48 -12.15 8.23
C GLU A 768 0.04 -12.05 8.23
N GLN A 769 0.66 -12.27 7.07
CA GLN A 769 2.12 -12.22 7.00
C GLN A 769 2.62 -10.80 7.21
N ASP A 770 1.89 -9.81 6.70
CA ASP A 770 2.24 -8.42 6.93
C ASP A 770 2.15 -8.09 8.42
N VAL A 771 1.12 -8.59 9.09
CA VAL A 771 0.97 -8.33 10.52
C VAL A 771 2.09 -9.01 11.31
N ARG A 772 2.52 -10.19 10.86
CA ARG A 772 3.60 -10.87 11.59
C ARG A 772 4.93 -10.16 11.40
N LYS A 773 5.22 -9.70 10.17
CA LYS A 773 6.44 -8.93 9.95
C LYS A 773 6.41 -7.63 10.73
N ALA A 774 5.24 -6.98 10.79
CA ALA A 774 5.11 -5.77 11.58
C ALA A 774 5.26 -6.05 13.06
N LEU A 775 4.85 -7.24 13.50
CA LEU A 775 5.02 -7.62 14.89
C LEU A 775 6.50 -7.74 15.24
N THR A 776 7.26 -8.39 14.36
CA THR A 776 8.71 -8.50 14.57
C THR A 776 9.37 -7.12 14.57
N ILE A 777 8.94 -6.25 13.64
CA ILE A 777 9.53 -4.92 13.54
C ILE A 777 9.21 -4.09 14.77
N SER A 778 7.95 -4.08 15.19
CA SER A 778 7.54 -3.25 16.32
C SER A 778 8.01 -3.84 17.64
N ILE A 779 8.36 -5.12 17.66
CA ILE A 779 9.05 -5.66 18.82
C ILE A 779 10.50 -5.21 18.83
N GLY A 780 11.09 -5.06 17.64
CA GLY A 780 12.43 -4.50 17.54
C GLY A 780 12.56 -3.10 18.12
N LYS A 781 11.47 -2.34 18.15
CA LYS A 781 11.40 -1.06 18.84
C LYS A 781 10.41 -1.22 19.99
N GLY A 782 10.91 -1.68 21.13
CA GLY A 782 10.10 -2.09 22.27
C GLY A 782 9.05 -1.10 22.74
N ASP A 783 7.78 -1.46 22.52
CA ASP A 783 6.66 -0.56 22.79
C ASP A 783 5.41 -1.42 22.91
N SER A 784 4.82 -1.44 24.11
CA SER A 784 3.77 -2.40 24.43
C SER A 784 2.48 -2.11 23.67
N GLN A 785 2.22 -0.85 23.32
CA GLN A 785 0.92 -0.45 22.81
C GLN A 785 0.63 -1.05 21.44
N ILE A 786 1.52 -0.81 20.48
CA ILE A 786 1.27 -1.26 19.12
C ILE A 786 1.36 -2.78 19.03
N ILE A 787 2.24 -3.40 19.82
CA ILE A 787 2.33 -4.85 19.76
C ILE A 787 1.12 -5.49 20.44
N SER A 788 0.52 -4.81 21.41
CA SER A 788 -0.73 -5.32 21.97
C SER A 788 -1.85 -5.22 20.95
N LEU A 789 -1.92 -4.10 20.22
CA LEU A 789 -2.94 -3.97 19.19
C LEU A 789 -2.72 -4.95 18.04
N LEU A 790 -1.47 -5.34 17.79
CA LEU A 790 -1.21 -6.35 16.78
C LEU A 790 -1.60 -7.74 17.27
N LEU A 791 -1.25 -8.05 18.52
CA LEU A 791 -1.50 -9.38 19.05
C LEU A 791 -2.99 -9.63 19.25
N ARG A 792 -3.77 -8.56 19.45
CA ARG A 792 -5.22 -8.73 19.54
C ARG A 792 -5.82 -9.24 18.23
N ARG A 793 -5.20 -8.91 17.11
CA ARG A 793 -5.70 -9.38 15.81
C ARG A 793 -5.04 -10.67 15.38
N LEU A 794 -3.99 -11.13 16.05
CA LEU A 794 -3.33 -12.37 15.67
C LEU A 794 -3.64 -13.54 16.60
N ALA A 795 -3.47 -13.36 17.90
CA ALA A 795 -3.54 -14.49 18.83
C ALA A 795 -4.92 -14.66 19.45
N LEU A 796 -5.58 -13.57 19.81
CA LEU A 796 -6.78 -13.65 20.64
C LEU A 796 -7.97 -14.19 19.84
N ASP A 797 -8.52 -15.30 20.29
CA ASP A 797 -9.77 -15.86 19.79
C ASP A 797 -10.76 -15.82 20.95
N VAL A 798 -11.60 -14.78 20.96
CA VAL A 798 -12.43 -14.51 22.12
C VAL A 798 -13.58 -15.51 22.24
N ALA A 799 -13.98 -16.15 21.15
CA ALA A 799 -15.16 -17.00 21.16
C ALA A 799 -14.95 -18.30 21.95
N ASN A 800 -13.70 -18.68 22.22
CA ASN A 800 -13.42 -19.87 22.98
C ASN A 800 -12.70 -19.56 24.28
N ASN A 801 -12.58 -18.29 24.64
CA ASN A 801 -11.72 -17.81 25.73
C ASN A 801 -10.31 -18.35 25.58
N SER A 802 -9.65 -17.94 24.50
CA SER A 802 -8.37 -18.54 24.16
C SER A 802 -7.37 -17.51 23.66
N ILE A 803 -6.12 -17.64 24.10
CA ILE A 803 -4.98 -16.95 23.52
C ILE A 803 -4.15 -18.01 22.80
N CYS A 804 -4.03 -17.88 21.48
CA CYS A 804 -3.31 -18.84 20.66
C CYS A 804 -1.93 -18.34 20.27
N LEU A 805 -1.23 -17.66 21.19
CA LEU A 805 0.03 -16.97 20.89
C LEU A 805 1.12 -18.03 20.69
N GLY A 806 1.08 -18.67 19.53
CA GLY A 806 1.85 -19.88 19.30
C GLY A 806 3.18 -19.69 18.61
N GLY A 807 3.25 -20.10 17.34
CA GLY A 807 4.49 -20.19 16.61
C GLY A 807 5.20 -18.89 16.28
N PHE A 808 4.68 -17.75 16.71
CA PHE A 808 5.37 -16.48 16.51
C PHE A 808 6.58 -16.43 17.42
N CYS A 809 7.77 -16.44 16.83
CA CYS A 809 9.00 -16.38 17.61
C CYS A 809 9.12 -15.00 18.23
N ILE A 810 8.81 -14.89 19.52
CA ILE A 810 8.87 -13.63 20.25
C ILE A 810 9.71 -13.88 21.51
N GLY A 811 11.01 -13.63 21.40
CA GLY A 811 12.00 -14.04 22.38
C GLY A 811 11.79 -13.60 23.82
N LYS A 812 10.94 -12.60 24.03
CA LYS A 812 10.57 -12.18 25.36
C LYS A 812 9.06 -12.20 25.49
N VAL A 813 8.58 -12.29 26.72
CA VAL A 813 7.15 -12.15 27.01
C VAL A 813 6.95 -11.15 28.15
N GLU A 814 6.73 -9.90 27.79
CA GLU A 814 6.51 -8.97 28.88
C GLU A 814 5.02 -8.94 29.25
N PRO A 815 4.69 -8.83 30.53
CA PRO A 815 3.27 -8.80 30.92
C PRO A 815 2.54 -7.58 30.43
N SER A 816 3.23 -6.46 30.24
CA SER A 816 2.57 -5.26 29.76
C SER A 816 2.15 -5.39 28.31
N TRP A 817 2.79 -6.26 27.54
CA TRP A 817 2.38 -6.50 26.16
C TRP A 817 0.99 -7.10 26.11
N LEU A 818 0.86 -8.33 26.61
CA LEU A 818 -0.38 -9.08 26.55
C LEU A 818 -1.27 -8.85 27.75
N GLY A 819 -1.04 -7.77 28.48
CA GLY A 819 -1.95 -7.29 29.49
C GLY A 819 -3.35 -6.99 28.97
N PRO A 820 -3.48 -6.06 28.01
CA PRO A 820 -4.81 -5.74 27.47
C PRO A 820 -5.46 -6.86 26.66
N LEU A 821 -4.77 -7.98 26.43
CA LEU A 821 -5.44 -9.11 25.79
C LEU A 821 -6.48 -9.72 26.71
N PHE A 822 -6.18 -9.78 28.00
CA PHE A 822 -7.14 -10.27 28.98
C PHE A 822 -8.31 -9.29 29.06
N PRO A 823 -9.53 -9.77 29.32
CA PRO A 823 -10.72 -8.95 29.01
C PRO A 823 -10.91 -7.75 29.92
N ASP A 824 -10.40 -7.80 31.15
CA ASP A 824 -10.53 -6.72 32.14
C ASP A 824 -11.98 -6.35 32.41
N THR A 833 -15.97 9.41 18.25
CA THR A 833 -16.22 10.52 17.33
C THR A 833 -16.50 10.01 15.93
N ASN A 834 -17.61 10.46 15.35
CA ASN A 834 -18.03 10.06 14.02
C ASN A 834 -17.63 11.05 12.94
N ILE A 835 -16.50 11.74 13.13
CA ILE A 835 -16.06 12.77 12.19
C ILE A 835 -15.79 12.17 10.81
N ALA A 836 -15.01 11.08 10.79
CA ALA A 836 -14.62 10.47 9.52
C ALA A 836 -15.82 9.89 8.79
N SER A 837 -16.76 9.31 9.52
CA SER A 837 -17.95 8.74 8.87
C SER A 837 -18.87 9.83 8.32
N THR A 838 -18.97 10.97 9.02
CA THR A 838 -19.75 12.08 8.48
C THR A 838 -19.11 12.66 7.23
N LEU A 839 -17.78 12.82 7.24
CA LEU A 839 -17.09 13.25 6.03
C LEU A 839 -17.26 12.25 4.91
N ALA A 840 -17.28 10.95 5.25
CA ALA A 840 -17.53 9.90 4.28
C ALA A 840 -18.91 10.04 3.68
N ARG A 841 -19.92 10.36 4.50
CA ARG A 841 -21.27 10.58 4.01
C ARG A 841 -21.30 11.76 3.04
N MET A 842 -20.59 12.84 3.38
CA MET A 842 -20.50 14.01 2.50
C MET A 842 -19.93 13.64 1.15
N VAL A 843 -18.79 12.94 1.14
CA VAL A 843 -18.11 12.70 -0.13
C VAL A 843 -18.87 11.66 -0.96
N ILE A 844 -19.51 10.67 -0.34
CA ILE A 844 -20.26 9.72 -1.15
C ILE A 844 -21.53 10.35 -1.69
N ARG A 845 -22.13 11.29 -0.93
CA ARG A 845 -23.29 12.00 -1.44
C ARG A 845 -22.91 12.88 -2.62
N TYR A 846 -21.76 13.56 -2.53
CA TYR A 846 -21.35 14.42 -3.63
C TYR A 846 -20.93 13.62 -4.85
N GLN A 847 -20.28 12.48 -4.64
CA GLN A 847 -19.90 11.61 -5.75
C GLN A 847 -21.13 11.04 -6.44
N MET A 848 -22.15 10.67 -5.67
CA MET A 848 -23.38 10.17 -6.27
C MET A 848 -24.14 11.29 -6.98
N LYS A 849 -24.08 12.51 -6.44
CA LYS A 849 -24.79 13.63 -7.06
C LYS A 849 -24.13 14.05 -8.37
N SER A 850 -22.80 14.00 -8.43
CA SER A 850 -22.12 14.29 -9.69
C SER A 850 -22.29 13.16 -10.70
N ALA A 851 -22.52 11.94 -10.24
CA ALA A 851 -22.74 10.81 -11.13
C ALA A 851 -24.18 10.84 -11.64
N GLU A 982 -15.69 -13.08 32.26
CA GLU A 982 -15.28 -14.10 31.31
C GLU A 982 -13.78 -14.28 31.31
N TYR A 983 -13.27 -14.97 32.33
CA TYR A 983 -11.85 -15.27 32.43
C TYR A 983 -11.41 -16.10 31.24
N ILE A 984 -10.31 -15.69 30.61
CA ILE A 984 -9.83 -16.34 29.40
C ILE A 984 -8.87 -17.45 29.77
N THR A 985 -9.21 -18.69 29.39
CA THR A 985 -8.50 -19.88 29.85
C THR A 985 -7.95 -20.69 28.68
N SER A 986 -6.79 -20.30 28.14
CA SER A 986 -6.06 -21.29 27.36
C SER A 986 -4.55 -21.15 27.38
N LEU A 987 -3.99 -20.13 28.05
CA LEU A 987 -2.84 -19.37 27.54
C LEU A 987 -1.73 -20.22 26.94
N ASP A 988 -1.56 -20.09 25.63
CA ASP A 988 -0.76 -21.02 24.83
C ASP A 988 0.41 -20.23 24.29
N LEU A 989 1.58 -20.47 24.86
CA LEU A 989 2.80 -19.74 24.56
C LEU A 989 3.86 -20.78 24.30
N SER A 990 3.92 -21.31 23.08
CA SER A 990 4.64 -22.56 22.88
C SER A 990 5.90 -22.41 22.05
N ALA A 991 5.80 -22.01 20.79
CA ALA A 991 6.95 -22.15 19.92
C ALA A 991 7.83 -20.91 19.87
N ASN A 992 7.45 -19.86 20.58
CA ASN A 992 8.33 -18.71 20.74
C ASN A 992 9.62 -19.14 21.43
N GLU A 993 10.76 -18.75 20.87
CA GLU A 993 12.05 -19.18 21.40
C GLU A 993 12.38 -18.47 22.70
N LEU A 994 11.62 -18.77 23.75
CA LEU A 994 11.79 -18.11 25.02
C LEU A 994 13.05 -18.61 25.74
N ARG A 995 13.43 -17.87 26.76
CA ARG A 995 14.53 -18.28 27.63
C ARG A 995 14.23 -18.13 29.11
N ASP A 996 13.24 -17.31 29.50
CA ASP A 996 12.86 -17.17 30.88
C ASP A 996 11.45 -16.58 30.96
N ILE A 997 10.61 -17.17 31.82
CA ILE A 997 9.28 -16.63 32.08
C ILE A 997 9.32 -15.62 33.22
N ASP A 998 10.51 -15.32 33.75
CA ASP A 998 10.65 -14.55 34.99
C ASP A 998 10.05 -13.15 34.90
N ALA A 999 9.83 -12.64 33.69
CA ALA A 999 9.15 -11.36 33.55
C ALA A 999 7.69 -11.46 34.03
N LEU A 1000 7.04 -12.58 33.74
CA LEU A 1000 5.68 -12.78 34.20
C LEU A 1000 5.60 -13.07 35.69
N SER A 1001 6.72 -13.42 36.32
CA SER A 1001 6.68 -13.92 37.69
C SER A 1001 6.40 -12.81 38.69
N GLN A 1002 6.89 -11.60 38.41
CA GLN A 1002 6.69 -10.48 39.34
C GLN A 1002 5.22 -10.07 39.37
N LYS A 1003 4.82 -9.46 40.48
CA LYS A 1003 3.42 -9.08 40.71
C LYS A 1003 3.11 -7.86 39.85
N CYS A 1004 2.81 -8.13 38.58
CA CYS A 1004 2.47 -7.09 37.62
C CYS A 1004 0.97 -6.84 37.64
N CYS A 1005 0.46 -6.11 36.63
CA CYS A 1005 -0.97 -5.84 36.56
C CYS A 1005 -1.76 -7.04 36.09
N ILE A 1006 -1.09 -8.04 35.50
CA ILE A 1006 -1.77 -9.20 34.93
C ILE A 1006 -2.25 -10.19 35.99
N SER A 1007 -1.76 -10.06 37.23
CA SER A 1007 -1.70 -11.18 38.18
C SER A 1007 -3.06 -11.77 38.47
N VAL A 1008 -4.08 -10.93 38.67
CA VAL A 1008 -5.41 -11.42 39.04
C VAL A 1008 -5.97 -12.28 37.91
N HIS A 1009 -5.75 -11.86 36.67
CA HIS A 1009 -6.23 -12.63 35.54
C HIS A 1009 -5.48 -13.95 35.36
N LEU A 1010 -4.35 -14.13 36.02
CA LEU A 1010 -3.68 -15.42 36.03
C LEU A 1010 -4.21 -16.36 37.09
N GLU A 1011 -5.22 -15.96 37.85
CA GLU A 1011 -5.77 -16.87 38.84
C GLU A 1011 -6.86 -17.78 38.27
N HIS A 1012 -7.08 -17.75 36.95
CA HIS A 1012 -8.15 -18.52 36.35
C HIS A 1012 -7.72 -19.13 35.02
N LEU A 1013 -6.45 -19.51 34.90
CA LEU A 1013 -5.89 -19.75 33.58
C LEU A 1013 -6.24 -21.12 33.01
N GLU A 1014 -6.35 -22.13 33.88
CA GLU A 1014 -6.93 -23.44 33.58
C GLU A 1014 -6.23 -24.30 32.53
N LYS A 1015 -5.18 -23.78 31.89
CA LYS A 1015 -4.15 -24.56 31.19
C LYS A 1015 -3.04 -23.63 30.74
N LEU A 1016 -1.82 -24.12 30.71
CA LEU A 1016 -0.68 -23.29 30.35
C LEU A 1016 0.29 -24.14 29.55
N GLU A 1017 0.57 -23.73 28.33
CA GLU A 1017 1.43 -24.50 27.45
C GLU A 1017 2.75 -23.76 27.26
N LEU A 1018 3.85 -24.48 27.41
CA LEU A 1018 5.17 -23.91 27.25
C LEU A 1018 6.10 -24.88 26.53
N HIS A 1019 5.55 -25.71 25.64
CA HIS A 1019 6.35 -26.77 25.06
C HIS A 1019 7.13 -26.27 23.87
N GLN A 1020 8.29 -26.89 23.64
CA GLN A 1020 9.27 -26.51 22.61
C GLN A 1020 9.78 -25.09 22.82
N ASN A 1021 10.37 -24.87 23.99
CA ASN A 1021 11.09 -23.64 24.30
C ASN A 1021 12.46 -24.00 24.86
N ALA A 1022 13.14 -23.00 25.41
CA ALA A 1022 14.44 -23.21 26.04
C ALA A 1022 14.45 -22.80 27.50
N LEU A 1023 13.43 -23.16 28.27
CA LEU A 1023 13.32 -22.72 29.64
C LEU A 1023 14.27 -23.47 30.56
N THR A 1024 14.59 -22.83 31.68
CA THR A 1024 15.23 -23.46 32.82
C THR A 1024 14.54 -22.98 34.08
N SER A 1025 14.07 -23.91 34.90
CA SER A 1025 13.64 -23.66 36.28
C SER A 1025 12.48 -22.64 36.32
N PHE A 1026 11.32 -23.12 35.89
CA PHE A 1026 10.02 -22.47 36.12
C PHE A 1026 9.94 -21.93 37.55
N PRO A 1027 9.71 -20.62 37.72
CA PRO A 1027 9.97 -20.00 39.01
C PRO A 1027 8.89 -20.30 40.05
N GLN A 1028 9.19 -19.89 41.28
CA GLN A 1028 8.38 -20.28 42.43
C GLN A 1028 7.08 -19.47 42.53
N GLN A 1029 7.20 -18.14 42.57
CA GLN A 1029 6.02 -17.32 42.82
C GLN A 1029 5.05 -17.34 41.66
N LEU A 1030 5.49 -17.74 40.47
CA LEU A 1030 4.53 -17.96 39.38
C LEU A 1030 3.70 -19.20 39.65
N CYS A 1031 4.30 -20.22 40.27
CA CYS A 1031 3.54 -21.40 40.64
C CYS A 1031 2.60 -21.09 41.80
N GLU A 1032 3.05 -20.33 42.78
CA GLU A 1032 2.17 -19.94 43.87
C GLU A 1032 1.08 -18.99 43.42
N THR A 1033 1.32 -18.24 42.34
CA THR A 1033 0.30 -17.33 41.82
C THR A 1033 -0.83 -18.11 41.15
N LEU A 1034 -0.48 -19.07 40.32
CA LEU A 1034 -1.48 -19.89 39.64
C LEU A 1034 -2.26 -20.73 40.65
N LYS A 1035 -3.57 -20.82 40.44
CA LYS A 1035 -4.41 -21.54 41.37
C LYS A 1035 -5.51 -22.35 40.68
N SER A 1036 -5.51 -22.42 39.35
CA SER A 1036 -6.57 -23.15 38.68
C SER A 1036 -6.08 -23.97 37.50
N LEU A 1037 -4.79 -24.21 37.38
CA LEU A 1037 -4.25 -24.90 36.21
C LEU A 1037 -4.62 -26.38 36.28
N THR A 1038 -5.68 -26.77 35.60
CA THR A 1038 -5.99 -28.18 35.46
C THR A 1038 -5.29 -28.81 34.27
N HIS A 1039 -4.18 -28.22 33.82
CA HIS A 1039 -3.31 -28.74 32.78
C HIS A 1039 -2.04 -27.91 32.76
N LEU A 1040 -0.94 -28.56 32.40
CA LEU A 1040 0.35 -27.89 32.24
C LEU A 1040 1.27 -28.80 31.44
N ASP A 1041 1.81 -28.31 30.34
CA ASP A 1041 2.73 -29.11 29.53
C ASP A 1041 3.93 -28.26 29.18
N LEU A 1042 5.09 -28.65 29.69
CA LEU A 1042 6.34 -27.98 29.40
C LEU A 1042 7.35 -29.07 29.05
N HIS A 1043 7.36 -29.45 27.78
CA HIS A 1043 8.31 -30.42 27.29
C HIS A 1043 9.17 -29.80 26.21
N SER A 1044 10.20 -30.54 25.80
CA SER A 1044 11.24 -30.15 24.87
C SER A 1044 12.07 -28.96 25.35
N ASN A 1045 11.90 -28.54 26.60
CA ASN A 1045 12.72 -27.48 27.16
C ASN A 1045 14.07 -28.04 27.60
N LYS A 1046 14.98 -27.15 27.96
CA LYS A 1046 16.26 -27.56 28.51
C LYS A 1046 16.25 -27.45 30.04
N PHE A 1047 15.38 -28.22 30.67
CA PHE A 1047 15.39 -28.28 32.13
C PHE A 1047 16.60 -29.07 32.61
N THR A 1048 16.92 -28.91 33.90
CA THR A 1048 18.02 -29.64 34.50
C THR A 1048 17.58 -30.58 35.61
N SER A 1049 16.78 -30.12 36.56
CA SER A 1049 16.25 -30.98 37.61
C SER A 1049 14.79 -30.63 37.83
N PHE A 1050 14.09 -31.55 38.46
CA PHE A 1050 12.68 -31.34 38.76
C PHE A 1050 12.55 -30.26 39.82
N PRO A 1051 11.71 -29.25 39.60
CA PRO A 1051 11.58 -28.17 40.60
C PRO A 1051 10.98 -28.64 41.91
N SER A 1052 10.06 -29.60 41.88
CA SER A 1052 9.37 -30.23 43.01
C SER A 1052 8.46 -29.30 43.79
N TYR A 1053 8.34 -28.04 43.40
CA TYR A 1053 7.29 -27.17 43.91
C TYR A 1053 6.18 -26.97 42.90
N LEU A 1054 6.27 -27.60 41.73
CA LEU A 1054 5.13 -27.65 40.82
C LEU A 1054 3.96 -28.38 41.44
N LEU A 1055 4.25 -29.39 42.26
CA LEU A 1055 3.22 -30.16 42.94
C LEU A 1055 2.75 -29.50 44.23
N LYS A 1056 3.03 -28.21 44.42
CA LYS A 1056 2.50 -27.49 45.56
C LYS A 1056 1.36 -26.58 45.16
N MET A 1057 1.01 -26.53 43.87
CA MET A 1057 -0.15 -25.78 43.44
C MET A 1057 -1.43 -26.45 43.96
N SER A 1058 -2.46 -25.62 44.16
CA SER A 1058 -3.69 -26.11 44.76
C SER A 1058 -4.38 -27.14 43.88
N CYS A 1059 -4.80 -26.73 42.69
CA CYS A 1059 -5.53 -27.61 41.78
C CYS A 1059 -4.70 -27.77 40.52
N ILE A 1060 -3.80 -28.75 40.52
CA ILE A 1060 -3.03 -29.11 39.34
C ILE A 1060 -3.33 -30.56 38.98
N ALA A 1061 -3.32 -30.85 37.68
CA ALA A 1061 -3.28 -32.21 37.18
C ALA A 1061 -2.50 -32.18 35.88
N ASN A 1062 -2.27 -33.36 35.32
CA ASN A 1062 -1.78 -33.54 33.95
C ASN A 1062 -0.41 -32.91 33.71
N LEU A 1063 0.45 -32.88 34.72
CA LEU A 1063 1.77 -32.26 34.59
C LEU A 1063 2.61 -33.03 33.58
N ASP A 1064 3.32 -32.30 32.73
CA ASP A 1064 3.99 -32.91 31.59
C ASP A 1064 5.41 -32.35 31.46
N VAL A 1065 6.39 -33.21 31.68
CA VAL A 1065 7.80 -32.95 31.42
C VAL A 1065 8.28 -34.13 30.60
N SER A 1066 8.59 -33.92 29.33
CA SER A 1066 8.69 -35.10 28.47
C SER A 1066 9.89 -35.17 27.55
N ARG A 1067 10.64 -34.10 27.29
CA ARG A 1067 11.83 -34.24 26.47
C ARG A 1067 13.00 -33.43 27.00
N ASN A 1068 12.98 -33.07 28.28
CA ASN A 1068 14.01 -32.20 28.84
C ASN A 1068 15.27 -33.01 29.14
N ASP A 1069 16.19 -32.42 29.87
CA ASP A 1069 17.32 -33.16 30.43
C ASP A 1069 17.15 -33.17 31.93
N ILE A 1070 16.30 -34.08 32.41
CA ILE A 1070 16.03 -34.23 33.83
C ILE A 1070 17.06 -35.23 34.35
N GLY A 1071 18.04 -34.74 35.08
CA GLY A 1071 19.10 -35.56 35.61
C GLY A 1071 18.60 -36.57 36.61
N PRO A 1072 19.42 -37.57 36.93
CA PRO A 1072 19.00 -38.63 37.84
C PRO A 1072 18.79 -38.10 39.24
N SER A 1073 18.22 -38.96 40.09
CA SER A 1073 17.77 -38.59 41.43
C SER A 1073 16.74 -37.45 41.36
N VAL A 1074 15.57 -37.83 40.84
CA VAL A 1074 14.46 -36.93 40.53
C VAL A 1074 13.48 -36.97 41.70
N VAL A 1075 14.02 -37.28 42.89
CA VAL A 1075 13.26 -37.46 44.12
C VAL A 1075 12.33 -36.28 44.39
N LEU A 1076 11.08 -36.60 44.74
CA LEU A 1076 10.09 -35.61 45.13
C LEU A 1076 10.19 -35.33 46.61
N ASP A 1077 9.96 -34.08 46.98
CA ASP A 1077 10.11 -33.66 48.36
C ASP A 1077 9.02 -34.33 49.20
N PRO A 1078 9.37 -34.96 50.33
CA PRO A 1078 8.35 -35.63 51.14
C PRO A 1078 7.36 -34.68 51.79
N THR A 1079 7.73 -33.43 52.02
CA THR A 1079 6.84 -32.48 52.67
C THR A 1079 6.11 -31.63 51.61
N VAL A 1080 5.31 -32.33 50.82
CA VAL A 1080 4.30 -31.73 49.95
C VAL A 1080 3.30 -32.81 49.62
N LYS A 1081 2.01 -32.49 49.62
CA LYS A 1081 0.96 -33.44 49.32
C LYS A 1081 0.09 -32.87 48.21
N CYS A 1082 0.07 -33.56 47.07
CA CYS A 1082 -0.74 -33.17 45.91
C CYS A 1082 -1.62 -34.35 45.52
N PRO A 1083 -2.69 -34.59 46.26
CA PRO A 1083 -3.56 -35.71 45.92
C PRO A 1083 -4.60 -35.36 44.88
N THR A 1084 -4.19 -34.67 43.81
CA THR A 1084 -5.09 -34.35 42.73
C THR A 1084 -4.45 -34.46 41.35
N LEU A 1085 -3.26 -35.03 41.26
CA LEU A 1085 -2.68 -35.30 39.95
C LEU A 1085 -3.41 -36.44 39.27
N LYS A 1086 -3.38 -36.44 37.95
CA LYS A 1086 -3.95 -37.53 37.18
C LYS A 1086 -3.02 -38.10 36.13
N GLN A 1087 -2.05 -37.33 35.64
CA GLN A 1087 -1.01 -37.83 34.76
C GLN A 1087 0.31 -37.23 35.19
N PHE A 1088 1.37 -38.04 35.15
CA PHE A 1088 2.71 -37.55 35.46
C PHE A 1088 3.61 -38.09 34.36
N ASN A 1089 3.68 -37.37 33.26
CA ASN A 1089 4.55 -37.76 32.17
C ASN A 1089 5.96 -37.34 32.51
N LEU A 1090 6.88 -38.29 32.50
CA LEU A 1090 8.27 -37.98 32.84
C LEU A 1090 9.17 -38.67 31.85
N SER A 1091 8.75 -38.69 30.60
CA SER A 1091 9.38 -39.54 29.61
C SER A 1091 10.66 -38.93 29.08
N TYR A 1092 11.48 -39.79 28.49
CA TYR A 1092 12.57 -39.46 27.58
C TYR A 1092 13.69 -38.59 28.11
N ASN A 1093 13.74 -38.25 29.41
CA ASN A 1093 14.78 -37.28 29.71
C ASN A 1093 16.14 -37.89 29.99
N GLN A 1094 16.43 -38.19 31.27
CA GLN A 1094 17.65 -38.87 31.70
C GLN A 1094 17.50 -39.64 33.00
N LEU A 1095 16.32 -40.17 33.30
CA LEU A 1095 16.14 -40.79 34.61
C LEU A 1095 16.98 -42.05 34.74
N SER A 1096 17.59 -42.23 35.90
CA SER A 1096 18.35 -43.44 36.19
C SER A 1096 17.66 -44.30 37.22
N PHE A 1097 16.42 -43.96 37.58
CA PHE A 1097 15.62 -44.73 38.52
C PHE A 1097 14.15 -44.44 38.22
N VAL A 1098 13.29 -44.89 39.12
CA VAL A 1098 11.90 -44.43 39.18
C VAL A 1098 11.98 -43.20 40.07
N PRO A 1099 11.02 -42.28 40.07
CA PRO A 1099 10.98 -41.25 41.12
C PRO A 1099 10.85 -41.89 42.50
N GLU A 1100 11.43 -41.22 43.50
CA GLU A 1100 11.63 -41.87 44.80
C GLU A 1100 10.32 -41.96 45.57
N ASN A 1101 9.72 -40.83 45.90
CA ASN A 1101 8.48 -40.82 46.66
C ASN A 1101 7.33 -40.53 45.73
N LEU A 1102 6.72 -41.60 45.24
CA LEU A 1102 5.48 -41.48 44.48
C LEU A 1102 4.25 -41.87 45.28
N THR A 1103 4.39 -42.83 46.19
CA THR A 1103 3.23 -43.33 46.92
C THR A 1103 2.74 -42.40 48.00
N ASP A 1104 3.50 -41.35 48.34
CA ASP A 1104 3.09 -40.42 49.37
C ASP A 1104 2.67 -39.06 48.83
N VAL A 1105 3.31 -38.58 47.78
CA VAL A 1105 3.01 -37.27 47.23
C VAL A 1105 1.96 -37.33 46.13
N VAL A 1106 1.93 -38.40 45.35
CA VAL A 1106 1.16 -38.44 44.11
C VAL A 1106 0.15 -39.58 44.21
N GLU A 1107 -0.48 -39.71 45.38
CA GLU A 1107 -1.46 -40.77 45.68
C GLU A 1107 -2.43 -41.09 44.55
N LYS A 1108 -3.06 -40.08 43.98
CA LYS A 1108 -4.10 -40.30 43.00
C LYS A 1108 -3.59 -40.41 41.58
N LEU A 1109 -2.35 -40.81 41.38
CA LEU A 1109 -1.78 -40.85 40.03
C LEU A 1109 -2.41 -41.97 39.22
N GLU A 1110 -2.59 -41.72 37.93
CA GLU A 1110 -3.10 -42.75 37.02
C GLU A 1110 -2.10 -43.11 35.93
N GLN A 1111 -1.71 -42.17 35.08
CA GLN A 1111 -0.92 -42.50 33.89
C GLN A 1111 0.56 -42.15 34.09
N LEU A 1112 1.19 -42.86 35.01
CA LEU A 1112 2.62 -42.69 35.20
C LEU A 1112 3.36 -43.25 33.99
N ILE A 1113 3.82 -42.36 33.11
CA ILE A 1113 4.61 -42.73 31.96
C ILE A 1113 6.07 -42.48 32.29
N LEU A 1114 6.95 -43.39 31.84
CA LEU A 1114 8.36 -43.26 32.18
C LEU A 1114 9.28 -43.65 31.04
N GLU A 1115 8.80 -43.66 29.80
CA GLU A 1115 9.55 -44.31 28.73
C GLU A 1115 10.77 -43.51 28.33
N GLY A 1116 11.66 -44.17 27.60
CA GLY A 1116 12.79 -43.53 26.97
C GLY A 1116 13.93 -43.11 27.87
N ASN A 1117 13.80 -43.27 29.18
CA ASN A 1117 14.87 -42.89 30.09
C ASN A 1117 15.90 -43.99 30.13
N LYS A 1118 16.80 -43.95 31.11
CA LYS A 1118 17.85 -44.93 31.27
C LYS A 1118 17.68 -45.68 32.58
N ILE A 1119 16.46 -46.12 32.84
CA ILE A 1119 16.12 -46.86 34.06
C ILE A 1119 16.88 -48.18 34.06
N SER A 1120 17.65 -48.42 35.12
CA SER A 1120 18.69 -49.44 35.10
C SER A 1120 18.31 -50.68 35.87
N GLY A 1121 17.99 -50.54 37.15
CA GLY A 1121 17.92 -51.68 38.03
C GLY A 1121 16.51 -52.03 38.48
N ILE A 1122 16.47 -52.94 39.45
CA ILE A 1122 15.20 -53.37 40.03
C ILE A 1122 14.52 -52.20 40.72
N CYS A 1123 13.23 -52.05 40.45
CA CYS A 1123 12.48 -50.92 40.96
C CYS A 1123 11.96 -51.22 42.37
N SER A 1124 11.32 -50.25 42.97
CA SER A 1124 10.63 -50.35 44.25
C SER A 1124 9.32 -51.07 44.06
N PRO A 1125 8.69 -51.56 45.15
CA PRO A 1125 7.34 -52.15 45.02
C PRO A 1125 6.27 -51.24 44.43
N LEU A 1126 6.49 -49.92 44.37
CA LEU A 1126 5.65 -48.98 43.62
C LEU A 1126 4.20 -49.01 44.12
N ARG A 1127 4.01 -48.54 45.36
CA ARG A 1127 2.77 -48.76 46.09
C ARG A 1127 1.68 -47.73 45.76
N LEU A 1128 1.66 -47.20 44.54
CA LEU A 1128 0.53 -46.40 44.09
C LEU A 1128 -0.75 -47.22 44.11
N LYS A 1129 -1.89 -46.53 44.23
CA LYS A 1129 -3.16 -47.21 44.44
C LYS A 1129 -4.20 -46.94 43.37
N GLU A 1130 -3.89 -46.14 42.36
CA GLU A 1130 -4.86 -45.93 41.28
C GLU A 1130 -4.23 -45.86 39.91
N LEU A 1131 -3.09 -46.53 39.69
CA LEU A 1131 -2.48 -46.57 38.38
C LEU A 1131 -3.40 -47.21 37.36
N LYS A 1132 -3.31 -46.75 36.11
CA LYS A 1132 -4.01 -47.43 35.03
C LYS A 1132 -3.10 -47.66 33.83
N ILE A 1133 -2.19 -46.74 33.56
CA ILE A 1133 -1.32 -46.81 32.39
C ILE A 1133 0.11 -46.67 32.90
N LEU A 1134 0.76 -47.79 33.16
CA LEU A 1134 2.15 -47.79 33.61
C LEU A 1134 3.02 -48.07 32.41
N ASN A 1135 3.75 -47.07 31.95
CA ASN A 1135 4.59 -47.19 30.76
C ASN A 1135 6.05 -47.21 31.19
N LEU A 1136 6.78 -48.24 30.76
CA LEU A 1136 8.19 -48.40 31.12
C LEU A 1136 9.02 -48.82 29.92
N SER A 1137 8.53 -48.56 28.71
CA SER A 1137 9.22 -48.96 27.50
C SER A 1137 10.55 -48.23 27.34
N LYS A 1138 11.42 -48.82 26.51
CA LYS A 1138 12.69 -48.24 26.08
C LYS A 1138 13.57 -47.85 27.26
N ASN A 1139 13.90 -48.84 28.08
CA ASN A 1139 14.87 -48.67 29.14
C ASN A 1139 15.80 -49.87 29.19
N HIS A 1140 16.83 -49.77 29.99
CA HIS A 1140 17.72 -50.90 30.25
C HIS A 1140 17.36 -51.54 31.59
N ILE A 1141 16.13 -52.04 31.69
CA ILE A 1141 15.61 -52.58 32.94
C ILE A 1141 15.74 -54.10 32.86
N SER A 1142 16.67 -54.64 33.64
CA SER A 1142 17.07 -56.04 33.44
C SER A 1142 16.04 -57.01 33.99
N SER A 1143 15.81 -56.97 35.30
CA SER A 1143 14.88 -57.92 35.90
C SER A 1143 13.97 -57.18 36.87
N LEU A 1144 12.68 -57.39 36.72
CA LEU A 1144 11.70 -56.72 37.55
C LEU A 1144 11.68 -57.34 38.95
N SER A 1145 11.28 -56.55 39.93
CA SER A 1145 11.14 -57.05 41.28
C SER A 1145 9.88 -57.91 41.38
N GLU A 1146 9.86 -58.82 42.35
CA GLU A 1146 8.78 -59.79 42.45
C GLU A 1146 7.47 -59.11 42.83
N ASN A 1147 7.52 -58.18 43.77
CA ASN A 1147 6.34 -57.44 44.21
C ASN A 1147 6.15 -56.12 43.47
N PHE A 1148 6.55 -56.06 42.19
CA PHE A 1148 6.53 -54.80 41.44
C PHE A 1148 5.11 -54.29 41.25
N LEU A 1149 4.21 -55.14 40.75
CA LEU A 1149 2.81 -54.77 40.63
C LEU A 1149 1.95 -55.45 41.70
N GLU A 1150 2.54 -55.73 42.86
CA GLU A 1150 1.82 -56.45 43.91
C GLU A 1150 0.66 -55.63 44.47
N ALA A 1151 0.86 -54.33 44.61
CA ALA A 1151 -0.15 -53.50 45.25
C ALA A 1151 -0.55 -52.33 44.35
N CYS A 1152 -0.80 -52.61 43.07
CA CYS A 1152 -1.31 -51.60 42.14
C CYS A 1152 -2.57 -52.11 41.44
N PRO A 1153 -3.61 -52.50 42.20
CA PRO A 1153 -4.66 -53.34 41.65
C PRO A 1153 -5.69 -52.60 40.79
N LYS A 1154 -5.20 -51.73 39.91
CA LYS A 1154 -6.06 -51.17 38.88
C LYS A 1154 -5.34 -50.97 37.55
N VAL A 1155 -4.17 -51.55 37.36
CA VAL A 1155 -3.40 -51.29 36.14
C VAL A 1155 -4.09 -51.93 34.95
N GLU A 1156 -3.87 -51.34 33.77
CA GLU A 1156 -4.45 -51.91 32.55
C GLU A 1156 -3.51 -51.95 31.37
N SER A 1157 -2.42 -51.19 31.35
CA SER A 1157 -1.65 -51.00 30.13
C SER A 1157 -0.15 -51.06 30.40
N PHE A 1158 0.30 -52.09 31.13
CA PHE A 1158 1.73 -52.23 31.37
C PHE A 1158 2.46 -52.51 30.08
N SER A 1159 3.14 -51.50 29.54
CA SER A 1159 3.86 -51.63 28.28
C SER A 1159 5.33 -51.39 28.55
N ALA A 1160 6.12 -52.47 28.56
CA ALA A 1160 7.56 -52.37 28.73
C ALA A 1160 8.22 -52.90 27.46
N ARG A 1161 8.37 -52.03 26.47
CA ARG A 1161 8.92 -52.40 25.19
C ARG A 1161 10.43 -52.19 25.16
N MET A 1162 11.09 -52.96 24.30
CA MET A 1162 12.54 -52.95 24.01
C MET A 1162 13.40 -52.73 25.25
N ASN A 1163 13.26 -53.66 26.19
CA ASN A 1163 14.19 -53.76 27.30
C ASN A 1163 14.75 -55.17 27.35
N PHE A 1164 15.86 -55.32 28.05
CA PHE A 1164 16.39 -56.65 28.28
C PHE A 1164 15.58 -57.29 29.41
N LEU A 1165 14.59 -58.10 29.07
CA LEU A 1165 13.64 -58.60 30.05
C LEU A 1165 13.26 -60.04 29.73
N ALA A 1166 13.19 -60.88 30.75
CA ALA A 1166 13.00 -62.30 30.52
C ALA A 1166 12.00 -62.99 31.45
N ALA A 1167 11.40 -62.29 32.41
CA ALA A 1167 10.42 -62.91 33.31
C ALA A 1167 9.47 -61.85 33.83
N MET A 1168 8.21 -62.26 34.04
CA MET A 1168 7.17 -61.32 34.48
C MET A 1168 6.66 -61.71 35.86
N PRO A 1169 6.73 -60.82 36.84
CA PRO A 1169 6.45 -61.10 38.26
C PRO A 1169 5.05 -60.87 38.83
N PHE A 1170 4.14 -61.80 38.55
CA PHE A 1170 2.82 -61.88 39.19
C PHE A 1170 2.00 -60.59 38.97
N LEU A 1171 1.61 -60.42 37.72
CA LEU A 1171 0.78 -59.29 37.34
C LEU A 1171 -0.58 -59.35 38.04
N PRO A 1172 -1.21 -58.21 38.28
CA PRO A 1172 -2.51 -58.19 38.95
C PRO A 1172 -3.58 -58.74 38.03
N PRO A 1173 -4.70 -59.23 38.58
CA PRO A 1173 -5.73 -59.85 37.74
C PRO A 1173 -6.58 -58.89 36.94
N SER A 1174 -6.17 -57.63 36.78
CA SER A 1174 -6.95 -56.65 36.04
C SER A 1174 -6.20 -56.06 34.86
N MET A 1175 -5.11 -56.67 34.41
CA MET A 1175 -4.44 -56.22 33.20
C MET A 1175 -5.34 -56.48 32.00
N THR A 1176 -5.28 -55.58 31.06
CA THR A 1176 -6.01 -55.83 29.82
C THR A 1176 -5.10 -55.90 28.62
N ILE A 1177 -4.12 -55.01 28.52
CA ILE A 1177 -3.20 -55.00 27.39
C ILE A 1177 -1.77 -55.05 27.90
N LEU A 1178 -1.00 -56.00 27.40
CA LEU A 1178 0.44 -56.05 27.63
C LEU A 1178 1.17 -55.76 26.33
N LYS A 1179 2.33 -55.12 26.44
CA LYS A 1179 3.18 -54.84 25.29
C LYS A 1179 4.61 -55.16 25.72
N LEU A 1180 5.08 -56.35 25.41
CA LEU A 1180 6.40 -56.80 25.82
C LEU A 1180 7.28 -57.09 24.61
N SER A 1181 7.21 -56.21 23.61
CA SER A 1181 7.93 -56.45 22.36
C SER A 1181 9.41 -56.08 22.50
N GLN A 1182 10.20 -56.59 21.56
CA GLN A 1182 11.67 -56.42 21.49
C GLN A 1182 12.34 -56.77 22.81
N ASN A 1183 11.91 -57.85 23.43
CA ASN A 1183 12.48 -58.29 24.69
C ASN A 1183 13.04 -59.70 24.56
N LYS A 1184 14.16 -59.95 25.25
CA LYS A 1184 14.79 -61.26 25.22
C LYS A 1184 13.99 -62.25 26.06
N PHE A 1185 12.88 -62.70 25.47
CA PHE A 1185 12.11 -63.79 26.04
C PHE A 1185 12.58 -65.13 25.47
N SER A 1186 12.15 -66.20 26.12
CA SER A 1186 12.35 -67.56 25.64
C SER A 1186 11.04 -68.32 25.56
N CYS A 1187 10.14 -68.08 26.51
CA CYS A 1187 8.79 -68.64 26.48
C CYS A 1187 7.88 -67.66 27.20
N ILE A 1188 6.59 -67.74 26.89
CA ILE A 1188 5.60 -66.88 27.54
C ILE A 1188 5.61 -67.19 29.02
N PRO A 1189 6.01 -66.26 29.88
CA PRO A 1189 6.11 -66.54 31.30
C PRO A 1189 4.74 -66.80 31.90
N GLU A 1190 4.70 -67.72 32.87
CA GLU A 1190 3.45 -68.32 33.31
C GLU A 1190 2.51 -67.31 33.95
N ALA A 1191 3.05 -66.17 34.38
CA ALA A 1191 2.21 -65.12 34.97
C ALA A 1191 1.42 -64.33 33.94
N ILE A 1192 1.52 -64.65 32.65
CA ILE A 1192 0.69 -64.00 31.64
C ILE A 1192 -0.30 -65.01 31.09
N LEU A 1193 -0.04 -66.29 31.33
CA LEU A 1193 -1.05 -67.28 30.97
C LEU A 1193 -2.21 -67.30 31.96
N ASN A 1194 -2.04 -66.71 33.14
CA ASN A 1194 -3.05 -66.73 34.20
C ASN A 1194 -3.69 -65.36 34.37
N LEU A 1195 -3.97 -64.67 33.27
CA LEU A 1195 -4.58 -63.35 33.34
C LEU A 1195 -6.03 -63.45 32.91
N PRO A 1196 -6.99 -63.49 33.85
CA PRO A 1196 -8.37 -63.82 33.50
C PRO A 1196 -9.16 -62.68 32.86
N HIS A 1197 -8.52 -61.57 32.49
CA HIS A 1197 -9.23 -60.53 31.77
C HIS A 1197 -8.38 -59.94 30.66
N LEU A 1198 -7.43 -60.70 30.12
CA LEU A 1198 -6.51 -60.16 29.13
C LEU A 1198 -7.25 -59.88 27.83
N ARG A 1199 -6.82 -58.82 27.14
CA ARG A 1199 -7.45 -58.43 25.88
C ARG A 1199 -6.48 -58.43 24.72
N SER A 1200 -5.32 -57.80 24.86
CA SER A 1200 -4.35 -57.71 23.79
C SER A 1200 -2.97 -58.08 24.32
N LEU A 1201 -2.10 -58.50 23.40
CA LEU A 1201 -0.77 -58.93 23.77
C LEU A 1201 0.14 -58.80 22.56
N ASP A 1202 1.21 -58.02 22.72
CA ASP A 1202 2.26 -57.94 21.72
C ASP A 1202 3.51 -58.60 22.29
N MET A 1203 4.11 -59.51 21.52
CA MET A 1203 5.41 -60.05 21.90
C MET A 1203 6.31 -60.19 20.69
N SER A 1204 6.28 -59.23 19.78
CA SER A 1204 7.10 -59.29 18.59
C SER A 1204 8.58 -59.20 18.91
N SER A 1205 9.39 -59.76 18.01
CA SER A 1205 10.85 -59.67 18.03
C SER A 1205 11.45 -60.27 19.31
N ASN A 1206 10.95 -61.44 19.69
CA ASN A 1206 11.51 -62.18 20.81
C ASN A 1206 11.94 -63.57 20.36
N ASP A 1207 13.01 -64.07 20.96
CA ASP A 1207 13.49 -65.42 20.70
C ASP A 1207 12.67 -66.44 21.49
N ILE A 1208 11.40 -66.54 21.13
CA ILE A 1208 10.45 -67.39 21.82
C ILE A 1208 10.25 -68.67 21.01
N GLN A 1209 10.27 -69.82 21.68
CA GLN A 1209 10.37 -71.11 21.03
C GLN A 1209 9.01 -71.71 20.67
N TYR A 1210 8.14 -71.91 21.65
CA TYR A 1210 6.91 -72.68 21.45
C TYR A 1210 5.73 -71.91 22.03
N LEU A 1211 4.67 -71.80 21.24
CA LEU A 1211 3.45 -71.10 21.63
C LEU A 1211 2.43 -72.09 22.13
N PRO A 1212 1.79 -71.86 23.27
CA PRO A 1212 0.80 -72.81 23.79
C PRO A 1212 -0.48 -72.73 22.99
N GLY A 1213 -1.33 -73.73 23.21
CA GLY A 1213 -2.62 -73.78 22.57
C GLY A 1213 -3.68 -73.19 23.48
N PRO A 1214 -4.88 -73.01 22.95
CA PRO A 1214 -5.92 -72.29 23.69
C PRO A 1214 -6.58 -73.11 24.79
N ALA A 1215 -6.00 -74.26 25.13
CA ALA A 1215 -6.39 -75.00 26.32
C ALA A 1215 -5.57 -74.62 27.54
N HIS A 1216 -4.79 -73.53 27.46
CA HIS A 1216 -3.93 -73.14 28.55
C HIS A 1216 -4.06 -71.68 28.96
N TRP A 1217 -4.69 -70.83 28.16
CA TRP A 1217 -4.54 -69.41 28.34
C TRP A 1217 -5.43 -68.82 29.42
N LYS A 1218 -6.33 -69.62 30.01
CA LYS A 1218 -7.10 -69.31 31.21
C LYS A 1218 -8.08 -68.15 31.05
N SER A 1219 -8.15 -67.51 29.88
CA SER A 1219 -8.99 -66.36 29.69
C SER A 1219 -9.93 -66.59 28.51
N LEU A 1220 -11.08 -65.92 28.56
CA LEU A 1220 -12.12 -66.06 27.54
C LEU A 1220 -12.22 -64.82 26.66
N ASN A 1221 -11.22 -63.94 26.70
CA ASN A 1221 -11.38 -62.63 26.08
C ASN A 1221 -10.15 -62.18 25.30
N LEU A 1222 -9.33 -63.13 24.81
CA LEU A 1222 -8.16 -62.77 24.03
C LEU A 1222 -8.56 -62.16 22.70
N ARG A 1223 -8.26 -60.88 22.50
CA ARG A 1223 -8.76 -60.15 21.35
C ARG A 1223 -7.69 -59.68 20.39
N GLU A 1224 -6.41 -59.76 20.75
CA GLU A 1224 -5.35 -59.30 19.86
C GLU A 1224 -4.06 -59.99 20.25
N LEU A 1225 -3.56 -60.86 19.39
CA LEU A 1225 -2.29 -61.53 19.59
C LEU A 1225 -1.35 -61.14 18.47
N LEU A 1226 -0.22 -60.54 18.82
CA LEU A 1226 0.82 -60.24 17.85
C LEU A 1226 2.05 -61.06 18.20
N PHE A 1227 2.57 -61.80 17.23
CA PHE A 1227 3.72 -62.64 17.49
C PHE A 1227 4.70 -62.66 16.32
N SER A 1228 4.80 -61.57 15.57
CA SER A 1228 5.70 -61.54 14.43
C SER A 1228 7.16 -61.54 14.89
N HIS A 1229 8.05 -61.88 13.96
CA HIS A 1229 9.50 -61.94 14.18
C HIS A 1229 9.86 -62.84 15.35
N ASN A 1230 9.48 -64.11 15.22
CA ASN A 1230 9.66 -65.05 16.31
C ASN A 1230 10.25 -66.35 15.78
N GLN A 1231 10.97 -67.04 16.65
CA GLN A 1231 11.43 -68.40 16.37
C GLN A 1231 10.37 -69.42 16.77
N ILE A 1232 9.16 -69.21 16.25
CA ILE A 1232 8.02 -70.07 16.56
C ILE A 1232 7.89 -71.06 15.41
N SER A 1233 7.41 -72.27 15.72
CA SER A 1233 7.31 -73.32 14.71
C SER A 1233 5.88 -73.78 14.50
N ILE A 1234 5.19 -74.16 15.56
CA ILE A 1234 3.85 -74.74 15.46
C ILE A 1234 2.82 -73.70 15.89
N LEU A 1235 1.72 -73.64 15.14
CA LEU A 1235 0.59 -72.77 15.44
C LEU A 1235 -0.52 -73.58 16.10
N ASP A 1236 -0.11 -74.47 17.00
CA ASP A 1236 -0.95 -75.52 17.61
C ASP A 1236 -2.28 -74.99 18.13
N LEU A 1237 -3.36 -75.47 17.51
CA LEU A 1237 -4.71 -75.05 17.83
C LEU A 1237 -5.59 -76.30 17.87
N SER A 1238 -5.10 -77.33 18.55
CA SER A 1238 -5.67 -78.66 18.43
C SER A 1238 -6.64 -79.04 19.54
N GLU A 1239 -6.37 -78.63 20.78
CA GLU A 1239 -7.11 -79.18 21.93
C GLU A 1239 -8.53 -78.65 21.98
N LYS A 1240 -8.70 -77.35 22.20
CA LYS A 1240 -10.04 -76.74 22.19
C LYS A 1240 -9.89 -75.38 21.50
N ALA A 1241 -10.05 -75.39 20.18
CA ALA A 1241 -9.83 -74.20 19.38
C ALA A 1241 -10.99 -73.22 19.42
N TYR A 1242 -12.02 -73.49 20.20
CA TYR A 1242 -13.15 -72.57 20.29
C TYR A 1242 -12.96 -71.48 21.33
N LEU A 1243 -11.94 -71.60 22.19
CA LEU A 1243 -11.75 -70.59 23.24
C LEU A 1243 -11.23 -69.28 22.67
N TRP A 1244 -10.58 -69.29 21.51
CA TRP A 1244 -10.16 -68.07 20.86
C TRP A 1244 -11.18 -67.57 19.86
N SER A 1245 -12.46 -67.82 20.11
CA SER A 1245 -13.50 -67.44 19.15
C SER A 1245 -13.61 -65.93 18.98
N ARG A 1246 -13.25 -65.17 20.00
CA ARG A 1246 -13.35 -63.72 19.95
C ARG A 1246 -12.01 -63.04 19.72
N VAL A 1247 -11.09 -63.70 19.03
CA VAL A 1247 -9.84 -63.06 18.68
C VAL A 1247 -10.06 -62.21 17.44
N GLU A 1248 -9.26 -61.17 17.27
CA GLU A 1248 -9.38 -60.30 16.10
C GLU A 1248 -8.12 -60.28 15.25
N LYS A 1249 -6.96 -60.09 15.86
CA LYS A 1249 -5.71 -59.97 15.11
C LYS A 1249 -4.76 -61.06 15.58
N LEU A 1250 -4.24 -61.83 14.63
CA LEU A 1250 -3.31 -62.93 14.92
C LEU A 1250 -2.14 -62.79 13.95
N HIS A 1251 -1.13 -62.03 14.34
CA HIS A 1251 0.02 -61.78 13.49
C HIS A 1251 1.10 -62.81 13.79
N LEU A 1252 1.34 -63.71 12.84
CA LEU A 1252 2.39 -64.72 12.97
C LEU A 1252 3.39 -64.66 11.81
N SER A 1253 3.65 -63.47 11.29
CA SER A 1253 4.63 -63.32 10.24
C SER A 1253 6.04 -63.60 10.74
N HIS A 1254 6.96 -63.76 9.79
CA HIS A 1254 8.41 -63.76 10.02
C HIS A 1254 8.85 -64.87 10.98
N ASN A 1255 8.30 -66.06 10.79
CA ASN A 1255 8.65 -67.18 11.64
C ASN A 1255 9.08 -68.38 10.81
N LYS A 1256 9.62 -69.38 11.51
CA LYS A 1256 9.89 -70.68 10.90
C LYS A 1256 8.64 -71.55 11.02
N LEU A 1257 7.61 -71.13 10.28
CA LEU A 1257 6.35 -71.88 10.25
C LEU A 1257 6.47 -73.06 9.32
N LYS A 1258 5.81 -74.16 9.69
CA LYS A 1258 5.77 -75.34 8.84
C LYS A 1258 4.53 -75.34 7.96
N GLU A 1259 3.35 -75.34 8.57
CA GLU A 1259 2.10 -75.38 7.82
C GLU A 1259 0.97 -74.87 8.70
N ILE A 1260 -0.03 -74.28 8.07
CA ILE A 1260 -1.21 -73.79 8.79
C ILE A 1260 -2.12 -74.97 9.09
N PRO A 1261 -2.59 -75.13 10.31
CA PRO A 1261 -3.52 -76.21 10.62
C PRO A 1261 -4.94 -75.84 10.21
N PRO A 1262 -5.76 -76.82 9.83
CA PRO A 1262 -7.14 -76.52 9.41
C PRO A 1262 -8.10 -76.25 10.56
N GLU A 1263 -7.60 -76.14 11.80
CA GLU A 1263 -8.46 -75.76 12.90
C GLU A 1263 -8.68 -74.25 12.97
N ILE A 1264 -7.90 -73.47 12.22
CA ILE A 1264 -8.01 -72.01 12.21
C ILE A 1264 -9.31 -71.54 11.56
N GLY A 1265 -10.07 -72.45 10.95
CA GLY A 1265 -11.40 -72.11 10.46
C GLY A 1265 -12.41 -71.88 11.57
N CYS A 1266 -12.04 -72.18 12.82
CA CYS A 1266 -12.93 -71.99 13.95
C CYS A 1266 -12.97 -70.56 14.46
N LEU A 1267 -11.87 -69.81 14.30
CA LEU A 1267 -11.79 -68.45 14.81
C LEU A 1267 -12.60 -67.50 13.95
N GLU A 1268 -13.93 -67.55 14.08
CA GLU A 1268 -14.82 -66.90 13.12
C GLU A 1268 -14.76 -65.39 13.15
N ASN A 1269 -14.17 -64.77 14.17
CA ASN A 1269 -14.09 -63.32 14.27
C ASN A 1269 -12.73 -62.77 13.87
N LEU A 1270 -11.94 -63.52 13.10
CA LEU A 1270 -10.62 -63.06 12.73
C LEU A 1270 -10.69 -61.91 11.75
N THR A 1271 -9.75 -60.99 11.87
CA THR A 1271 -9.70 -59.81 11.01
C THR A 1271 -8.44 -59.74 10.17
N SER A 1272 -7.26 -59.82 10.80
CA SER A 1272 -5.99 -59.69 10.11
C SER A 1272 -5.06 -60.83 10.51
N LEU A 1273 -5.14 -61.95 9.81
CA LEU A 1273 -4.17 -63.02 9.96
C LEU A 1273 -3.02 -62.74 9.01
N ASP A 1274 -1.79 -62.85 9.50
CA ASP A 1274 -0.63 -62.46 8.72
C ASP A 1274 0.46 -63.52 8.90
N VAL A 1275 0.65 -64.33 7.87
CA VAL A 1275 1.68 -65.35 7.87
C VAL A 1275 2.69 -65.04 6.77
N SER A 1276 2.90 -63.76 6.51
CA SER A 1276 3.84 -63.34 5.48
C SER A 1276 5.28 -63.65 5.91
N TYR A 1277 6.15 -63.70 4.90
CA TYR A 1277 7.61 -63.77 5.07
C TYR A 1277 8.05 -65.03 5.82
N ASN A 1278 7.26 -66.09 5.70
CA ASN A 1278 7.60 -67.36 6.33
C ASN A 1278 8.52 -68.22 5.48
N LEU A 1279 8.35 -68.19 4.16
CA LEU A 1279 9.16 -68.91 3.17
C LEU A 1279 9.13 -70.43 3.33
N GLU A 1280 8.23 -70.98 4.15
CA GLU A 1280 8.15 -72.43 4.30
C GLU A 1280 6.71 -72.94 4.43
N LEU A 1281 5.72 -72.17 3.97
CA LEU A 1281 4.34 -72.66 4.03
C LEU A 1281 4.00 -73.57 2.86
N ARG A 1282 3.96 -72.99 1.66
CA ARG A 1282 3.59 -73.69 0.42
C ARG A 1282 2.27 -74.44 0.55
N SER A 1283 1.31 -73.89 1.31
CA SER A 1283 0.04 -74.54 1.57
C SER A 1283 -0.92 -73.56 2.21
N PHE A 1284 -2.21 -73.89 2.15
CA PHE A 1284 -3.36 -73.24 2.83
C PHE A 1284 -4.43 -74.31 3.01
N PRO A 1285 -5.00 -74.42 4.21
CA PRO A 1285 -6.10 -75.37 4.41
C PRO A 1285 -7.42 -74.76 3.96
N ASN A 1286 -8.31 -75.62 3.47
CA ASN A 1286 -9.55 -75.14 2.88
C ASN A 1286 -10.52 -74.60 3.93
N GLU A 1287 -10.37 -75.05 5.18
CA GLU A 1287 -11.34 -74.70 6.23
C GLU A 1287 -11.34 -73.20 6.52
N MET A 1288 -10.23 -72.50 6.21
CA MET A 1288 -10.26 -71.06 6.44
C MET A 1288 -11.06 -70.31 5.41
N GLY A 1289 -11.79 -71.00 4.52
CA GLY A 1289 -12.87 -70.34 3.82
C GLY A 1289 -14.01 -69.92 4.73
N LYS A 1290 -14.10 -70.50 5.93
CA LYS A 1290 -15.14 -70.09 6.87
C LYS A 1290 -14.85 -68.73 7.48
N LEU A 1291 -13.62 -68.24 7.40
CA LEU A 1291 -13.23 -66.97 8.00
C LEU A 1291 -13.75 -65.81 7.15
N SER A 1292 -15.03 -65.51 7.34
CA SER A 1292 -15.68 -64.51 6.50
C SER A 1292 -15.24 -63.10 6.85
N LYS A 1293 -14.90 -62.85 8.12
CA LYS A 1293 -14.66 -61.48 8.55
C LYS A 1293 -13.30 -60.95 8.17
N ILE A 1294 -12.44 -61.76 7.52
CA ILE A 1294 -11.13 -61.27 7.12
C ILE A 1294 -11.27 -60.24 6.02
N TRP A 1295 -10.58 -59.12 6.18
CA TRP A 1295 -10.49 -58.12 5.11
C TRP A 1295 -9.07 -57.92 4.60
N ASP A 1296 -8.04 -58.35 5.32
CA ASP A 1296 -6.68 -58.24 4.82
C ASP A 1296 -5.89 -59.48 5.20
N LEU A 1297 -4.98 -59.88 4.31
CA LEU A 1297 -4.22 -61.12 4.47
C LEU A 1297 -2.96 -60.99 3.62
N PRO A 1298 -1.89 -60.42 4.17
CA PRO A 1298 -0.69 -60.17 3.37
C PRO A 1298 0.02 -61.46 3.00
N LEU A 1299 0.42 -61.55 1.73
CA LEU A 1299 1.00 -62.78 1.18
C LEU A 1299 2.35 -62.52 0.54
N ASP A 1300 3.06 -61.49 0.97
CA ASP A 1300 4.32 -61.13 0.33
C ASP A 1300 5.42 -62.14 0.66
N GLU A 1301 6.10 -62.60 -0.38
CA GLU A 1301 7.29 -63.46 -0.29
C GLU A 1301 7.00 -64.75 0.47
N LEU A 1302 6.13 -65.57 -0.11
CA LEU A 1302 5.91 -66.92 0.38
C LEU A 1302 5.43 -67.78 -0.77
N HIS A 1303 5.89 -69.03 -0.81
CA HIS A 1303 5.52 -69.94 -1.88
C HIS A 1303 4.05 -70.33 -1.78
N LEU A 1304 3.43 -70.53 -2.95
CA LEU A 1304 2.00 -70.79 -3.00
C LEU A 1304 1.71 -71.89 -4.01
N ASN A 1305 0.52 -72.48 -3.88
CA ASN A 1305 0.09 -73.58 -4.74
C ASN A 1305 -0.83 -73.11 -5.86
N PHE A 1306 -1.93 -72.43 -5.51
CA PHE A 1306 -2.84 -71.97 -6.54
C PHE A 1306 -2.22 -70.86 -7.36
N ASP A 1307 -1.64 -69.86 -6.70
CA ASP A 1307 -1.08 -68.65 -7.32
C ASP A 1307 -2.06 -68.07 -8.33
N PHE A 1308 -3.23 -67.69 -7.81
CA PHE A 1308 -4.45 -67.54 -8.60
C PHE A 1308 -4.35 -66.54 -9.75
N LYS A 1309 -3.34 -65.65 -9.72
CA LYS A 1309 -3.06 -64.56 -10.65
C LYS A 1309 -4.08 -63.44 -10.50
N HIS A 1310 -5.12 -63.68 -9.72
CA HIS A 1310 -5.84 -62.65 -8.98
C HIS A 1310 -5.24 -62.65 -7.58
N ILE A 1311 -4.72 -61.50 -7.17
CA ILE A 1311 -3.82 -61.47 -6.02
C ILE A 1311 -4.52 -60.83 -4.84
N GLY A 1312 -3.81 -60.73 -3.71
CA GLY A 1312 -4.35 -60.22 -2.47
C GLY A 1312 -4.74 -58.75 -2.46
N CYS A 1313 -4.74 -58.09 -3.63
CA CYS A 1313 -5.26 -56.73 -3.74
C CYS A 1313 -6.72 -56.66 -3.36
N LYS A 1314 -7.46 -57.75 -3.56
CA LYS A 1314 -8.82 -57.88 -3.05
C LYS A 1314 -8.87 -58.68 -1.75
N ALA A 1315 -8.33 -59.89 -1.75
CA ALA A 1315 -8.07 -60.77 -0.61
C ALA A 1315 -9.33 -61.30 0.07
N LYS A 1316 -10.52 -60.85 -0.33
CA LYS A 1316 -11.75 -61.50 0.09
C LYS A 1316 -12.17 -62.60 -0.87
N ASP A 1317 -11.91 -62.39 -2.16
CA ASP A 1317 -12.09 -63.44 -3.15
C ASP A 1317 -11.15 -64.61 -2.93
N ILE A 1318 -10.01 -64.40 -2.27
CA ILE A 1318 -9.16 -65.51 -1.87
C ILE A 1318 -9.90 -66.41 -0.89
N ILE A 1319 -10.58 -65.80 0.09
CA ILE A 1319 -11.38 -66.57 1.04
C ILE A 1319 -12.55 -67.23 0.33
N ARG A 1320 -13.15 -66.55 -0.64
CA ARG A 1320 -14.23 -67.16 -1.42
C ARG A 1320 -13.73 -68.36 -2.22
N PHE A 1321 -12.51 -68.26 -2.75
CA PHE A 1321 -11.93 -69.37 -3.50
C PHE A 1321 -11.65 -70.55 -2.59
N LEU A 1322 -11.09 -70.29 -1.40
CA LEU A 1322 -10.84 -71.38 -0.46
C LEU A 1322 -12.15 -72.01 0.02
N GLN A 1323 -13.21 -71.21 0.12
CA GLN A 1323 -14.50 -71.75 0.53
C GLN A 1323 -15.10 -72.64 -0.56
N GLN A 1324 -15.05 -72.19 -1.81
CA GLN A 1324 -15.56 -73.00 -2.90
C GLN A 1324 -14.70 -74.24 -3.12
N ARG A 1325 -13.41 -74.15 -2.80
CA ARG A 1325 -12.56 -75.35 -2.82
C ARG A 1325 -12.95 -76.30 -1.70
N LEU A 1326 -13.37 -75.74 -0.56
CA LEU A 1326 -13.89 -76.58 0.52
C LEU A 1326 -15.19 -77.24 0.13
N LYS A 1327 -15.96 -76.62 -0.78
CA LYS A 1327 -17.23 -77.20 -1.22
C LYS A 1327 -17.03 -78.53 -1.92
N LYS A 1328 -16.34 -78.55 -3.07
CA LYS A 1328 -16.31 -79.74 -3.91
C LYS A 1328 -14.91 -80.27 -4.19
N ALA A 1329 -13.97 -79.42 -4.60
CA ALA A 1329 -12.56 -79.77 -4.83
C ALA A 1329 -12.41 -80.85 -5.91
N VAL A 1330 -12.75 -80.47 -7.13
CA VAL A 1330 -12.57 -81.31 -8.32
C VAL A 1330 -11.14 -81.16 -8.84
N PRO A 1331 -10.50 -82.23 -9.33
CA PRO A 1331 -9.20 -82.07 -10.00
C PRO A 1331 -9.31 -81.44 -11.38
N TYR A 1332 -8.19 -81.33 -12.09
CA TYR A 1332 -8.17 -80.59 -13.35
C TYR A 1332 -7.03 -81.10 -14.22
N ASN A 1333 -7.29 -81.24 -15.52
CA ASN A 1333 -6.28 -81.68 -16.49
C ASN A 1333 -6.39 -80.79 -17.73
N ARG A 1334 -5.66 -79.68 -17.74
CA ARG A 1334 -5.67 -78.78 -18.89
C ARG A 1334 -4.43 -77.91 -18.84
N MET A 1335 -3.55 -78.04 -19.83
CA MET A 1335 -2.42 -77.15 -19.98
C MET A 1335 -2.23 -76.87 -21.46
N LYS A 1336 -1.21 -76.08 -21.78
CA LYS A 1336 -1.02 -75.61 -23.14
C LYS A 1336 0.30 -76.12 -23.71
N LEU A 1337 0.28 -76.56 -24.95
CA LEU A 1337 1.47 -76.90 -25.70
C LEU A 1337 1.61 -75.95 -26.87
N MET A 1338 2.66 -75.14 -26.84
CA MET A 1338 2.84 -74.05 -27.80
C MET A 1338 3.94 -74.42 -28.79
N ILE A 1339 3.54 -74.95 -29.94
CA ILE A 1339 4.51 -75.29 -30.96
C ILE A 1339 5.08 -74.03 -31.58
N VAL A 1340 6.39 -73.93 -31.61
CA VAL A 1340 7.14 -72.76 -32.01
C VAL A 1340 8.10 -73.12 -33.13
N GLY A 1341 8.20 -72.26 -34.15
CA GLY A 1341 9.17 -72.46 -35.20
C GLY A 1341 9.13 -71.31 -36.17
N ASN A 1342 9.68 -71.51 -37.37
CA ASN A 1342 9.70 -70.39 -38.29
C ASN A 1342 9.79 -70.85 -39.74
N THR A 1343 9.11 -70.08 -40.61
CA THR A 1343 9.29 -70.00 -42.07
C THR A 1343 9.43 -71.35 -42.74
N GLY A 1344 8.62 -72.30 -42.31
CA GLY A 1344 8.60 -73.59 -42.97
C GLY A 1344 9.42 -74.63 -42.24
N SER A 1345 8.74 -75.44 -41.45
CA SER A 1345 9.37 -76.56 -40.74
C SER A 1345 8.26 -77.57 -40.48
N GLY A 1346 8.59 -78.59 -39.69
CA GLY A 1346 7.56 -79.49 -39.26
C GLY A 1346 6.82 -78.93 -38.06
N LYS A 1347 5.96 -77.94 -38.29
CA LYS A 1347 5.18 -77.38 -37.20
C LYS A 1347 3.73 -77.87 -37.24
N THR A 1348 3.07 -77.70 -38.38
CA THR A 1348 1.69 -78.17 -38.50
C THR A 1348 1.63 -79.62 -38.94
N THR A 1349 2.49 -80.01 -39.88
CA THR A 1349 2.45 -81.38 -40.37
C THR A 1349 2.91 -82.36 -39.29
N LEU A 1350 3.89 -81.96 -38.50
CA LEU A 1350 4.25 -82.73 -37.31
C LEU A 1350 3.09 -82.78 -36.33
N LEU A 1351 2.24 -81.75 -36.29
CA LEU A 1351 1.09 -81.81 -35.39
C LEU A 1351 0.02 -82.75 -35.92
N GLN A 1352 -0.14 -82.82 -37.24
CA GLN A 1352 -1.02 -83.81 -37.85
C GLN A 1352 -0.57 -85.22 -37.50
N GLN A 1353 0.72 -85.49 -37.70
CA GLN A 1353 1.22 -86.81 -37.34
C GLN A 1353 1.31 -87.03 -35.84
N LEU A 1354 1.24 -85.97 -35.04
CA LEU A 1354 1.31 -86.13 -33.60
C LEU A 1354 -0.05 -86.51 -33.03
N MET A 1355 -1.11 -85.85 -33.49
CA MET A 1355 -2.45 -86.25 -33.07
C MET A 1355 -2.99 -87.43 -33.87
N LYS A 1356 -2.21 -87.93 -34.83
CA LYS A 1356 -2.58 -89.06 -35.69
C LYS A 1356 -3.86 -88.78 -36.47
N THR A 1357 -4.07 -87.53 -36.87
CA THR A 1357 -5.28 -87.16 -37.59
C THR A 1357 -5.25 -87.67 -39.03
N GLN A 1365 0.46 -77.75 -48.17
CA GLN A 1365 -0.37 -77.12 -47.14
C GLN A 1365 -0.01 -75.65 -46.99
N SER A 1366 -1.03 -74.79 -46.96
CA SER A 1366 -0.82 -73.36 -46.83
C SER A 1366 -0.20 -73.01 -45.48
N ALA A 1367 0.57 -71.92 -45.48
CA ALA A 1367 1.24 -71.47 -44.27
C ALA A 1367 0.22 -70.94 -43.27
N THR A 1368 0.51 -71.12 -41.98
CA THR A 1368 -0.47 -70.83 -40.94
C THR A 1368 -0.60 -69.33 -40.73
N VAL A 1369 -1.83 -68.85 -40.79
CA VAL A 1369 -2.15 -67.47 -40.44
C VAL A 1369 -2.63 -67.46 -39.00
N GLY A 1370 -2.10 -66.52 -38.22
CA GLY A 1370 -2.45 -66.48 -36.81
C GLY A 1370 -1.79 -67.61 -36.05
N ILE A 1371 -2.56 -68.32 -35.24
CA ILE A 1371 -1.99 -69.34 -34.36
C ILE A 1371 -2.62 -70.71 -34.52
N ASP A 1372 -3.85 -70.84 -35.02
CA ASP A 1372 -4.49 -72.12 -35.37
C ASP A 1372 -4.58 -73.05 -34.15
N VAL A 1373 -5.38 -72.62 -33.17
CA VAL A 1373 -5.56 -73.40 -31.95
C VAL A 1373 -6.44 -74.60 -32.20
N LYS A 1374 -6.02 -75.76 -31.71
CA LYS A 1374 -6.86 -76.95 -31.61
C LYS A 1374 -6.81 -77.39 -30.16
N ASP A 1375 -7.36 -78.57 -29.87
CA ASP A 1375 -7.20 -79.17 -28.55
C ASP A 1375 -7.29 -80.67 -28.67
N TRP A 1376 -6.31 -81.38 -28.10
CA TRP A 1376 -6.33 -82.82 -28.27
C TRP A 1376 -6.16 -83.52 -26.93
N PRO A 1377 -6.92 -84.58 -26.71
CA PRO A 1377 -6.81 -85.34 -25.46
C PRO A 1377 -5.90 -86.54 -25.57
N ILE A 1378 -5.54 -87.08 -24.42
CA ILE A 1378 -4.75 -88.30 -24.30
C ILE A 1378 -5.43 -89.13 -23.23
N GLN A 1379 -5.93 -90.31 -23.61
CA GLN A 1379 -6.53 -91.24 -22.65
C GLN A 1379 -5.42 -92.15 -22.14
N ILE A 1380 -4.80 -91.74 -21.04
CA ILE A 1380 -3.71 -92.50 -20.46
C ILE A 1380 -4.26 -93.77 -19.81
N ARG A 1381 -3.65 -94.90 -20.15
CA ARG A 1381 -4.10 -96.19 -19.62
C ARG A 1381 -3.56 -96.43 -18.21
N ARG A 1384 -3.70 -95.42 -13.51
CA ARG A 1384 -3.30 -94.06 -13.84
C ARG A 1384 -4.15 -93.48 -14.96
N LYS A 1385 -5.46 -93.74 -14.89
CA LYS A 1385 -6.40 -93.31 -15.94
C LYS A 1385 -6.70 -91.82 -15.76
N ARG A 1386 -5.72 -91.01 -16.16
CA ARG A 1386 -5.81 -89.56 -16.06
C ARG A 1386 -6.06 -89.02 -17.47
N ASP A 1387 -7.33 -88.73 -17.77
CA ASP A 1387 -7.67 -88.20 -19.07
C ASP A 1387 -7.10 -86.79 -19.24
N LEU A 1388 -6.02 -86.67 -20.01
CA LEU A 1388 -5.22 -85.46 -20.05
C LEU A 1388 -5.42 -84.77 -21.40
N VAL A 1389 -6.20 -83.70 -21.42
CA VAL A 1389 -6.45 -82.95 -22.63
C VAL A 1389 -5.62 -81.67 -22.59
N LEU A 1390 -4.92 -81.37 -23.69
CA LEU A 1390 -4.15 -80.15 -23.77
C LEU A 1390 -4.28 -79.56 -25.17
N ASN A 1391 -4.33 -78.23 -25.23
CA ASN A 1391 -4.69 -77.52 -26.45
C ASN A 1391 -3.44 -76.99 -27.13
N VAL A 1392 -3.20 -77.44 -28.36
CA VAL A 1392 -2.05 -76.97 -29.11
C VAL A 1392 -2.29 -75.55 -29.58
N TRP A 1393 -1.23 -74.75 -29.57
CA TRP A 1393 -1.21 -73.44 -30.20
C TRP A 1393 0.04 -73.43 -31.06
N ASP A 1394 -0.10 -73.66 -32.36
CA ASP A 1394 1.06 -73.83 -33.23
C ASP A 1394 1.24 -72.57 -34.06
N PHE A 1395 2.17 -71.73 -33.62
CA PHE A 1395 2.30 -70.36 -34.08
C PHE A 1395 2.75 -70.31 -35.53
N ALA A 1396 2.78 -69.09 -36.05
CA ALA A 1396 3.04 -68.85 -37.45
C ALA A 1396 4.52 -68.63 -37.67
N GLY A 1397 4.99 -69.00 -38.85
CA GLY A 1397 6.41 -68.93 -39.14
C GLY A 1397 6.89 -67.61 -39.68
N ARG A 1398 6.10 -67.01 -40.57
CA ARG A 1398 6.54 -65.83 -41.29
C ARG A 1398 6.70 -64.64 -40.34
N GLU A 1399 7.48 -63.67 -40.78
CA GLU A 1399 8.00 -62.60 -39.92
C GLU A 1399 7.05 -61.41 -39.80
N GLU A 1400 5.87 -61.48 -40.41
CA GLU A 1400 4.95 -60.37 -40.36
C GLU A 1400 4.02 -60.41 -39.15
N PHE A 1401 4.02 -61.52 -38.41
CA PHE A 1401 3.12 -61.70 -37.28
C PHE A 1401 3.78 -61.46 -35.93
N TYR A 1402 5.10 -61.29 -35.89
CA TYR A 1402 5.88 -61.42 -34.66
C TYR A 1402 5.59 -60.36 -33.61
N SER A 1403 4.72 -59.40 -33.92
CA SER A 1403 4.42 -58.36 -32.96
C SER A 1403 3.28 -58.73 -32.02
N THR A 1404 2.47 -59.74 -32.37
CA THR A 1404 1.33 -60.11 -31.55
C THR A 1404 1.52 -61.43 -30.80
N HIS A 1405 2.48 -62.25 -31.20
CA HIS A 1405 2.68 -63.55 -30.57
C HIS A 1405 3.01 -63.51 -29.06
N PRO A 1406 3.73 -62.54 -28.51
CA PRO A 1406 3.92 -62.52 -27.04
C PRO A 1406 2.64 -62.37 -26.21
N HIS A 1407 1.49 -62.07 -26.82
CA HIS A 1407 0.26 -62.13 -26.04
C HIS A 1407 -0.09 -63.56 -25.66
N PHE A 1408 0.37 -64.53 -26.46
CA PHE A 1408 -0.12 -65.89 -26.36
C PHE A 1408 0.92 -66.84 -25.79
N MET A 1409 1.91 -66.32 -25.05
CA MET A 1409 2.94 -67.14 -24.42
C MET A 1409 2.86 -66.92 -22.92
N THR A 1410 2.17 -67.80 -22.22
CA THR A 1410 2.08 -67.71 -20.77
C THR A 1410 3.14 -68.60 -20.14
N GLN A 1411 3.10 -68.73 -18.81
CA GLN A 1411 4.10 -69.52 -18.11
C GLN A 1411 3.71 -70.98 -17.96
N ARG A 1412 2.41 -71.28 -17.98
CA ARG A 1412 1.93 -72.65 -17.79
C ARG A 1412 1.83 -73.34 -19.15
N ALA A 1413 2.98 -73.66 -19.71
CA ALA A 1413 3.00 -74.26 -21.04
C ALA A 1413 4.23 -75.11 -21.23
N LEU A 1414 4.18 -75.96 -22.26
CA LEU A 1414 5.30 -76.81 -22.67
C LEU A 1414 5.57 -76.51 -24.14
N TYR A 1415 6.77 -76.03 -24.45
CA TYR A 1415 7.05 -75.47 -25.76
C TYR A 1415 7.75 -76.50 -26.64
N LEU A 1416 7.06 -76.98 -27.67
CA LEU A 1416 7.78 -77.63 -28.74
C LEU A 1416 8.50 -76.59 -29.57
N ALA A 1417 9.63 -76.98 -30.15
CA ALA A 1417 10.34 -76.11 -31.06
C ALA A 1417 10.92 -76.96 -32.17
N VAL A 1418 11.01 -76.40 -33.38
CA VAL A 1418 11.27 -77.19 -34.57
C VAL A 1418 12.44 -76.62 -35.36
N TYR A 1419 13.24 -77.51 -35.95
CA TYR A 1419 14.52 -77.22 -36.59
C TYR A 1419 14.44 -76.82 -38.05
N ASP A 1420 13.74 -77.60 -38.88
CA ASP A 1420 13.92 -77.66 -40.33
C ASP A 1420 15.35 -78.08 -40.69
N LEU A 1421 15.66 -79.34 -40.36
CA LEU A 1421 17.02 -79.90 -40.45
C LEU A 1421 17.45 -80.26 -41.87
N SER A 1422 16.78 -79.76 -42.91
CA SER A 1422 17.37 -79.81 -44.23
C SER A 1422 18.71 -79.09 -44.25
N LYS A 1423 18.70 -77.82 -43.89
CA LYS A 1423 19.92 -77.02 -43.76
C LYS A 1423 20.38 -77.01 -42.29
N GLY A 1424 20.87 -78.17 -41.86
CA GLY A 1424 21.37 -78.30 -40.50
C GLY A 1424 22.59 -77.42 -40.26
N GLN A 1425 22.75 -77.05 -38.98
CA GLN A 1425 23.76 -76.13 -38.45
C GLN A 1425 23.60 -74.70 -38.94
N ALA A 1426 22.56 -74.41 -39.73
CA ALA A 1426 22.28 -73.07 -40.19
C ALA A 1426 20.83 -72.73 -39.91
N GLU A 1427 19.98 -73.76 -39.85
CA GLU A 1427 18.59 -73.55 -39.45
C GLU A 1427 18.48 -73.41 -37.94
N VAL A 1428 19.29 -74.15 -37.20
CA VAL A 1428 19.36 -73.99 -35.74
C VAL A 1428 19.95 -72.63 -35.39
N ASP A 1429 20.69 -72.03 -36.33
CA ASP A 1429 21.22 -70.68 -36.10
C ASP A 1429 20.08 -69.67 -35.99
N ALA A 1430 19.03 -69.84 -36.76
CA ALA A 1430 17.91 -68.91 -36.71
C ALA A 1430 16.86 -69.27 -35.67
N MET A 1431 17.01 -70.40 -34.99
CA MET A 1431 16.07 -70.82 -33.96
C MET A 1431 16.48 -70.37 -32.57
N LYS A 1432 17.60 -69.70 -32.45
CA LYS A 1432 18.01 -69.12 -31.17
C LYS A 1432 17.16 -67.92 -30.72
N PRO A 1433 16.69 -67.02 -31.61
CA PRO A 1433 15.77 -65.98 -31.11
C PRO A 1433 14.47 -66.50 -30.55
N TRP A 1434 13.94 -67.61 -31.07
CA TRP A 1434 12.73 -68.19 -30.49
C TRP A 1434 12.98 -68.69 -29.09
N LEU A 1435 14.10 -69.37 -28.87
CA LEU A 1435 14.43 -69.81 -27.52
C LEU A 1435 14.67 -68.63 -26.59
N PHE A 1436 15.22 -67.54 -27.14
CA PHE A 1436 15.40 -66.34 -26.33
C PHE A 1436 14.05 -65.75 -25.94
N ASN A 1437 13.09 -65.75 -26.85
CA ASN A 1437 11.79 -65.20 -26.52
C ASN A 1437 11.00 -66.13 -25.60
N ILE A 1438 11.26 -67.44 -25.67
CA ILE A 1438 10.68 -68.36 -24.70
C ILE A 1438 11.21 -68.04 -23.31
N LYS A 1439 12.53 -67.84 -23.20
CA LYS A 1439 13.13 -67.50 -21.91
C LYS A 1439 12.68 -66.13 -21.43
N ALA A 1440 12.42 -65.20 -22.35
CA ALA A 1440 11.98 -63.87 -21.97
C ALA A 1440 10.51 -63.82 -21.59
N ARG A 1441 9.68 -64.73 -22.12
CA ARG A 1441 8.27 -64.76 -21.78
C ARG A 1441 7.91 -65.85 -20.79
N ALA A 1442 8.80 -66.82 -20.57
CA ALA A 1442 8.52 -67.94 -19.67
C ALA A 1442 9.83 -68.30 -18.99
N SER A 1443 9.97 -67.95 -17.72
CA SER A 1443 11.25 -68.13 -17.03
C SER A 1443 11.51 -69.59 -16.68
N SER A 1444 10.48 -70.42 -16.62
CA SER A 1444 10.67 -71.81 -16.21
C SER A 1444 9.83 -72.78 -17.03
N SER A 1445 9.54 -72.44 -18.28
CA SER A 1445 8.75 -73.44 -18.98
C SER A 1445 9.67 -74.42 -19.69
N PRO A 1446 9.32 -75.71 -19.73
CA PRO A 1446 10.17 -76.68 -20.40
C PRO A 1446 10.01 -76.63 -21.91
N VAL A 1447 11.15 -76.76 -22.59
CA VAL A 1447 11.20 -76.73 -24.04
C VAL A 1447 11.70 -78.06 -24.54
N ILE A 1448 11.01 -78.60 -25.54
CA ILE A 1448 11.41 -79.82 -26.21
C ILE A 1448 11.78 -79.43 -27.63
N LEU A 1449 13.07 -79.52 -27.95
CA LEU A 1449 13.48 -79.39 -29.33
C LEU A 1449 13.07 -80.65 -30.08
N VAL A 1450 12.68 -80.49 -31.33
CA VAL A 1450 12.44 -81.64 -32.17
C VAL A 1450 12.77 -81.27 -33.61
N GLY A 1451 13.78 -81.92 -34.16
CA GLY A 1451 14.06 -81.79 -35.58
C GLY A 1451 12.93 -82.36 -36.40
N THR A 1452 12.94 -82.07 -37.69
CA THR A 1452 11.81 -82.50 -38.47
C THR A 1452 12.23 -83.11 -39.80
N HIS A 1453 13.45 -83.63 -39.87
CA HIS A 1453 13.85 -84.34 -41.09
C HIS A 1453 14.84 -85.43 -40.72
N LEU A 1454 14.52 -86.66 -41.12
CA LEU A 1454 15.48 -87.76 -41.20
C LEU A 1454 15.42 -88.41 -42.58
N ASP A 1455 14.67 -87.81 -43.50
CA ASP A 1455 14.66 -88.23 -44.88
C ASP A 1455 15.83 -87.64 -45.64
N VAL A 1456 16.10 -86.34 -45.45
CA VAL A 1456 17.24 -85.68 -46.08
C VAL A 1456 18.41 -85.81 -45.10
N SER A 1457 19.15 -86.90 -45.24
CA SER A 1457 20.25 -87.30 -44.35
C SER A 1457 19.82 -87.36 -42.89
N LYS A 1463 23.80 -84.27 -43.29
CA LYS A 1463 23.92 -83.13 -42.40
C LYS A 1463 23.25 -83.42 -41.07
N ALA A 1464 23.36 -84.67 -40.61
CA ALA A 1464 22.82 -85.07 -39.32
C ALA A 1464 23.75 -84.73 -38.17
N CYS A 1465 24.82 -84.00 -38.42
CA CYS A 1465 25.74 -83.58 -37.37
C CYS A 1465 25.36 -82.20 -36.82
N MET A 1466 24.10 -82.08 -36.43
CA MET A 1466 23.60 -80.88 -35.78
C MET A 1466 23.34 -81.08 -34.30
N SER A 1467 23.46 -82.32 -33.80
CA SER A 1467 23.37 -82.55 -32.36
C SER A 1467 24.59 -82.03 -31.63
N LYS A 1468 25.71 -81.82 -32.35
CA LYS A 1468 26.90 -81.28 -31.72
C LYS A 1468 26.68 -79.84 -31.28
N ILE A 1469 26.19 -79.00 -32.20
CA ILE A 1469 25.98 -77.60 -31.87
C ILE A 1469 24.81 -77.44 -30.91
N THR A 1470 23.84 -78.35 -30.95
CA THR A 1470 22.75 -78.31 -29.98
C THR A 1470 23.20 -78.80 -28.61
N LYS A 1471 24.25 -79.62 -28.57
CA LYS A 1471 24.77 -80.13 -27.31
C LYS A 1471 25.81 -79.21 -26.70
N GLU A 1472 26.44 -78.34 -27.48
CA GLU A 1472 27.49 -77.48 -26.97
C GLU A 1472 27.12 -76.02 -26.89
N LEU A 1473 26.29 -75.51 -27.80
CA LEU A 1473 25.92 -74.10 -27.81
C LEU A 1473 24.56 -73.83 -27.18
N LEU A 1474 23.56 -74.66 -27.50
CA LEU A 1474 22.19 -74.39 -27.09
C LEU A 1474 21.90 -74.75 -25.64
N ASN A 1475 22.81 -75.47 -24.97
CA ASN A 1475 22.51 -76.16 -23.72
C ASN A 1475 22.11 -75.23 -22.58
N LYS A 1476 23.04 -74.37 -22.13
CA LYS A 1476 22.74 -73.49 -21.00
C LYS A 1476 23.65 -72.26 -21.09
N ARG A 1477 23.07 -71.14 -21.52
CA ARG A 1477 23.82 -69.89 -21.61
C ARG A 1477 22.99 -68.68 -21.20
N GLY A 1478 21.78 -68.89 -20.69
CA GLY A 1478 20.73 -67.90 -20.68
C GLY A 1478 19.59 -68.29 -21.58
N PHE A 1479 19.75 -69.37 -22.34
CA PHE A 1479 18.69 -70.03 -23.05
C PHE A 1479 17.84 -70.79 -22.03
N PRO A 1480 16.61 -71.20 -22.38
CA PRO A 1480 15.76 -71.86 -21.38
C PRO A 1480 16.22 -73.27 -21.05
N ALA A 1481 15.48 -73.94 -20.17
CA ALA A 1481 15.85 -75.26 -19.67
C ALA A 1481 15.39 -76.31 -20.67
N ILE A 1482 16.28 -76.66 -21.60
CA ILE A 1482 15.99 -77.72 -22.56
C ILE A 1482 15.88 -79.04 -21.82
N ARG A 1483 14.71 -79.68 -21.92
CA ARG A 1483 14.49 -80.92 -21.20
C ARG A 1483 14.84 -82.15 -22.02
N ASP A 1484 14.75 -82.06 -23.35
CA ASP A 1484 15.04 -83.19 -24.23
C ASP A 1484 15.17 -82.65 -25.65
N TYR A 1485 15.55 -83.53 -26.56
CA TYR A 1485 15.49 -83.22 -27.99
C TYR A 1485 15.37 -84.53 -28.76
N HIS A 1486 14.57 -84.49 -29.84
CA HIS A 1486 14.31 -85.68 -30.64
C HIS A 1486 14.47 -85.35 -32.12
N PHE A 1487 14.61 -86.40 -32.92
CA PHE A 1487 14.56 -86.31 -34.37
C PHE A 1487 13.39 -87.15 -34.85
N VAL A 1488 12.67 -86.67 -35.86
CA VAL A 1488 11.50 -87.36 -36.40
C VAL A 1488 11.55 -87.29 -37.92
N ASN A 1489 10.58 -87.96 -38.56
CA ASN A 1489 10.36 -87.83 -39.99
C ASN A 1489 9.20 -86.88 -40.31
N ALA A 1490 8.23 -86.77 -39.40
CA ALA A 1490 7.16 -85.77 -39.40
C ALA A 1490 6.23 -85.85 -40.60
N THR A 1491 6.35 -86.86 -41.45
CA THR A 1491 5.38 -87.09 -42.53
C THR A 1491 4.43 -88.23 -42.23
N GLU A 1492 4.91 -89.28 -41.58
CA GLU A 1492 4.08 -90.34 -41.05
C GLU A 1492 4.77 -90.91 -39.81
N GLU A 1493 4.26 -92.02 -39.30
CA GLU A 1493 4.71 -92.50 -38.00
C GLU A 1493 6.08 -93.18 -38.11
N SER A 1494 6.60 -93.55 -36.95
CA SER A 1494 7.90 -94.18 -36.79
C SER A 1494 7.97 -94.70 -35.36
N ASP A 1495 9.14 -95.20 -34.97
CA ASP A 1495 9.38 -95.44 -33.56
C ASP A 1495 9.86 -94.18 -32.86
N ALA A 1496 10.47 -93.27 -33.61
CA ALA A 1496 10.93 -92.01 -33.04
C ALA A 1496 9.76 -91.10 -32.69
N LEU A 1497 8.77 -91.02 -33.58
CA LEU A 1497 7.61 -90.19 -33.34
C LEU A 1497 6.80 -90.68 -32.14
N ALA A 1498 6.73 -92.01 -31.96
CA ALA A 1498 5.98 -92.55 -30.84
C ALA A 1498 6.67 -92.26 -29.51
N LYS A 1499 8.00 -92.37 -29.48
CA LYS A 1499 8.71 -92.03 -28.25
C LYS A 1499 8.71 -90.52 -28.03
N LEU A 1500 8.56 -89.73 -29.10
CA LEU A 1500 8.32 -88.30 -28.93
C LEU A 1500 6.99 -88.05 -28.23
N ARG A 1501 5.94 -88.75 -28.67
CA ARG A 1501 4.64 -88.65 -28.01
C ARG A 1501 4.74 -89.04 -26.53
N LYS A 1502 5.45 -90.13 -26.26
CA LYS A 1502 5.66 -90.57 -24.89
C LYS A 1502 6.44 -89.54 -24.09
N THR A 1503 7.37 -88.83 -24.73
CA THR A 1503 8.15 -87.83 -24.01
C THR A 1503 7.31 -86.60 -23.68
N ILE A 1504 6.43 -86.20 -24.61
CA ILE A 1504 5.51 -85.10 -24.30
C ILE A 1504 4.61 -85.48 -23.14
N ILE A 1505 4.12 -86.72 -23.13
CA ILE A 1505 3.25 -87.18 -22.05
C ILE A 1505 3.99 -87.17 -20.72
N ASN A 1506 5.17 -87.80 -20.69
CA ASN A 1506 5.90 -87.97 -19.45
C ASN A 1506 6.44 -86.64 -18.93
N GLU A 1507 6.73 -85.68 -19.81
CA GLU A 1507 7.17 -84.39 -19.33
C GLU A 1507 5.99 -83.52 -18.89
N SER A 1508 4.83 -83.68 -19.53
CA SER A 1508 3.65 -82.93 -19.12
C SER A 1508 3.14 -83.40 -17.77
N LEU A 1509 3.31 -84.69 -17.45
CA LEU A 1509 2.90 -85.18 -16.14
C LEU A 1509 3.74 -84.64 -15.00
N ASN A 1510 4.98 -84.24 -15.25
CA ASN A 1510 5.93 -83.92 -14.20
C ASN A 1510 6.37 -82.46 -14.26
N PHE A 1511 5.42 -81.56 -14.53
CA PHE A 1511 5.72 -80.15 -14.77
C PHE A 1511 6.32 -79.45 -13.57
N LYS A 1512 5.51 -79.25 -12.52
CA LYS A 1512 5.95 -78.84 -11.17
C LYS A 1512 6.72 -77.52 -11.19
N ILE A 1513 6.02 -76.44 -11.54
CA ILE A 1513 6.59 -75.11 -11.31
C ILE A 1513 6.52 -74.80 -9.82
N ARG A 1514 7.69 -74.53 -9.23
CA ARG A 1514 7.85 -74.40 -7.77
C ARG A 1514 7.34 -75.63 -7.03
N ASP A 1515 7.48 -76.79 -7.67
CA ASP A 1515 7.07 -78.10 -7.15
C ASP A 1515 5.58 -78.12 -6.77
N GLN A 1516 4.74 -77.79 -7.75
CA GLN A 1516 3.29 -77.74 -7.52
C GLN A 1516 2.48 -78.64 -8.44
N LEU A 1517 3.04 -79.10 -9.56
CA LEU A 1517 2.44 -80.09 -10.46
C LEU A 1517 1.09 -79.60 -10.98
N VAL A 1518 1.18 -78.60 -11.86
CA VAL A 1518 -0.01 -77.88 -12.35
C VAL A 1518 -0.95 -78.77 -13.14
N VAL A 1519 -0.47 -79.93 -13.61
CA VAL A 1519 -1.30 -80.78 -14.45
C VAL A 1519 -2.37 -81.52 -13.65
N GLY A 1520 -2.32 -81.44 -12.31
CA GLY A 1520 -3.33 -82.08 -11.49
C GLY A 1520 -3.79 -81.20 -10.34
N GLN A 1521 -3.76 -79.89 -10.52
CA GLN A 1521 -4.11 -78.95 -9.46
C GLN A 1521 -5.60 -79.04 -9.12
N LEU A 1522 -5.94 -78.47 -7.97
CA LEU A 1522 -7.30 -78.53 -7.45
C LEU A 1522 -8.04 -77.22 -7.69
N ILE A 1523 -9.26 -77.32 -8.18
CA ILE A 1523 -10.14 -76.16 -8.42
C ILE A 1523 -11.56 -76.55 -8.03
N PRO A 1524 -12.39 -75.57 -7.70
CA PRO A 1524 -13.78 -75.88 -7.35
C PRO A 1524 -14.57 -76.44 -8.52
N ASP A 1525 -15.78 -76.93 -8.20
CA ASP A 1525 -16.62 -77.56 -9.22
C ASP A 1525 -17.23 -76.53 -10.14
N CYS A 1526 -17.44 -75.30 -9.66
CA CYS A 1526 -18.03 -74.25 -10.48
C CYS A 1526 -17.17 -73.95 -11.70
N TYR A 1527 -15.86 -74.07 -11.56
CA TYR A 1527 -14.96 -73.81 -12.69
C TYR A 1527 -15.11 -74.88 -13.76
N VAL A 1528 -15.21 -76.14 -13.35
CA VAL A 1528 -15.36 -77.23 -14.32
C VAL A 1528 -16.74 -77.14 -14.99
N GLU A 1529 -17.76 -76.75 -14.23
CA GLU A 1529 -19.09 -76.58 -14.81
C GLU A 1529 -19.11 -75.42 -15.80
N LEU A 1530 -18.40 -74.33 -15.48
CA LEU A 1530 -18.28 -73.22 -16.41
C LEU A 1530 -17.54 -73.63 -17.68
N GLU A 1531 -16.52 -74.47 -17.53
CA GLU A 1531 -15.78 -74.96 -18.70
C GLU A 1531 -16.68 -75.82 -19.57
N LYS A 1532 -17.49 -76.68 -18.94
CA LYS A 1532 -18.44 -77.50 -19.70
C LYS A 1532 -19.46 -76.63 -20.43
N ILE A 1533 -19.96 -75.59 -19.77
CA ILE A 1533 -20.97 -74.71 -20.37
C ILE A 1533 -20.39 -73.96 -21.55
N ILE A 1534 -19.19 -73.39 -21.39
CA ILE A 1534 -18.58 -72.62 -22.48
C ILE A 1534 -18.20 -73.53 -23.64
N LEU A 1535 -17.66 -74.72 -23.35
CA LEU A 1535 -17.31 -75.64 -24.42
C LEU A 1535 -18.54 -76.17 -25.14
N SER A 1536 -19.68 -76.23 -24.43
CA SER A 1536 -20.92 -76.60 -25.11
C SER A 1536 -21.44 -75.47 -25.97
N GLU A 1537 -21.33 -74.22 -25.48
CA GLU A 1537 -21.84 -73.08 -26.24
C GLU A 1537 -20.90 -72.68 -27.37
N ARG A 1538 -19.69 -73.24 -27.40
CA ARG A 1538 -18.79 -72.98 -28.51
C ARG A 1538 -19.31 -73.56 -29.82
N LYS A 1539 -20.10 -74.63 -29.75
CA LYS A 1539 -20.69 -75.23 -30.93
C LYS A 1539 -22.14 -74.80 -31.15
N ASN A 1540 -22.67 -73.92 -30.31
CA ASN A 1540 -24.03 -73.43 -30.44
C ASN A 1540 -24.11 -71.99 -30.91
N VAL A 1541 -22.96 -71.35 -31.13
CA VAL A 1541 -22.91 -70.02 -31.72
C VAL A 1541 -22.11 -70.13 -33.01
N PRO A 1542 -22.67 -69.73 -34.16
CA PRO A 1542 -22.03 -70.02 -35.44
C PRO A 1542 -20.79 -69.18 -35.73
N ILE A 1543 -20.24 -69.35 -36.94
CA ILE A 1543 -18.98 -68.70 -37.30
C ILE A 1543 -19.11 -67.24 -37.67
N GLU A 1544 -20.32 -66.67 -37.57
CA GLU A 1544 -20.51 -65.25 -37.88
C GLU A 1544 -19.72 -64.37 -36.91
N PHE A 1545 -20.03 -64.45 -35.63
CA PHE A 1545 -19.33 -63.67 -34.62
C PHE A 1545 -19.50 -64.40 -33.28
N PRO A 1546 -18.54 -65.25 -32.91
CA PRO A 1546 -18.76 -66.17 -31.78
C PRO A 1546 -18.66 -65.53 -30.41
N VAL A 1547 -18.70 -64.20 -30.34
CA VAL A 1547 -18.68 -63.46 -29.08
C VAL A 1547 -19.89 -63.87 -28.22
N ILE A 1548 -19.74 -63.77 -26.90
CA ILE A 1548 -20.83 -64.00 -25.96
C ILE A 1548 -20.94 -62.76 -25.09
N ASP A 1549 -22.12 -62.13 -25.12
CA ASP A 1549 -22.34 -60.91 -24.38
C ASP A 1549 -22.37 -61.17 -22.88
N ARG A 1550 -22.26 -60.08 -22.10
CA ARG A 1550 -22.21 -60.19 -20.65
C ARG A 1550 -23.53 -60.72 -20.09
N LYS A 1551 -24.64 -60.08 -20.46
CA LYS A 1551 -25.94 -60.53 -19.97
C LYS A 1551 -26.32 -61.89 -20.54
N ARG A 1552 -25.85 -62.19 -21.76
CA ARG A 1552 -26.02 -63.54 -22.31
C ARG A 1552 -25.31 -64.57 -21.45
N LEU A 1553 -24.10 -64.25 -21.00
CA LEU A 1553 -23.35 -65.16 -20.14
C LEU A 1553 -24.01 -65.30 -18.78
N LEU A 1554 -24.58 -64.21 -18.26
CA LEU A 1554 -25.30 -64.27 -16.99
C LEU A 1554 -26.55 -65.14 -17.12
N GLN A 1555 -27.26 -65.02 -18.24
CA GLN A 1555 -28.42 -65.89 -18.47
C GLN A 1555 -27.99 -67.34 -18.64
N LEU A 1556 -26.81 -67.56 -19.22
CA LEU A 1556 -26.29 -68.91 -19.38
C LEU A 1556 -25.98 -69.54 -18.03
N VAL A 1557 -25.26 -68.82 -17.17
CA VAL A 1557 -24.89 -69.40 -15.87
C VAL A 1557 -26.11 -69.49 -14.96
N ARG A 1558 -27.10 -68.61 -15.14
CA ARG A 1558 -28.33 -68.72 -14.37
C ARG A 1558 -29.28 -69.76 -14.95
N GLU A 1559 -29.02 -70.24 -16.16
CA GLU A 1559 -29.83 -71.33 -16.71
C GLU A 1559 -29.61 -72.61 -15.93
N ASN A 1560 -28.35 -73.01 -15.75
CA ASN A 1560 -28.03 -74.11 -14.87
C ASN A 1560 -27.97 -73.62 -13.43
N GLN A 1561 -27.74 -74.55 -12.50
CA GLN A 1561 -27.79 -74.28 -11.07
C GLN A 1561 -26.42 -74.01 -10.48
N LEU A 1562 -25.52 -73.38 -11.24
CA LEU A 1562 -24.21 -73.04 -10.71
C LEU A 1562 -24.32 -71.95 -9.65
N GLN A 1563 -23.55 -72.11 -8.58
CA GLN A 1563 -23.50 -71.20 -7.44
C GLN A 1563 -22.68 -69.95 -7.70
N LEU A 1564 -22.35 -69.63 -8.95
CA LEU A 1564 -21.49 -68.49 -9.26
C LEU A 1564 -22.22 -67.19 -8.98
N ASP A 1565 -21.89 -66.54 -7.87
CA ASP A 1565 -22.32 -65.18 -7.62
C ASP A 1565 -21.59 -64.22 -8.55
N GLU A 1566 -22.07 -62.97 -8.57
CA GLU A 1566 -21.44 -61.95 -9.41
C GLU A 1566 -20.02 -61.65 -8.97
N ASN A 1567 -19.72 -61.86 -7.69
CA ASN A 1567 -18.36 -61.67 -7.20
C ASN A 1567 -17.42 -62.78 -7.65
N GLU A 1568 -17.92 -64.00 -7.79
CA GLU A 1568 -17.07 -65.13 -8.13
C GLU A 1568 -16.80 -65.25 -9.62
N LEU A 1569 -17.61 -64.60 -10.45
CA LEU A 1569 -17.44 -64.72 -11.91
C LEU A 1569 -16.14 -64.12 -12.46
N PRO A 1570 -15.63 -62.97 -11.99
CA PRO A 1570 -14.36 -62.46 -12.56
C PRO A 1570 -13.17 -63.41 -12.45
N HIS A 1571 -12.89 -63.96 -11.26
CA HIS A 1571 -11.78 -64.89 -11.15
C HIS A 1571 -12.04 -66.18 -11.92
N ALA A 1572 -13.31 -66.59 -12.04
CA ALA A 1572 -13.64 -67.77 -12.82
C ALA A 1572 -13.30 -67.58 -14.29
N VAL A 1573 -13.77 -66.48 -14.88
CA VAL A 1573 -13.49 -66.25 -16.29
C VAL A 1573 -12.02 -65.93 -16.49
N HIS A 1574 -11.35 -65.39 -15.47
CA HIS A 1574 -9.92 -65.14 -15.60
C HIS A 1574 -9.13 -66.44 -15.63
N PHE A 1575 -9.53 -67.42 -14.79
CA PHE A 1575 -8.89 -68.72 -14.84
C PHE A 1575 -9.17 -69.44 -16.16
N LEU A 1576 -10.40 -69.30 -16.66
CA LEU A 1576 -10.72 -69.90 -17.95
C LEU A 1576 -9.95 -69.25 -19.08
N ASN A 1577 -9.69 -67.95 -19.00
CA ASN A 1577 -8.87 -67.28 -20.01
C ASN A 1577 -7.41 -67.69 -19.87
N GLU A 1578 -6.98 -67.98 -18.64
CA GLU A 1578 -5.60 -68.38 -18.42
C GLU A 1578 -5.34 -69.79 -18.95
N SER A 1579 -6.30 -70.70 -18.82
CA SER A 1579 -6.13 -72.05 -19.29
C SER A 1579 -6.65 -72.25 -20.71
N GLY A 1580 -6.82 -71.17 -21.46
CA GLY A 1580 -7.10 -71.25 -22.88
C GLY A 1580 -8.39 -71.92 -23.29
N VAL A 1581 -9.53 -71.33 -22.94
CA VAL A 1581 -10.83 -71.76 -23.42
C VAL A 1581 -11.57 -70.62 -24.11
N LEU A 1582 -11.69 -69.49 -23.42
CA LEU A 1582 -12.26 -68.29 -24.03
C LEU A 1582 -11.39 -67.11 -23.65
N LEU A 1583 -11.15 -66.22 -24.61
CA LEU A 1583 -10.33 -65.05 -24.38
C LEU A 1583 -11.21 -63.87 -24.02
N HIS A 1584 -10.95 -63.26 -22.86
CA HIS A 1584 -11.72 -62.11 -22.40
C HIS A 1584 -10.77 -61.18 -21.66
N PHE A 1585 -10.53 -60.01 -22.23
CA PHE A 1585 -9.64 -59.03 -21.63
C PHE A 1585 -10.47 -58.11 -20.73
N GLN A 1586 -10.20 -58.18 -19.43
CA GLN A 1586 -10.98 -57.46 -18.43
C GLN A 1586 -10.56 -56.02 -18.25
N ASP A 1587 -9.55 -55.56 -19.00
CA ASP A 1587 -9.01 -54.21 -18.88
C ASP A 1587 -10.07 -53.16 -19.22
N PRO A 1588 -10.45 -52.32 -18.25
CA PRO A 1588 -11.51 -51.33 -18.52
C PRO A 1588 -11.10 -50.23 -19.49
N ALA A 1589 -9.80 -50.05 -19.73
CA ALA A 1589 -9.34 -49.14 -20.77
C ALA A 1589 -9.82 -49.60 -22.13
N LEU A 1590 -9.84 -50.91 -22.36
CA LEU A 1590 -10.46 -51.46 -23.57
C LEU A 1590 -11.96 -51.49 -23.41
N GLN A 1591 -12.66 -51.54 -24.53
CA GLN A 1591 -14.10 -51.79 -24.53
C GLN A 1591 -14.38 -53.28 -24.67
N LEU A 1592 -13.78 -54.08 -23.79
CA LEU A 1592 -13.83 -55.53 -23.89
C LEU A 1592 -14.46 -56.17 -22.66
N SER A 1593 -15.19 -55.40 -21.86
CA SER A 1593 -15.89 -55.98 -20.71
C SER A 1593 -17.12 -56.78 -21.13
N ASP A 1594 -17.63 -56.55 -22.33
CA ASP A 1594 -18.79 -57.27 -22.83
C ASP A 1594 -18.44 -58.42 -23.77
N LEU A 1595 -17.22 -58.43 -24.31
CA LEU A 1595 -16.83 -59.43 -25.28
C LEU A 1595 -16.20 -60.63 -24.60
N TYR A 1596 -16.67 -61.83 -24.97
CA TYR A 1596 -16.14 -63.09 -24.45
C TYR A 1596 -15.88 -63.99 -25.65
N PHE A 1597 -14.70 -63.86 -26.25
CA PHE A 1597 -14.39 -64.58 -27.48
C PHE A 1597 -14.14 -66.05 -27.17
N VAL A 1598 -15.17 -66.87 -27.30
CA VAL A 1598 -14.95 -68.30 -27.37
C VAL A 1598 -14.44 -68.65 -28.76
N GLU A 1599 -13.88 -69.86 -28.89
CA GLU A 1599 -13.18 -70.34 -30.08
C GLU A 1599 -12.11 -69.34 -30.51
N PRO A 1600 -10.98 -69.26 -29.79
CA PRO A 1600 -10.02 -68.17 -30.05
C PRO A 1600 -9.32 -68.25 -31.40
N LYS A 1601 -9.48 -69.34 -32.15
CA LYS A 1601 -8.95 -69.38 -33.50
C LYS A 1601 -9.64 -68.35 -34.38
N TRP A 1602 -10.92 -68.07 -34.11
CA TRP A 1602 -11.59 -66.95 -34.75
C TRP A 1602 -10.88 -65.64 -34.48
N LEU A 1603 -10.55 -65.38 -33.21
CA LEU A 1603 -9.96 -64.11 -32.83
C LEU A 1603 -8.59 -63.92 -33.46
N CYS A 1604 -7.78 -64.98 -33.46
CA CYS A 1604 -6.43 -64.83 -34.01
C CYS A 1604 -6.47 -64.69 -35.52
N LYS A 1605 -7.22 -65.57 -36.20
CA LYS A 1605 -7.25 -65.53 -37.66
C LYS A 1605 -7.87 -64.24 -38.18
N ILE A 1606 -8.81 -63.65 -37.45
CA ILE A 1606 -9.40 -62.40 -37.90
C ILE A 1606 -8.50 -61.21 -37.56
N MET A 1607 -8.00 -61.15 -36.33
CA MET A 1607 -7.14 -60.02 -35.98
C MET A 1607 -5.75 -60.11 -36.60
N ALA A 1608 -5.41 -61.21 -37.28
CA ALA A 1608 -4.15 -61.29 -38.00
C ALA A 1608 -4.31 -61.46 -39.51
N GLN A 1609 -5.53 -61.67 -40.00
CA GLN A 1609 -5.77 -61.71 -41.44
C GLN A 1609 -5.56 -60.34 -42.08
N ILE A 1610 -5.65 -59.26 -41.30
CA ILE A 1610 -5.60 -57.91 -41.85
C ILE A 1610 -4.23 -57.61 -42.45
N LEU A 1611 -3.16 -58.11 -41.83
CA LEU A 1611 -1.82 -57.76 -42.29
C LEU A 1611 -1.48 -58.43 -43.60
N THR A 1612 -1.77 -59.71 -43.73
CA THR A 1612 -1.54 -60.42 -44.98
C THR A 1612 -2.60 -60.07 -46.01
N PRO A 1622 2.91 -40.93 -45.49
CA PRO A 1622 4.01 -41.84 -45.81
C PRO A 1622 3.62 -43.30 -45.75
N LYS A 1623 4.49 -44.18 -46.22
CA LYS A 1623 4.19 -45.62 -46.27
C LYS A 1623 4.25 -46.19 -44.85
N GLY A 1624 3.08 -46.53 -44.31
CA GLY A 1624 3.01 -47.13 -42.99
C GLY A 1624 1.90 -46.56 -42.13
N ILE A 1625 1.59 -45.29 -42.32
CA ILE A 1625 0.54 -44.60 -41.56
C ILE A 1625 -0.68 -44.46 -42.46
N ILE A 1626 -1.86 -44.69 -41.88
CA ILE A 1626 -3.11 -44.67 -42.63
C ILE A 1626 -4.25 -44.49 -41.63
N SER A 1627 -5.37 -43.96 -42.11
CA SER A 1627 -6.61 -43.91 -41.36
C SER A 1627 -7.47 -45.11 -41.77
N ARG A 1628 -8.74 -45.10 -41.35
CA ARG A 1628 -9.61 -46.25 -41.54
C ARG A 1628 -9.91 -46.47 -43.02
N ARG A 1629 -9.56 -47.66 -43.51
CA ARG A 1629 -9.82 -48.06 -44.89
C ARG A 1629 -9.74 -49.58 -44.97
N ASP A 1630 -10.54 -50.15 -45.86
CA ASP A 1630 -10.60 -51.60 -46.00
C ASP A 1630 -9.45 -52.12 -46.86
N PRO A 1642 -18.09 -56.07 -39.68
CA PRO A 1642 -18.15 -54.62 -39.44
C PRO A 1642 -19.57 -54.15 -39.13
N LYS A 1643 -20.34 -55.00 -38.43
CA LYS A 1643 -21.72 -54.68 -38.07
C LYS A 1643 -21.72 -53.83 -36.80
N ASN A 1644 -21.37 -52.56 -36.98
CA ASN A 1644 -21.38 -51.46 -36.01
C ASN A 1644 -20.54 -51.73 -34.75
N TYR A 1645 -19.60 -52.68 -34.81
CA TYR A 1645 -18.65 -52.90 -33.72
C TYR A 1645 -17.23 -52.48 -34.11
N MET A 1646 -17.12 -51.45 -34.95
CA MET A 1646 -15.80 -50.99 -35.40
C MET A 1646 -14.99 -50.38 -34.27
N THR A 1647 -15.66 -49.81 -33.27
CA THR A 1647 -14.97 -49.27 -32.11
C THR A 1647 -14.28 -50.37 -31.31
N GLN A 1648 -14.79 -51.60 -31.39
CA GLN A 1648 -14.08 -52.72 -30.80
C GLN A 1648 -12.93 -53.17 -31.68
N TYR A 1649 -13.10 -53.12 -33.02
CA TYR A 1649 -12.01 -53.40 -33.94
C TYR A 1649 -10.80 -52.54 -33.68
N PHE A 1650 -11.00 -51.23 -33.52
CA PHE A 1650 -9.87 -50.32 -33.41
C PHE A 1650 -9.13 -50.51 -32.08
N LYS A 1651 -9.88 -50.64 -30.99
CA LYS A 1651 -9.23 -50.82 -29.70
C LYS A 1651 -8.60 -52.20 -29.55
N LEU A 1652 -9.19 -53.23 -30.16
CA LEU A 1652 -8.56 -54.54 -30.15
C LEU A 1652 -7.29 -54.56 -30.99
N LEU A 1653 -7.29 -53.86 -32.12
CA LEU A 1653 -6.07 -53.79 -32.91
C LEU A 1653 -5.01 -52.94 -32.23
N GLU A 1654 -5.43 -51.99 -31.39
CA GLU A 1654 -4.46 -51.31 -30.52
C GLU A 1654 -3.89 -52.26 -29.49
N LYS A 1655 -4.74 -53.12 -28.93
CA LYS A 1655 -4.31 -54.08 -27.90
C LYS A 1655 -3.61 -55.31 -28.48
N PHE A 1656 -3.49 -55.42 -29.80
CA PHE A 1656 -2.66 -56.46 -30.40
C PHE A 1656 -1.43 -55.92 -31.11
N GLN A 1657 -1.07 -54.65 -30.86
CA GLN A 1657 0.09 -53.99 -31.48
C GLN A 1657 0.00 -54.03 -33.00
N ILE A 1658 -1.13 -53.61 -33.53
CA ILE A 1658 -1.36 -53.54 -34.97
C ILE A 1658 -1.64 -52.10 -35.36
N ALA A 1659 -2.21 -51.32 -34.44
CA ALA A 1659 -2.52 -49.93 -34.71
C ALA A 1659 -2.08 -49.04 -33.55
N LEU A 1668 -1.45 -46.97 -38.73
CA LEU A 1668 -0.06 -47.10 -38.29
C LEU A 1668 0.24 -48.52 -37.86
N VAL A 1669 0.88 -49.27 -38.74
CA VAL A 1669 1.28 -50.64 -38.46
C VAL A 1669 2.81 -50.72 -38.51
N PRO A 1670 3.46 -51.34 -37.52
CA PRO A 1670 4.90 -51.53 -37.60
C PRO A 1670 5.33 -52.40 -38.77
N SER A 1671 4.49 -53.34 -39.18
CA SER A 1671 4.77 -54.12 -40.36
C SER A 1671 4.60 -53.28 -41.61
N SER A 1672 5.20 -53.77 -42.70
CA SER A 1672 5.26 -53.08 -44.01
C SER A 1672 5.74 -51.64 -43.86
N LEU A 1673 6.79 -51.47 -43.05
CA LEU A 1673 7.22 -50.12 -42.66
C LEU A 1673 8.73 -50.11 -42.47
N SER A 1674 9.44 -49.70 -43.53
CA SER A 1674 10.68 -48.92 -43.43
C SER A 1674 11.75 -49.62 -42.58
N ASP A 1675 12.29 -50.71 -43.14
CA ASP A 1675 13.35 -51.47 -42.47
C ASP A 1675 14.54 -50.60 -42.09
N HIS A 1676 14.93 -49.68 -42.97
CA HIS A 1676 16.03 -48.77 -42.67
C HIS A 1676 15.51 -47.60 -41.84
N ARG A 1677 16.35 -46.59 -41.69
CA ARG A 1677 16.01 -45.36 -41.00
C ARG A 1677 15.79 -44.24 -42.00
N PRO A 1678 15.16 -43.15 -41.58
CA PRO A 1678 15.18 -41.93 -42.40
C PRO A 1678 16.48 -41.16 -42.15
N VAL A 1679 16.64 -40.07 -42.90
CA VAL A 1679 17.79 -39.20 -42.70
C VAL A 1679 17.66 -38.50 -41.36
N ILE A 1680 18.78 -38.38 -40.66
CA ILE A 1680 18.79 -37.83 -39.31
C ILE A 1680 19.52 -36.49 -39.36
N GLU A 1681 18.77 -35.41 -39.12
CA GLU A 1681 19.32 -34.06 -39.11
C GLU A 1681 19.56 -33.67 -37.66
N LEU A 1682 20.69 -34.11 -37.12
CA LEU A 1682 21.00 -33.87 -35.71
C LEU A 1682 21.50 -32.44 -35.52
N PRO A 1683 20.84 -31.63 -34.69
CA PRO A 1683 21.36 -30.28 -34.44
C PRO A 1683 22.59 -30.26 -33.57
N HIS A 1684 22.63 -31.09 -32.53
CA HIS A 1684 23.74 -31.11 -31.59
C HIS A 1684 24.58 -32.36 -31.83
N CYS A 1685 25.88 -32.17 -32.07
CA CYS A 1685 26.78 -33.28 -32.30
C CYS A 1685 28.13 -33.00 -31.65
N GLU A 1686 28.18 -32.02 -30.73
CA GLU A 1686 29.45 -31.56 -30.20
C GLU A 1686 29.96 -32.39 -29.02
N ASN A 1687 29.46 -33.62 -28.85
CA ASN A 1687 30.03 -34.66 -28.00
C ASN A 1687 30.04 -34.30 -26.52
N SER A 1688 29.40 -33.20 -26.12
CA SER A 1688 29.41 -32.79 -24.73
C SER A 1688 28.05 -32.38 -24.21
N GLU A 1689 27.07 -32.13 -25.08
CA GLU A 1689 25.71 -31.81 -24.66
C GLU A 1689 24.74 -32.91 -25.06
N ILE A 1690 25.26 -34.10 -25.34
CA ILE A 1690 24.46 -35.22 -25.84
C ILE A 1690 24.64 -36.36 -24.85
N ILE A 1691 23.57 -36.71 -24.14
CA ILE A 1691 23.58 -37.80 -23.18
C ILE A 1691 23.07 -39.05 -23.88
N ILE A 1692 23.91 -40.07 -23.93
CA ILE A 1692 23.56 -41.36 -24.49
C ILE A 1692 23.40 -42.36 -23.36
N ARG A 1693 22.54 -43.36 -23.57
CA ARG A 1693 22.42 -44.46 -22.63
C ARG A 1693 22.10 -45.73 -23.42
N LEU A 1694 23.10 -46.58 -23.57
CA LEU A 1694 22.90 -47.87 -24.22
C LEU A 1694 22.04 -48.79 -23.34
N TYR A 1695 21.49 -49.82 -23.98
CA TYR A 1695 20.59 -50.75 -23.33
C TYR A 1695 20.83 -52.17 -23.79
N GLU A 1696 22.10 -52.52 -24.01
CA GLU A 1696 22.50 -53.73 -24.73
C GLU A 1696 21.90 -55.01 -24.17
N MET A 1697 21.19 -55.73 -25.03
CA MET A 1697 20.56 -57.01 -24.74
C MET A 1697 20.96 -57.99 -25.84
N PRO A 1698 20.89 -59.30 -25.58
CA PRO A 1698 21.42 -60.25 -26.57
C PRO A 1698 20.65 -60.31 -27.87
N TYR A 1699 19.32 -60.31 -27.82
CA TYR A 1699 18.51 -60.19 -29.02
C TYR A 1699 17.31 -59.33 -28.72
N PHE A 1700 16.78 -58.69 -29.73
CA PHE A 1700 15.51 -58.02 -29.56
C PHE A 1700 14.42 -59.07 -29.40
N PRO A 1701 13.58 -58.98 -28.38
CA PRO A 1701 12.45 -59.90 -28.28
C PRO A 1701 11.41 -59.61 -29.35
N MET A 1702 10.41 -60.49 -29.42
CA MET A 1702 9.52 -60.57 -30.58
C MET A 1702 8.80 -59.25 -30.85
N GLY A 1703 7.98 -58.81 -29.92
CA GLY A 1703 7.22 -57.61 -30.15
C GLY A 1703 7.72 -56.42 -29.35
N PHE A 1704 9.04 -56.25 -29.30
CA PHE A 1704 9.61 -55.19 -28.47
C PHE A 1704 9.29 -53.81 -29.04
N TRP A 1705 9.56 -53.63 -30.33
CA TRP A 1705 9.49 -52.29 -30.91
C TRP A 1705 8.05 -51.83 -31.06
N SER A 1706 7.13 -52.74 -31.36
CA SER A 1706 5.73 -52.36 -31.49
C SER A 1706 5.19 -51.85 -30.17
N ARG A 1707 5.42 -52.58 -29.08
CA ARG A 1707 4.95 -52.15 -27.77
C ARG A 1707 5.64 -50.87 -27.33
N LEU A 1708 6.95 -50.76 -27.61
CA LEU A 1708 7.69 -49.59 -27.16
C LEU A 1708 7.25 -48.33 -27.88
N ILE A 1709 7.06 -48.42 -29.20
CA ILE A 1709 6.55 -47.29 -29.98
C ILE A 1709 5.16 -46.90 -29.49
N ASN A 1710 4.24 -47.88 -29.45
CA ASN A 1710 2.87 -47.56 -29.08
C ASN A 1710 2.71 -47.24 -27.60
N ARG A 1711 3.75 -47.35 -26.79
CA ARG A 1711 3.76 -46.82 -25.44
C ARG A 1711 4.58 -45.56 -25.31
N LEU A 1712 5.30 -45.14 -26.36
CA LEU A 1712 6.22 -44.02 -26.25
C LEU A 1712 5.68 -42.73 -26.83
N LEU A 1713 4.53 -42.76 -27.51
CA LEU A 1713 4.01 -41.58 -28.20
C LEU A 1713 3.51 -40.47 -27.28
N GLU A 1714 3.69 -40.59 -25.97
CA GLU A 1714 3.33 -39.51 -25.06
C GLU A 1714 4.41 -38.44 -25.04
N PRO A 1729 5.90 -31.65 -32.31
CA PRO A 1729 6.50 -32.98 -32.26
C PRO A 1729 6.54 -33.64 -33.63
N ASN A 1730 7.58 -33.34 -34.41
CA ASN A 1730 7.71 -33.87 -35.77
C ASN A 1730 8.16 -35.34 -35.69
N ARG A 1731 7.19 -36.20 -35.38
CA ARG A 1731 7.44 -37.63 -35.28
C ARG A 1731 7.83 -38.21 -36.63
N MET A 1732 9.10 -38.60 -36.79
CA MET A 1732 9.60 -39.20 -38.02
C MET A 1732 10.19 -40.54 -37.64
N TYR A 1733 9.35 -41.57 -37.60
CA TYR A 1733 9.72 -42.86 -37.04
C TYR A 1733 9.87 -43.91 -38.13
N TRP A 1734 10.47 -45.03 -37.74
CA TRP A 1734 10.66 -46.16 -38.63
C TRP A 1734 10.39 -47.43 -37.84
N ARG A 1735 10.84 -48.56 -38.40
CA ARG A 1735 10.57 -49.86 -37.78
C ARG A 1735 11.24 -49.97 -36.42
N GLN A 1736 12.45 -49.45 -36.29
CA GLN A 1736 13.27 -49.65 -35.11
C GLN A 1736 13.75 -48.31 -34.55
N GLY A 1737 12.82 -47.35 -34.40
CA GLY A 1737 13.17 -46.12 -33.71
C GLY A 1737 11.99 -45.19 -33.67
N ILE A 1738 12.23 -44.00 -33.09
CA ILE A 1738 11.18 -43.00 -33.00
C ILE A 1738 11.63 -41.69 -33.60
N TYR A 1739 12.68 -41.09 -33.04
CA TYR A 1739 13.12 -39.72 -33.34
C TYR A 1739 11.96 -38.74 -33.40
N LEU A 1740 11.31 -38.56 -32.26
CA LEU A 1740 10.41 -37.43 -32.14
C LEU A 1740 11.23 -36.20 -31.77
N ASN A 1741 10.88 -35.07 -32.36
CA ASN A 1741 11.62 -33.85 -32.05
C ASN A 1741 10.68 -32.65 -32.12
N TRP A 1742 10.77 -31.79 -31.11
CA TRP A 1742 10.07 -30.53 -31.11
C TRP A 1742 10.95 -29.41 -31.67
N SER A 1743 12.16 -29.30 -31.13
CA SER A 1743 13.04 -28.17 -31.35
C SER A 1743 14.42 -28.57 -30.81
N PRO A 1744 15.48 -27.77 -31.00
CA PRO A 1744 16.69 -27.98 -30.19
C PRO A 1744 16.49 -27.73 -28.71
N GLU A 1745 15.34 -27.20 -28.29
CA GLU A 1745 15.03 -27.11 -26.87
C GLU A 1745 14.69 -28.48 -26.30
N ALA A 1746 14.06 -29.35 -27.09
CA ALA A 1746 13.65 -30.66 -26.60
C ALA A 1746 13.53 -31.63 -27.77
N TYR A 1747 14.36 -32.67 -27.79
CA TYR A 1747 14.24 -33.71 -28.78
C TYR A 1747 14.82 -35.01 -28.22
N CYS A 1748 14.61 -36.09 -28.95
CA CYS A 1748 15.03 -37.41 -28.51
C CYS A 1748 15.05 -38.36 -29.70
N LEU A 1749 15.83 -39.43 -29.57
CA LEU A 1749 15.99 -40.40 -30.65
C LEU A 1749 16.25 -41.77 -30.03
N VAL A 1750 15.21 -42.59 -29.97
CA VAL A 1750 15.32 -43.93 -29.36
C VAL A 1750 15.67 -44.88 -30.50
N GLY A 1751 16.94 -44.88 -30.87
CA GLY A 1751 17.38 -45.66 -32.00
C GLY A 1751 17.53 -47.14 -31.69
N SER A 1752 18.08 -47.86 -32.65
CA SER A 1752 18.57 -49.21 -32.42
C SER A 1752 19.89 -49.31 -33.18
N GLU A 1753 20.98 -48.92 -32.53
CA GLU A 1753 22.26 -48.89 -33.20
C GLU A 1753 22.81 -50.29 -33.35
N VAL A 1754 23.98 -50.39 -33.98
CA VAL A 1754 24.71 -51.64 -34.06
C VAL A 1754 26.18 -51.33 -33.87
N LEU A 1755 26.90 -52.24 -33.22
CA LEU A 1755 28.33 -52.05 -32.94
C LEU A 1755 29.10 -53.14 -33.67
N ASP A 1756 30.22 -52.74 -34.28
CA ASP A 1756 30.99 -53.67 -35.10
C ASP A 1756 31.60 -54.77 -34.24
N ASN A 1757 31.62 -55.99 -34.80
CA ASN A 1757 32.13 -57.21 -34.18
C ASN A 1757 31.38 -57.58 -32.90
N HIS A 1758 30.21 -57.00 -32.65
CA HIS A 1758 29.44 -57.29 -31.45
C HIS A 1758 28.13 -57.94 -31.84
N PRO A 1759 27.86 -59.17 -31.39
CA PRO A 1759 26.62 -59.83 -31.79
C PRO A 1759 25.38 -59.27 -31.12
N GLU A 1760 25.52 -58.70 -29.93
CA GLU A 1760 24.37 -58.25 -29.16
C GLU A 1760 23.71 -57.05 -29.83
N SER A 1761 22.44 -56.85 -29.52
CA SER A 1761 21.62 -55.81 -30.14
C SER A 1761 21.40 -54.68 -29.16
N PHE A 1762 21.72 -53.45 -29.57
CA PHE A 1762 21.77 -52.32 -28.67
C PHE A 1762 20.50 -51.48 -28.76
N LEU A 1763 20.46 -50.40 -27.99
CA LEU A 1763 19.35 -49.46 -27.99
C LEU A 1763 19.89 -48.11 -27.53
N LYS A 1764 20.06 -47.19 -28.48
CA LYS A 1764 20.79 -45.96 -28.23
C LYS A 1764 19.84 -44.79 -28.05
N ILE A 1765 19.98 -44.08 -26.93
CA ILE A 1765 19.08 -42.98 -26.57
C ILE A 1765 19.90 -41.71 -26.42
N THR A 1766 20.00 -40.91 -27.48
CA THR A 1766 20.72 -39.65 -27.45
C THR A 1766 19.74 -38.51 -27.21
N VAL A 1767 19.86 -37.85 -26.06
CA VAL A 1767 18.96 -36.77 -25.68
C VAL A 1767 19.85 -35.58 -25.30
N PRO A 1768 19.49 -34.33 -25.63
CA PRO A 1768 20.36 -33.21 -25.27
C PRO A 1768 20.44 -32.98 -23.77
N SER A 1769 21.41 -32.15 -23.37
CA SER A 1769 21.79 -31.99 -21.97
C SER A 1769 21.14 -30.79 -21.30
N CYS A 1770 19.96 -30.36 -21.76
CA CYS A 1770 19.24 -29.29 -21.10
C CYS A 1770 18.32 -29.88 -20.04
N ARG A 1771 17.41 -29.05 -19.51
CA ARG A 1771 16.45 -29.55 -18.53
C ARG A 1771 15.38 -30.41 -19.20
N LYS A 1772 14.86 -29.96 -20.34
CA LYS A 1772 13.91 -30.76 -21.09
C LYS A 1772 14.54 -32.06 -21.56
N GLY A 1773 15.83 -32.04 -21.85
CA GLY A 1773 16.51 -33.27 -22.21
C GLY A 1773 16.56 -34.28 -21.09
N CYS A 1774 16.87 -33.81 -19.87
CA CYS A 1774 16.91 -34.73 -18.75
C CYS A 1774 15.52 -35.23 -18.39
N ILE A 1775 14.51 -34.40 -18.58
CA ILE A 1775 13.13 -34.83 -18.37
C ILE A 1775 12.75 -35.94 -19.35
N LEU A 1776 13.08 -35.73 -20.63
CA LEU A 1776 12.76 -36.73 -21.64
C LEU A 1776 13.54 -38.02 -21.42
N LEU A 1777 14.80 -37.92 -21.00
CA LEU A 1777 15.59 -39.12 -20.75
C LEU A 1777 15.02 -39.92 -19.58
N GLY A 1778 14.61 -39.22 -18.51
CA GLY A 1778 13.99 -39.91 -17.40
C GLY A 1778 12.69 -40.58 -17.79
N GLN A 1779 11.86 -39.88 -18.57
CA GLN A 1779 10.58 -40.46 -18.98
C GLN A 1779 10.76 -41.66 -19.89
N VAL A 1780 11.70 -41.58 -20.84
CA VAL A 1780 11.92 -42.69 -21.76
C VAL A 1780 12.48 -43.90 -21.03
N VAL A 1781 13.43 -43.68 -20.11
CA VAL A 1781 13.99 -44.78 -19.33
C VAL A 1781 12.90 -45.41 -18.47
N ASP A 1782 12.01 -44.58 -17.90
CA ASP A 1782 10.89 -45.09 -17.14
C ASP A 1782 9.99 -45.99 -17.99
N HIS A 1783 9.67 -45.54 -19.21
CA HIS A 1783 8.79 -46.32 -20.07
C HIS A 1783 9.42 -47.64 -20.48
N ILE A 1784 10.70 -47.64 -20.84
CA ILE A 1784 11.30 -48.88 -21.33
C ILE A 1784 11.51 -49.86 -20.18
N ASP A 1785 11.85 -49.36 -18.99
CA ASP A 1785 12.03 -50.27 -17.87
C ASP A 1785 10.69 -50.80 -17.38
N SER A 1786 9.63 -49.98 -17.44
CA SER A 1786 8.31 -50.48 -17.09
C SER A 1786 7.85 -51.53 -18.09
N LEU A 1787 8.19 -51.35 -19.37
CA LEU A 1787 7.84 -52.35 -20.37
C LEU A 1787 8.54 -53.66 -20.11
N MET A 1788 9.84 -53.61 -19.82
CA MET A 1788 10.57 -54.84 -19.57
C MET A 1788 10.14 -55.50 -18.26
N GLU A 1789 9.68 -54.72 -17.29
CA GLU A 1789 9.21 -55.32 -16.05
C GLU A 1789 7.80 -55.88 -16.19
N GLU A 1790 7.00 -55.34 -17.11
CA GLU A 1790 5.62 -55.78 -17.24
C GLU A 1790 5.42 -56.80 -18.35
N TRP A 1791 6.39 -57.00 -19.23
CA TRP A 1791 6.18 -57.87 -20.38
C TRP A 1791 7.29 -58.88 -20.64
N PHE A 1792 8.47 -58.72 -20.05
CA PHE A 1792 9.57 -59.67 -20.24
C PHE A 1792 10.29 -59.86 -18.91
N PRO A 1793 9.71 -60.64 -18.00
CA PRO A 1793 10.35 -60.80 -16.69
C PRO A 1793 11.56 -61.69 -16.72
N GLY A 1794 11.74 -62.49 -17.77
CA GLY A 1794 12.89 -63.37 -17.83
C GLY A 1794 14.19 -62.63 -18.08
N LEU A 1795 14.13 -61.49 -18.76
CA LEU A 1795 15.31 -60.72 -19.07
C LEU A 1795 16.01 -60.20 -17.83
N LEU A 1796 15.37 -59.30 -17.09
CA LEU A 1796 15.98 -58.67 -15.94
C LEU A 1796 15.74 -59.51 -14.68
N GLU A 1797 16.40 -60.67 -14.67
CA GLU A 1797 16.29 -61.59 -13.55
C GLU A 1797 17.55 -62.45 -13.48
N ILE A 1798 17.93 -62.81 -12.25
CA ILE A 1798 19.11 -63.61 -12.02
C ILE A 1798 18.74 -65.09 -11.96
N GLU A 1805 23.97 -63.09 -14.76
CA GLU A 1805 24.63 -61.83 -15.06
C GLU A 1805 23.61 -60.79 -15.54
N THR A 1806 22.34 -61.06 -15.23
CA THR A 1806 21.18 -60.18 -15.36
C THR A 1806 20.76 -60.02 -16.83
N LEU A 1807 21.58 -60.47 -17.77
CA LEU A 1807 21.29 -60.65 -19.19
C LEU A 1807 20.99 -59.35 -19.93
N LEU A 1808 20.96 -58.21 -19.25
CA LEU A 1808 20.49 -56.97 -19.86
C LEU A 1808 21.41 -55.84 -19.37
N LYS A 1809 22.48 -55.60 -20.12
CA LYS A 1809 23.47 -54.62 -19.72
C LYS A 1809 22.93 -53.22 -19.97
N LYS A 1810 22.72 -52.46 -18.89
CA LYS A 1810 22.34 -51.06 -18.99
C LYS A 1810 23.60 -50.22 -18.83
N TRP A 1811 24.02 -49.57 -19.91
CA TRP A 1811 25.28 -48.84 -19.94
C TRP A 1811 25.06 -47.36 -19.65
N ALA A 1812 26.13 -46.57 -19.80
CA ALA A 1812 26.11 -45.12 -19.70
C ALA A 1812 27.41 -44.62 -20.32
N LEU A 1813 27.33 -43.49 -21.02
CA LEU A 1813 28.46 -42.96 -21.77
C LEU A 1813 28.80 -41.56 -21.26
N TYR A 1814 30.10 -41.31 -21.04
CA TYR A 1814 30.59 -40.02 -20.59
C TYR A 1814 31.71 -39.54 -21.50
N SER A 1815 32.01 -38.25 -21.43
CA SER A 1815 33.04 -37.63 -22.26
C SER A 1815 33.83 -36.64 -21.41
N PHE A 1816 35.08 -36.97 -21.08
CA PHE A 1816 35.92 -36.05 -20.33
C PHE A 1816 36.45 -34.93 -21.22
N ASN A 1817 37.20 -35.30 -22.25
CA ASN A 1817 37.67 -34.32 -23.23
C ASN A 1817 36.47 -33.87 -24.05
N ASP A 1818 35.86 -32.76 -23.62
CA ASP A 1818 34.62 -32.25 -24.20
C ASP A 1818 34.80 -31.87 -25.66
N GLY A 1819 34.16 -32.61 -26.56
CA GLY A 1819 34.44 -32.48 -27.97
C GLY A 1819 35.64 -33.33 -28.33
N GLU A 1820 35.51 -34.15 -29.38
CA GLU A 1820 36.46 -35.20 -29.74
C GLU A 1820 36.73 -36.10 -28.53
N GLU A 1821 35.65 -36.77 -28.10
CA GLU A 1821 35.68 -37.52 -26.86
C GLU A 1821 36.49 -38.81 -26.96
N HIS A 1822 36.79 -39.25 -28.18
CA HIS A 1822 37.58 -40.46 -28.43
C HIS A 1822 36.94 -41.69 -27.79
N GLN A 1823 35.77 -42.06 -28.35
CA GLN A 1823 35.05 -43.28 -27.99
C GLN A 1823 34.62 -43.26 -26.53
N LYS A 1824 33.60 -42.42 -26.26
CA LYS A 1824 32.95 -42.26 -24.97
C LYS A 1824 32.78 -43.59 -24.25
N ILE A 1825 33.30 -43.64 -23.02
CA ILE A 1825 33.58 -44.93 -22.39
C ILE A 1825 32.30 -45.55 -21.85
N LEU A 1826 32.09 -46.81 -22.18
CA LEU A 1826 30.91 -47.55 -21.73
C LEU A 1826 31.05 -47.88 -20.24
N LEU A 1827 30.33 -47.16 -19.40
CA LEU A 1827 30.33 -47.42 -17.96
C LEU A 1827 29.00 -48.05 -17.59
N ASP A 1828 29.06 -49.24 -16.99
CA ASP A 1828 27.87 -49.93 -16.54
C ASP A 1828 27.17 -49.14 -15.44
N ASP A 1829 25.84 -49.18 -15.45
CA ASP A 1829 25.07 -48.21 -14.68
C ASP A 1829 24.93 -48.58 -13.21
N LEU A 1830 25.07 -49.86 -12.87
CA LEU A 1830 24.74 -50.30 -11.51
C LEU A 1830 25.78 -49.84 -10.50
N MET A 1831 27.06 -50.13 -10.76
CA MET A 1831 28.10 -49.67 -9.86
C MET A 1831 28.33 -48.17 -9.99
N LYS A 1832 27.92 -47.59 -11.12
CA LYS A 1832 27.88 -46.13 -11.22
C LYS A 1832 26.86 -45.57 -10.24
N LYS A 1833 25.71 -46.23 -10.12
CA LYS A 1833 24.73 -45.84 -9.11
C LYS A 1833 25.27 -46.10 -7.71
N ALA A 1834 26.08 -47.14 -7.55
CA ALA A 1834 26.74 -47.39 -6.28
C ALA A 1834 27.73 -46.30 -5.90
N GLU A 1835 28.15 -45.47 -6.86
CA GLU A 1835 28.89 -44.25 -6.57
C GLU A 1835 27.92 -43.13 -6.23
N GLU A 1836 27.12 -43.33 -5.18
CA GLU A 1836 26.16 -42.33 -4.74
C GLU A 1836 26.64 -41.54 -3.53
N GLY A 1837 27.57 -42.11 -2.76
CA GLY A 1837 28.19 -41.34 -1.70
C GLY A 1837 29.02 -40.18 -2.24
N ASP A 1838 29.77 -40.44 -3.30
CA ASP A 1838 30.49 -39.40 -4.02
C ASP A 1838 29.63 -38.92 -5.18
N LEU A 1839 29.14 -37.68 -5.09
CA LEU A 1839 28.24 -37.13 -6.10
C LEU A 1839 28.95 -36.61 -7.34
N LEU A 1840 30.23 -36.92 -7.50
CA LEU A 1840 30.95 -36.67 -8.73
C LEU A 1840 31.60 -37.98 -9.17
N VAL A 1841 31.96 -38.06 -10.45
CA VAL A 1841 32.63 -39.24 -10.99
C VAL A 1841 33.87 -38.76 -11.73
N ASN A 1842 34.97 -39.47 -11.52
CA ASN A 1842 36.29 -39.08 -12.00
C ASN A 1842 37.01 -40.32 -12.51
N PRO A 1843 38.06 -40.15 -13.33
CA PRO A 1843 38.93 -41.29 -13.64
C PRO A 1843 39.88 -41.60 -12.49
N ASP A 1844 40.87 -42.47 -12.73
CA ASP A 1844 41.78 -42.88 -11.66
C ASP A 1844 42.57 -41.70 -11.10
N GLN A 1845 42.80 -40.68 -11.90
CA GLN A 1845 43.45 -39.46 -11.45
C GLN A 1845 42.40 -38.42 -11.08
N PRO A 1846 42.70 -37.52 -10.13
CA PRO A 1846 41.73 -36.51 -9.71
C PRO A 1846 41.81 -35.19 -10.47
N ARG A 1847 42.52 -35.12 -11.59
CA ARG A 1847 42.73 -33.84 -12.26
C ARG A 1847 41.45 -33.34 -12.93
N LEU A 1848 40.55 -34.24 -13.31
CA LEU A 1848 39.27 -33.86 -13.92
C LEU A 1848 38.18 -34.77 -13.38
N THR A 1849 36.95 -34.27 -13.41
CA THR A 1849 35.79 -35.03 -13.01
C THR A 1849 34.55 -34.38 -13.62
N ILE A 1850 33.43 -35.09 -13.53
CA ILE A 1850 32.14 -34.59 -14.01
C ILE A 1850 31.05 -35.00 -13.03
N PRO A 1851 30.01 -34.17 -12.92
CA PRO A 1851 28.90 -34.51 -12.03
C PRO A 1851 28.09 -35.71 -12.53
N ILE A 1852 27.31 -36.26 -11.61
CA ILE A 1852 26.38 -37.33 -11.95
C ILE A 1852 25.28 -36.80 -12.86
N SER A 1853 24.85 -35.56 -12.66
CA SER A 1853 23.76 -34.99 -13.44
C SER A 1853 24.10 -34.73 -14.90
N GLN A 1854 25.34 -35.02 -15.33
CA GLN A 1854 25.70 -34.84 -16.72
C GLN A 1854 25.42 -36.08 -17.56
N ILE A 1855 25.62 -37.27 -16.99
CA ILE A 1855 25.56 -38.50 -17.78
C ILE A 1855 24.41 -39.42 -17.37
N ALA A 1856 23.76 -39.18 -16.24
CA ALA A 1856 22.61 -39.96 -15.83
C ALA A 1856 21.79 -39.16 -14.83
N PRO A 1857 21.00 -38.20 -15.29
CA PRO A 1857 20.29 -37.31 -14.37
C PRO A 1857 18.98 -37.88 -13.86
N ASP A 1858 18.79 -39.18 -14.02
CA ASP A 1858 17.62 -39.85 -13.47
C ASP A 1858 17.93 -40.69 -12.24
N LEU A 1859 19.18 -41.11 -12.07
CA LEU A 1859 19.59 -41.74 -10.81
C LEU A 1859 19.46 -40.75 -9.66
N ILE A 1860 20.26 -39.68 -9.70
CA ILE A 1860 20.01 -38.55 -8.82
C ILE A 1860 18.76 -37.83 -9.33
N LEU A 1861 17.91 -37.39 -8.40
CA LEU A 1861 16.61 -36.85 -8.76
C LEU A 1861 16.73 -35.49 -9.44
N ALA A 1862 17.22 -35.47 -10.67
CA ALA A 1862 17.32 -34.26 -11.46
C ALA A 1862 16.40 -34.26 -12.67
N ASP A 1863 15.82 -35.41 -13.03
CA ASP A 1863 14.97 -35.56 -14.20
C ASP A 1863 13.57 -34.99 -14.00
N LEU A 1864 13.32 -34.27 -12.93
CA LEU A 1864 12.05 -33.64 -12.61
C LEU A 1864 12.32 -32.16 -12.39
N PRO A 1865 11.25 -31.33 -12.15
CA PRO A 1865 11.49 -29.97 -11.66
C PRO A 1865 12.43 -29.88 -10.48
N ARG A 1866 13.56 -29.20 -10.68
CA ARG A 1866 14.75 -29.32 -9.83
C ARG A 1866 14.61 -28.62 -8.48
N ASN A 1867 13.42 -28.17 -8.10
CA ASN A 1867 13.21 -27.65 -6.75
C ASN A 1867 13.16 -28.74 -5.69
N ILE A 1868 13.30 -30.02 -6.06
CA ILE A 1868 13.11 -31.13 -5.14
C ILE A 1868 14.45 -31.82 -4.96
N MET A 1869 15.54 -31.06 -5.06
CA MET A 1869 16.84 -31.57 -4.66
C MET A 1869 16.90 -31.67 -3.14
N LEU A 1870 17.53 -32.72 -2.63
CA LEU A 1870 17.51 -32.98 -1.20
C LEU A 1870 18.27 -31.91 -0.42
N ASN A 1871 19.44 -31.51 -0.92
CA ASN A 1871 20.25 -30.40 -0.38
C ASN A 1871 20.62 -30.66 1.07
N ASN A 1872 21.48 -31.67 1.25
CA ASN A 1872 21.83 -32.23 2.55
C ASN A 1872 22.68 -31.30 3.43
N ASP A 1873 22.89 -30.04 3.04
CA ASP A 1873 23.74 -29.15 3.83
C ASP A 1873 23.07 -28.72 5.13
N GLU A 1874 21.89 -28.10 5.03
CA GLU A 1874 21.20 -27.50 6.16
C GLU A 1874 20.18 -28.45 6.79
N LEU A 1875 20.41 -29.76 6.69
CA LEU A 1875 19.51 -30.74 7.28
C LEU A 1875 20.04 -31.13 8.65
N GLU A 1876 19.78 -30.27 9.63
CA GLU A 1876 20.11 -30.55 11.03
C GLU A 1876 19.10 -31.58 11.51
N PHE A 1877 19.48 -32.85 11.40
CA PHE A 1877 18.53 -33.94 11.59
C PHE A 1877 19.26 -35.19 12.04
N GLU A 1878 18.67 -35.89 13.01
CA GLU A 1878 19.22 -37.14 13.52
C GLU A 1878 18.14 -38.20 13.50
N GLN A 1879 18.34 -39.24 12.70
CA GLN A 1879 17.37 -40.32 12.57
C GLN A 1879 17.34 -41.22 13.80
N ALA A 1880 18.42 -41.27 14.57
CA ALA A 1880 18.49 -42.22 15.69
C ALA A 1880 17.53 -41.91 16.84
N PRO A 1881 17.51 -40.71 17.43
CA PRO A 1881 16.76 -40.54 18.69
C PRO A 1881 15.25 -40.63 18.48
N GLU A 1882 14.61 -41.48 19.27
CA GLU A 1882 13.17 -41.64 19.24
C GLU A 1882 12.41 -40.44 19.78
N PHE A 1883 13.13 -39.45 20.34
CA PHE A 1883 12.54 -38.20 20.81
C PHE A 1883 11.67 -37.58 19.73
N LEU A 1884 12.11 -37.69 18.49
CA LEU A 1884 11.39 -37.16 17.34
C LEU A 1884 10.49 -38.21 16.72
N LEU A 1885 10.82 -39.50 16.90
CA LEU A 1885 10.04 -40.57 16.28
C LEU A 1885 8.64 -40.69 16.86
N GLY A 1886 8.37 -40.03 17.98
CA GLY A 1886 7.01 -39.89 18.48
C GLY A 1886 6.11 -39.03 17.60
N ASP A 1887 6.63 -38.60 16.44
CA ASP A 1887 5.89 -37.87 15.43
C ASP A 1887 5.25 -38.78 14.38
N GLY A 1888 4.96 -40.01 14.80
CA GLY A 1888 4.31 -40.98 13.90
C GLY A 1888 5.28 -42.05 13.45
N SER A 1889 5.17 -43.26 13.99
CA SER A 1889 6.04 -44.35 13.48
C SER A 1889 5.25 -45.25 12.54
N PHE A 1890 3.96 -44.97 12.35
CA PHE A 1890 3.16 -45.89 11.49
C PHE A 1890 3.98 -46.06 10.22
N GLY A 1891 4.57 -44.97 9.76
CA GLY A 1891 5.52 -45.05 8.65
C GLY A 1891 6.69 -44.37 9.32
N SER A 1892 7.88 -44.37 8.76
CA SER A 1892 8.93 -43.70 9.55
C SER A 1892 8.84 -42.18 9.37
N VAL A 1893 8.00 -41.48 10.12
CA VAL A 1893 8.00 -39.99 10.07
C VAL A 1893 8.90 -39.63 11.23
N TYR A 1894 9.41 -38.42 11.29
CA TYR A 1894 10.42 -38.13 12.31
C TYR A 1894 10.36 -36.65 12.35
N ARG A 1895 11.01 -36.00 13.27
CA ARG A 1895 10.83 -34.54 13.30
C ARG A 1895 12.19 -33.97 13.08
N ALA A 1896 12.27 -32.94 12.27
CA ALA A 1896 13.59 -32.44 11.95
C ALA A 1896 13.62 -30.93 11.72
N ALA A 1897 14.80 -30.39 11.43
CA ALA A 1897 14.96 -28.97 11.14
C ALA A 1897 15.81 -28.83 9.89
N TYR A 1898 15.26 -28.14 8.88
CA TYR A 1898 15.90 -28.00 7.58
C TYR A 1898 15.78 -26.56 7.13
N GLU A 1899 16.90 -26.01 6.63
CA GLU A 1899 16.97 -24.66 6.09
C GLU A 1899 16.49 -23.61 7.09
N GLY A 1900 16.72 -23.86 8.38
CA GLY A 1900 16.28 -22.98 9.43
C GLY A 1900 14.87 -23.19 9.92
N GLU A 1901 14.01 -23.86 9.15
CA GLU A 1901 12.62 -24.06 9.51
C GLU A 1901 12.37 -25.48 9.99
N GLU A 1902 11.36 -25.64 10.82
CA GLU A 1902 11.02 -26.97 11.32
C GLU A 1902 10.28 -27.75 10.25
N VAL A 1903 10.70 -28.99 10.02
CA VAL A 1903 10.17 -29.84 8.96
C VAL A 1903 9.86 -31.21 9.55
N ALA A 1904 9.17 -32.03 8.75
CA ALA A 1904 8.85 -33.40 9.14
C ALA A 1904 9.35 -34.30 8.01
N VAL A 1905 10.64 -34.65 8.05
CA VAL A 1905 11.23 -35.59 7.11
C VAL A 1905 10.55 -36.93 7.32
N LYS A 1906 10.34 -37.68 6.23
CA LYS A 1906 9.74 -39.02 6.32
C LYS A 1906 10.71 -40.00 5.68
N ILE A 1907 11.21 -40.95 6.46
CA ILE A 1907 12.17 -41.91 5.95
C ILE A 1907 11.43 -43.12 5.37
N PHE A 1908 11.96 -43.64 4.27
CA PHE A 1908 11.39 -44.80 3.59
C PHE A 1908 12.11 -46.06 4.02
N ASN A 1909 11.34 -47.10 4.34
CA ASN A 1909 11.92 -48.40 4.63
C ASN A 1909 12.40 -49.06 3.33
N LYS A 1910 12.94 -50.27 3.48
CA LYS A 1910 13.52 -50.97 2.33
C LYS A 1910 12.49 -51.70 1.48
N HIS A 1911 11.21 -51.41 1.66
CA HIS A 1911 10.15 -51.92 0.80
C HIS A 1911 9.83 -50.99 -0.36
N THR A 1912 10.78 -50.14 -0.75
CA THR A 1912 10.57 -49.11 -1.76
C THR A 1912 11.54 -49.31 -2.92
N SER A 1913 11.10 -48.92 -4.11
CA SER A 1913 11.93 -48.91 -5.30
C SER A 1913 12.19 -47.47 -5.72
N LEU A 1914 13.38 -47.23 -6.26
CA LEU A 1914 13.72 -45.89 -6.73
C LEU A 1914 12.84 -45.48 -7.91
N ARG A 1915 12.46 -46.44 -8.74
CA ARG A 1915 11.53 -46.16 -9.83
C ARG A 1915 10.17 -45.78 -9.28
N LEU A 1916 9.73 -46.44 -8.20
CA LEU A 1916 8.47 -46.09 -7.57
C LEU A 1916 8.52 -44.70 -6.95
N LEU A 1917 9.67 -44.33 -6.39
CA LEU A 1917 9.83 -42.99 -5.83
C LEU A 1917 9.81 -41.92 -6.90
N ARG A 1918 10.55 -42.16 -8.00
CA ARG A 1918 10.56 -41.25 -9.13
C ARG A 1918 9.21 -41.21 -9.85
N GLN A 1919 8.39 -42.25 -9.69
CA GLN A 1919 7.05 -42.24 -10.26
C GLN A 1919 6.08 -41.46 -9.37
N GLU A 1920 6.20 -41.60 -8.05
CA GLU A 1920 5.31 -40.89 -7.14
C GLU A 1920 5.65 -39.42 -7.05
N LEU A 1921 6.93 -39.06 -7.22
CA LEU A 1921 7.34 -37.68 -7.08
C LEU A 1921 6.77 -36.80 -8.19
N VAL A 1922 6.78 -37.29 -9.44
CA VAL A 1922 6.41 -36.43 -10.56
C VAL A 1922 4.93 -36.13 -10.58
N VAL A 1923 4.12 -36.90 -9.88
CA VAL A 1923 2.72 -36.51 -9.67
C VAL A 1923 2.58 -35.78 -8.34
N LEU A 1924 3.52 -35.98 -7.42
CA LEU A 1924 3.51 -35.29 -6.13
C LEU A 1924 4.31 -33.98 -6.17
N CYS A 1925 4.67 -33.49 -7.35
CA CYS A 1925 5.57 -32.34 -7.45
C CYS A 1925 4.88 -31.04 -7.81
N HIS A 1926 3.83 -31.07 -8.61
CA HIS A 1926 3.27 -29.84 -9.19
C HIS A 1926 1.80 -29.67 -8.82
N LEU A 1927 1.51 -29.80 -7.53
CA LEU A 1927 0.16 -29.54 -7.04
C LEU A 1927 0.04 -28.14 -6.45
N HIS A 1928 0.80 -27.87 -5.38
CA HIS A 1928 1.03 -26.52 -4.83
C HIS A 1928 -0.28 -25.81 -4.47
N HIS A 1929 -0.96 -26.35 -3.46
CA HIS A 1929 -2.20 -25.73 -3.04
C HIS A 1929 -2.15 -25.41 -1.55
N PRO A 1930 -2.82 -24.34 -1.11
CA PRO A 1930 -2.79 -23.98 0.32
C PRO A 1930 -3.34 -25.03 1.26
N SER A 1931 -4.17 -25.95 0.78
CA SER A 1931 -4.68 -27.04 1.60
C SER A 1931 -3.99 -28.35 1.29
N LEU A 1932 -2.77 -28.31 0.76
CA LEU A 1932 -1.99 -29.49 0.44
C LEU A 1932 -0.65 -29.43 1.15
N ILE A 1933 -0.18 -30.58 1.63
CA ILE A 1933 1.12 -30.67 2.28
C ILE A 1933 2.18 -30.60 1.18
N SER A 1934 2.78 -29.43 1.01
CA SER A 1934 3.77 -29.25 -0.02
C SER A 1934 5.09 -29.91 0.39
N LEU A 1935 5.85 -30.31 -0.62
CA LEU A 1935 7.18 -30.86 -0.37
C LEU A 1935 8.17 -29.73 -0.08
N LEU A 1936 9.34 -30.12 0.41
CA LEU A 1936 10.44 -29.17 0.52
C LEU A 1936 11.69 -29.77 -0.10
N ALA A 1937 11.87 -31.08 0.06
CA ALA A 1937 13.03 -31.76 -0.50
C ALA A 1937 12.73 -33.24 -0.59
N ALA A 1938 13.62 -33.97 -1.28
CA ALA A 1938 13.62 -35.42 -1.35
C ALA A 1938 14.93 -35.83 -2.01
N GLY A 1939 15.43 -37.01 -1.65
CA GLY A 1939 16.64 -37.48 -2.29
C GLY A 1939 17.20 -38.75 -1.70
N ILE A 1940 18.48 -38.96 -1.99
CA ILE A 1940 19.16 -40.21 -1.73
C ILE A 1940 20.17 -39.99 -0.60
N ARG A 1941 20.71 -41.10 -0.08
CA ARG A 1941 21.67 -41.20 1.02
C ARG A 1941 21.17 -40.55 2.30
N PRO A 1942 20.15 -41.11 2.97
CA PRO A 1942 19.32 -42.26 2.59
C PRO A 1942 18.15 -41.80 1.73
N ARG A 1943 17.35 -42.73 1.21
CA ARG A 1943 16.17 -42.36 0.44
C ARG A 1943 15.15 -41.73 1.37
N MET A 1944 15.00 -40.41 1.29
CA MET A 1944 14.18 -39.67 2.22
C MET A 1944 13.39 -38.58 1.50
N LEU A 1945 12.41 -38.03 2.23
CA LEU A 1945 11.50 -37.02 1.73
C LEU A 1945 11.20 -36.05 2.85
N VAL A 1946 11.34 -34.75 2.59
CA VAL A 1946 11.25 -33.71 3.61
C VAL A 1946 10.10 -32.80 3.25
N MET A 1947 9.09 -32.75 4.12
CA MET A 1947 7.88 -31.97 3.91
C MET A 1947 7.63 -31.07 5.12
N GLU A 1948 6.54 -30.31 5.06
CA GLU A 1948 6.21 -29.34 6.09
C GLU A 1948 5.68 -30.04 7.33
N LEU A 1949 5.67 -29.30 8.44
CA LEU A 1949 5.29 -29.84 9.74
C LEU A 1949 3.95 -29.28 10.17
N ALA A 1950 3.05 -30.16 10.58
CA ALA A 1950 1.77 -29.79 11.16
C ALA A 1950 1.91 -29.83 12.67
N SER A 1951 1.84 -28.66 13.31
CA SER A 1951 2.24 -28.55 14.72
C SER A 1951 1.28 -29.26 15.65
N LYS A 1952 0.04 -29.44 15.25
CA LYS A 1952 -0.99 -29.97 16.15
C LYS A 1952 -1.29 -31.44 15.93
N GLY A 1953 -0.57 -32.11 15.05
CA GLY A 1953 -0.82 -33.52 14.81
C GLY A 1953 -2.08 -33.74 14.00
N SER A 1954 -2.41 -35.01 13.80
CA SER A 1954 -3.55 -35.37 12.97
C SER A 1954 -4.85 -35.03 13.68
N LEU A 1955 -5.94 -35.10 12.92
CA LEU A 1955 -7.25 -34.74 13.46
C LEU A 1955 -7.75 -35.76 14.46
N ASP A 1956 -7.38 -37.03 14.29
CA ASP A 1956 -7.95 -38.10 15.12
C ASP A 1956 -7.49 -37.96 16.57
N ARG A 1957 -6.21 -37.66 16.78
CA ARG A 1957 -5.70 -37.45 18.12
C ARG A 1957 -6.36 -36.24 18.78
N LEU A 1958 -6.61 -35.19 17.99
CA LEU A 1958 -7.24 -33.98 18.53
C LEU A 1958 -8.67 -34.27 18.97
N LEU A 1959 -9.47 -34.90 18.11
CA LEU A 1959 -10.83 -35.19 18.52
C LEU A 1959 -10.92 -36.32 19.51
N GLN A 1960 -9.85 -37.08 19.70
CA GLN A 1960 -9.83 -38.12 20.72
C GLN A 1960 -9.45 -37.59 22.10
N GLN A 1961 -8.60 -36.57 22.16
CA GLN A 1961 -8.10 -36.08 23.44
C GLN A 1961 -8.44 -34.63 23.74
N ASP A 1962 -8.81 -33.83 22.76
CA ASP A 1962 -9.00 -32.39 22.91
C ASP A 1962 -10.38 -31.97 22.40
N LYS A 1963 -11.42 -32.65 22.92
CA LYS A 1963 -12.79 -32.39 22.46
C LYS A 1963 -13.26 -30.97 22.74
N ALA A 1964 -12.63 -30.28 23.68
CA ALA A 1964 -13.04 -28.93 24.03
C ALA A 1964 -12.65 -27.89 22.99
N SER A 1965 -11.81 -28.24 22.01
CA SER A 1965 -11.30 -27.26 21.07
C SER A 1965 -12.17 -27.10 19.83
N LEU A 1966 -12.89 -28.14 19.42
CA LEU A 1966 -13.81 -28.01 18.29
C LEU A 1966 -15.07 -27.28 18.74
N THR A 1967 -15.21 -26.02 18.34
CA THR A 1967 -16.24 -25.13 18.86
C THR A 1967 -17.04 -24.48 17.74
N ARG A 1968 -17.49 -25.28 16.77
CA ARG A 1968 -18.47 -24.94 15.74
C ARG A 1968 -17.99 -23.90 14.75
N THR A 1969 -16.80 -23.34 14.92
CA THR A 1969 -16.19 -22.47 13.93
C THR A 1969 -14.83 -22.97 13.50
N LEU A 1970 -14.12 -23.68 14.38
CA LEU A 1970 -12.96 -24.44 13.93
C LEU A 1970 -13.39 -25.60 13.05
N GLN A 1971 -14.54 -26.20 13.37
CA GLN A 1971 -15.06 -27.32 12.60
C GLN A 1971 -15.39 -26.90 11.19
N HIS A 1972 -15.97 -25.70 11.03
CA HIS A 1972 -16.36 -25.25 9.71
C HIS A 1972 -15.15 -24.97 8.84
N ARG A 1973 -14.10 -24.37 9.41
CA ARG A 1973 -12.92 -24.10 8.61
C ARG A 1973 -12.16 -25.39 8.29
N ILE A 1974 -12.20 -26.37 9.20
CA ILE A 1974 -11.57 -27.66 8.92
C ILE A 1974 -12.29 -28.35 7.78
N ALA A 1975 -13.62 -28.39 7.84
CA ALA A 1975 -14.40 -29.03 6.77
C ALA A 1975 -14.24 -28.28 5.46
N LEU A 1976 -14.13 -26.96 5.52
CA LEU A 1976 -13.95 -26.18 4.30
C LEU A 1976 -12.59 -26.42 3.69
N HIS A 1977 -11.56 -26.59 4.52
CA HIS A 1977 -10.22 -26.79 3.96
C HIS A 1977 -10.07 -28.19 3.38
N VAL A 1978 -10.67 -29.19 4.02
CA VAL A 1978 -10.69 -30.53 3.43
C VAL A 1978 -11.50 -30.53 2.14
N ALA A 1979 -12.58 -29.75 2.09
CA ALA A 1979 -13.35 -29.65 0.85
C ALA A 1979 -12.56 -28.96 -0.25
N ASP A 1980 -11.79 -27.94 0.11
CA ASP A 1980 -10.93 -27.27 -0.86
C ASP A 1980 -9.87 -28.22 -1.40
N GLY A 1981 -9.32 -29.06 -0.52
CA GLY A 1981 -8.37 -30.05 -0.98
C GLY A 1981 -8.98 -31.06 -1.92
N LEU A 1982 -10.21 -31.50 -1.62
CA LEU A 1982 -10.91 -32.42 -2.51
C LEU A 1982 -11.20 -31.76 -3.85
N ARG A 1983 -11.55 -30.48 -3.84
CA ARG A 1983 -11.83 -29.77 -5.08
C ARG A 1983 -10.58 -29.63 -5.92
N TYR A 1984 -9.45 -29.34 -5.29
CA TYR A 1984 -8.22 -29.20 -6.05
C TYR A 1984 -7.71 -30.54 -6.57
N LEU A 1985 -7.93 -31.62 -5.83
CA LEU A 1985 -7.50 -32.93 -6.33
C LEU A 1985 -8.39 -33.41 -7.46
N HIS A 1986 -9.70 -33.14 -7.37
CA HIS A 1986 -10.58 -33.51 -8.47
C HIS A 1986 -10.41 -32.57 -9.66
N SER A 1987 -9.82 -31.40 -9.45
CA SER A 1987 -9.44 -30.56 -10.59
C SER A 1987 -8.31 -31.19 -11.39
N ALA A 1988 -7.42 -31.94 -10.73
CA ALA A 1988 -6.32 -32.62 -11.40
C ALA A 1988 -6.67 -34.06 -11.76
N MET A 1989 -7.96 -34.42 -11.71
CA MET A 1989 -8.48 -35.71 -12.14
C MET A 1989 -7.89 -36.89 -11.37
N ILE A 1990 -7.36 -36.65 -10.18
CA ILE A 1990 -6.79 -37.71 -9.36
C ILE A 1990 -7.68 -37.91 -8.14
N ILE A 1991 -7.85 -39.17 -7.76
CA ILE A 1991 -8.71 -39.53 -6.64
C ILE A 1991 -7.86 -39.73 -5.40
N TYR A 1992 -8.52 -39.71 -4.24
CA TYR A 1992 -7.85 -39.86 -2.96
C TYR A 1992 -8.02 -41.26 -2.38
N ARG A 1993 -9.27 -41.74 -2.32
CA ARG A 1993 -9.67 -43.12 -2.03
C ARG A 1993 -9.48 -43.54 -0.58
N ASP A 1994 -8.90 -42.69 0.27
CA ASP A 1994 -8.90 -42.95 1.71
C ASP A 1994 -8.75 -41.61 2.43
N LEU A 1995 -9.86 -41.10 2.95
CA LEU A 1995 -9.90 -39.82 3.64
C LEU A 1995 -10.50 -40.04 5.02
N LYS A 1996 -9.72 -39.78 6.05
CA LYS A 1996 -10.11 -40.08 7.42
C LYS A 1996 -9.41 -39.09 8.34
N PRO A 1997 -9.85 -38.98 9.60
CA PRO A 1997 -9.13 -38.11 10.56
C PRO A 1997 -7.66 -38.43 10.76
N HIS A 1998 -7.23 -39.63 10.37
CA HIS A 1998 -5.81 -39.95 10.40
C HIS A 1998 -5.03 -39.29 9.27
N ASN A 1999 -5.70 -38.58 8.36
CA ASN A 1999 -5.04 -37.97 7.21
C ASN A 1999 -5.39 -36.49 7.04
N VAL A 2000 -6.06 -35.88 8.00
CA VAL A 2000 -6.28 -34.45 8.04
C VAL A 2000 -5.33 -33.88 9.08
N LEU A 2001 -4.57 -32.85 8.70
CA LEU A 2001 -3.49 -32.34 9.53
C LEU A 2001 -3.75 -30.88 9.84
N LEU A 2002 -3.73 -30.53 11.12
CA LEU A 2002 -4.02 -29.18 11.56
C LEU A 2002 -2.74 -28.40 11.79
N PHE A 2003 -2.82 -27.09 11.61
CA PHE A 2003 -1.68 -26.20 11.77
C PHE A 2003 -1.87 -25.19 12.89
N THR A 2004 -3.10 -24.98 13.33
CA THR A 2004 -3.40 -24.10 14.46
C THR A 2004 -4.78 -24.48 14.98
N LEU A 2005 -5.12 -23.93 16.14
CA LEU A 2005 -6.48 -24.02 16.66
C LEU A 2005 -7.14 -22.65 16.74
N TYR A 2006 -6.50 -21.62 16.18
CA TYR A 2006 -7.04 -20.28 16.16
C TYR A 2006 -7.97 -20.14 14.97
N PRO A 2007 -9.25 -19.89 15.19
CA PRO A 2007 -10.23 -19.96 14.09
C PRO A 2007 -10.00 -18.98 12.94
N ASN A 2008 -9.72 -17.71 13.24
CA ASN A 2008 -9.64 -16.68 12.20
C ASN A 2008 -8.24 -16.65 11.58
N ALA A 2009 -7.80 -17.81 11.12
CA ALA A 2009 -6.46 -17.97 10.58
C ALA A 2009 -6.51 -18.24 9.08
N ALA A 2010 -5.35 -18.14 8.44
CA ALA A 2010 -5.27 -18.28 6.99
C ALA A 2010 -5.31 -19.73 6.55
N ILE A 2011 -4.55 -20.60 7.23
CA ILE A 2011 -4.53 -22.02 6.92
C ILE A 2011 -4.67 -22.81 8.22
N ILE A 2012 -5.67 -23.67 8.28
CA ILE A 2012 -5.90 -24.50 9.47
C ILE A 2012 -5.91 -25.99 9.18
N ALA A 2013 -6.14 -26.44 7.96
CA ALA A 2013 -6.21 -27.87 7.71
C ALA A 2013 -5.65 -28.19 6.34
N LYS A 2014 -4.73 -29.15 6.28
CA LYS A 2014 -4.21 -29.65 5.03
C LYS A 2014 -4.49 -31.15 4.97
N ILE A 2015 -4.59 -31.66 3.76
CA ILE A 2015 -4.78 -33.09 3.56
C ILE A 2015 -3.42 -33.74 3.35
N ALA A 2016 -3.33 -35.00 3.75
CA ALA A 2016 -2.10 -35.78 3.61
C ALA A 2016 -2.19 -36.55 2.30
N ASP A 2017 -1.78 -35.90 1.22
CA ASP A 2017 -1.87 -36.50 -0.11
C ASP A 2017 -0.83 -37.60 -0.35
N TYR A 2018 -0.03 -37.96 0.65
CA TYR A 2018 0.87 -39.11 0.50
C TYR A 2018 0.12 -40.40 0.22
N GLY A 2019 -1.18 -40.45 0.55
CA GLY A 2019 -2.01 -41.57 0.16
C GLY A 2019 -2.08 -41.79 -1.34
N ILE A 2020 -2.04 -40.72 -2.14
CA ILE A 2020 -2.02 -40.93 -3.59
C ILE A 2020 -0.62 -41.24 -4.09
N ALA A 2021 0.37 -41.23 -3.20
CA ALA A 2021 1.71 -41.68 -3.56
C ALA A 2021 1.72 -43.15 -3.96
N GLN A 2022 0.83 -43.95 -3.39
CA GLN A 2022 0.71 -45.35 -3.76
C GLN A 2022 -0.10 -45.50 -5.04
N THR A 2031 -3.14 -50.04 -2.75
CA THR A 2031 -4.25 -50.36 -1.85
C THR A 2031 -5.38 -49.33 -1.95
N SER A 2032 -6.11 -49.39 -3.07
CA SER A 2032 -7.22 -48.48 -3.32
C SER A 2032 -8.47 -48.82 -2.51
N GLU A 2033 -8.46 -49.86 -1.68
CA GLU A 2033 -9.66 -50.24 -0.94
C GLU A 2033 -9.90 -49.30 0.24
N GLY A 2034 -8.83 -48.79 0.85
CA GLY A 2034 -8.97 -47.93 1.99
C GLY A 2034 -9.36 -48.67 3.26
N THR A 2035 -9.32 -47.95 4.37
CA THR A 2035 -9.68 -48.46 5.69
C THR A 2035 -11.12 -48.94 5.72
N PRO A 2036 -11.45 -49.95 6.54
CA PRO A 2036 -12.81 -50.51 6.48
C PRO A 2036 -13.91 -49.57 6.97
N GLY A 2037 -13.69 -48.86 8.07
CA GLY A 2037 -14.70 -48.00 8.63
C GLY A 2037 -15.04 -46.81 7.74
N PHE A 2038 -14.02 -45.99 7.45
CA PHE A 2038 -14.18 -44.83 6.58
C PHE A 2038 -14.04 -45.32 5.13
N ARG A 2039 -15.16 -45.82 4.61
CA ARG A 2039 -15.16 -46.45 3.29
C ARG A 2039 -16.52 -46.27 2.65
N ALA A 2040 -16.52 -46.08 1.33
CA ALA A 2040 -17.76 -45.94 0.59
C ALA A 2040 -18.45 -47.29 0.46
N PRO A 2041 -19.77 -47.29 0.23
CA PRO A 2041 -20.44 -48.59 -0.01
C PRO A 2041 -20.05 -49.21 -1.34
N GLU A 2042 -19.80 -48.39 -2.36
CA GLU A 2042 -19.38 -48.92 -3.66
C GLU A 2042 -18.00 -49.56 -3.60
N VAL A 2043 -17.19 -49.22 -2.61
CA VAL A 2043 -15.93 -49.92 -2.40
C VAL A 2043 -16.18 -51.29 -1.78
N ALA A 2044 -17.09 -51.35 -0.81
CA ALA A 2044 -17.35 -52.61 -0.12
C ALA A 2044 -18.25 -53.55 -0.92
N ARG A 2045 -19.14 -53.00 -1.75
CA ARG A 2045 -20.09 -53.82 -2.51
C ARG A 2045 -19.37 -54.47 -3.69
N GLY A 2046 -18.60 -55.51 -3.36
CA GLY A 2046 -17.96 -56.32 -4.39
C GLY A 2046 -16.80 -55.67 -5.09
N ASN A 2047 -16.27 -54.56 -4.56
CA ASN A 2047 -15.11 -53.85 -5.09
C ASN A 2047 -15.33 -53.40 -6.54
N VAL A 2048 -16.41 -52.64 -6.75
CA VAL A 2048 -16.72 -52.08 -8.07
C VAL A 2048 -15.73 -50.96 -8.37
N ILE A 2049 -15.71 -50.51 -9.62
CA ILE A 2049 -14.78 -49.45 -10.02
C ILE A 2049 -15.14 -48.14 -9.32
N TYR A 2050 -14.11 -47.44 -8.85
CA TYR A 2050 -14.30 -46.25 -8.02
C TYR A 2050 -14.54 -45.03 -8.91
N ASN A 2051 -15.63 -44.32 -8.66
CA ASN A 2051 -15.87 -43.04 -9.28
C ASN A 2051 -15.21 -41.95 -8.44
N GLN A 2052 -15.52 -40.69 -8.72
CA GLN A 2052 -15.12 -39.58 -7.87
C GLN A 2052 -16.18 -39.25 -6.83
N GLN A 2053 -17.03 -40.21 -6.47
CA GLN A 2053 -18.05 -40.01 -5.45
C GLN A 2053 -17.76 -40.77 -4.17
N ALA A 2054 -16.87 -41.76 -4.21
CA ALA A 2054 -16.40 -42.39 -2.98
C ALA A 2054 -15.66 -41.38 -2.11
N ASP A 2055 -14.93 -40.45 -2.74
CA ASP A 2055 -14.28 -39.38 -1.99
C ASP A 2055 -15.32 -38.51 -1.29
N VAL A 2056 -16.43 -38.22 -1.97
CA VAL A 2056 -17.48 -37.40 -1.38
C VAL A 2056 -18.16 -38.15 -0.23
N TYR A 2057 -18.34 -39.46 -0.38
CA TYR A 2057 -18.93 -40.24 0.71
C TYR A 2057 -18.01 -40.31 1.91
N SER A 2058 -16.70 -40.49 1.68
CA SER A 2058 -15.75 -40.50 2.78
C SER A 2058 -15.69 -39.14 3.45
N PHE A 2059 -15.83 -38.06 2.66
CA PHE A 2059 -15.86 -36.72 3.23
C PHE A 2059 -17.11 -36.52 4.08
N GLY A 2060 -18.23 -37.10 3.64
CA GLY A 2060 -19.43 -37.03 4.45
C GLY A 2060 -19.28 -37.77 5.76
N LEU A 2061 -18.58 -38.91 5.73
CA LEU A 2061 -18.33 -39.63 6.97
C LEU A 2061 -17.39 -38.86 7.87
N LEU A 2062 -16.40 -38.19 7.28
CA LEU A 2062 -15.50 -37.32 8.05
C LEU A 2062 -16.27 -36.18 8.71
N LEU A 2063 -17.19 -35.57 7.97
CA LEU A 2063 -17.98 -34.48 8.51
C LEU A 2063 -18.94 -34.97 9.59
N TYR A 2064 -19.44 -36.20 9.45
CA TYR A 2064 -20.22 -36.82 10.51
C TYR A 2064 -19.39 -37.03 11.76
N ASP A 2065 -18.13 -37.43 11.59
CA ASP A 2065 -17.26 -37.61 12.74
C ASP A 2065 -16.93 -36.27 13.39
N ILE A 2066 -16.83 -35.22 12.60
CA ILE A 2066 -16.55 -33.89 13.15
C ILE A 2066 -17.76 -33.38 13.93
N LEU A 2067 -18.96 -33.57 13.37
CA LEU A 2067 -20.17 -33.07 14.03
C LEU A 2067 -20.41 -33.79 15.35
N THR A 2068 -20.26 -35.11 15.36
CA THR A 2068 -20.46 -35.91 16.56
C THR A 2068 -19.25 -35.90 17.49
N THR A 2069 -18.20 -35.16 17.12
CA THR A 2069 -16.91 -35.14 17.83
C THR A 2069 -16.34 -36.53 18.05
N GLY A 2070 -16.48 -37.40 17.05
CA GLY A 2070 -15.77 -38.66 17.04
C GLY A 2070 -16.32 -39.73 17.97
N GLY A 2071 -17.62 -39.74 18.23
CA GLY A 2071 -18.20 -40.86 18.96
C GLY A 2071 -18.19 -42.14 18.15
N ARG A 2072 -18.42 -42.01 16.83
CA ARG A 2072 -18.39 -43.18 15.96
C ARG A 2072 -17.00 -43.79 15.87
N ILE A 2073 -15.98 -42.96 15.88
CA ILE A 2073 -14.61 -43.48 15.78
C ILE A 2073 -14.21 -44.21 17.06
N VAL A 2074 -14.59 -43.65 18.22
CA VAL A 2074 -14.23 -44.30 19.48
C VAL A 2074 -15.10 -45.52 19.71
N GLU A 2075 -16.26 -45.61 19.06
CA GLU A 2075 -17.04 -46.84 19.15
C GLU A 2075 -16.49 -47.91 18.21
N GLY A 2076 -16.10 -47.52 17.00
CA GLY A 2076 -15.48 -48.45 16.07
C GLY A 2076 -14.10 -48.90 16.48
N LEU A 2077 -13.43 -48.15 17.35
CA LEU A 2077 -12.14 -48.59 17.89
C LEU A 2077 -12.29 -49.82 18.77
N LYS A 2078 -13.46 -50.04 19.37
CA LYS A 2078 -13.74 -51.22 20.16
C LYS A 2078 -14.60 -52.25 19.44
N PHE A 2079 -15.37 -51.83 18.45
CA PHE A 2079 -16.19 -52.74 17.64
C PHE A 2079 -16.02 -52.37 16.18
N PRO A 2080 -14.96 -52.87 15.53
CA PRO A 2080 -14.69 -52.47 14.14
C PRO A 2080 -15.69 -53.04 13.15
N ASN A 2081 -16.35 -54.16 13.48
CA ASN A 2081 -17.41 -54.66 12.63
C ASN A 2081 -18.63 -53.74 12.66
N GLU A 2082 -18.86 -53.09 13.80
CA GLU A 2082 -19.98 -52.17 13.94
C GLU A 2082 -19.77 -50.86 13.19
N PHE A 2083 -18.54 -50.53 12.82
CA PHE A 2083 -18.26 -49.31 12.09
C PHE A 2083 -18.08 -49.52 10.59
N ASP A 2084 -17.85 -50.76 10.15
CA ASP A 2084 -17.68 -51.05 8.73
C ASP A 2084 -18.76 -51.96 8.20
N GLU A 2085 -18.96 -53.14 8.80
CA GLU A 2085 -19.95 -54.09 8.28
C GLU A 2085 -21.37 -53.64 8.62
N LEU A 2086 -21.57 -53.13 9.83
CA LEU A 2086 -22.86 -52.57 10.19
C LEU A 2086 -23.14 -51.27 9.46
N GLU A 2087 -22.09 -50.60 8.98
CA GLU A 2087 -22.25 -49.40 8.16
C GLU A 2087 -22.48 -49.71 6.69
N ILE A 2088 -22.74 -50.97 6.33
CA ILE A 2088 -23.12 -51.29 4.96
C ILE A 2088 -24.52 -50.75 4.67
N GLN A 2089 -25.31 -50.51 5.72
CA GLN A 2089 -26.52 -49.71 5.61
C GLN A 2089 -26.14 -48.27 5.97
N GLY A 2090 -26.30 -47.36 5.01
CA GLY A 2090 -25.94 -45.97 5.23
C GLY A 2090 -27.00 -45.18 5.97
N LYS A 2091 -27.71 -45.85 6.88
CA LYS A 2091 -28.74 -45.25 7.72
C LYS A 2091 -28.20 -44.96 9.12
N LEU A 2092 -26.95 -44.48 9.19
CA LEU A 2092 -26.21 -44.07 10.39
C LEU A 2092 -27.10 -43.25 11.31
N PRO A 2093 -27.09 -43.53 12.61
CA PRO A 2093 -28.16 -43.03 13.48
C PRO A 2093 -28.11 -41.53 13.68
N ASP A 2094 -29.18 -41.03 14.31
CA ASP A 2094 -29.41 -39.60 14.51
C ASP A 2094 -28.31 -39.00 15.37
N PRO A 2095 -27.52 -38.05 14.84
CA PRO A 2095 -26.44 -37.46 15.65
C PRO A 2095 -26.95 -36.67 16.84
N VAL A 2096 -28.11 -36.03 16.72
CA VAL A 2096 -28.66 -35.28 17.84
C VAL A 2096 -29.13 -36.23 18.94
N LYS A 2097 -29.69 -37.37 18.54
CA LYS A 2097 -30.23 -38.31 19.52
C LYS A 2097 -29.13 -39.17 20.14
N GLU A 2098 -28.42 -39.92 19.31
CA GLU A 2098 -27.48 -40.92 19.79
C GLU A 2098 -26.14 -40.33 20.24
N TYR A 2099 -25.94 -39.03 20.09
CA TYR A 2099 -24.75 -38.38 20.59
C TYR A 2099 -25.14 -37.00 21.09
N GLY A 2100 -24.30 -36.40 21.92
CA GLY A 2100 -24.55 -35.04 22.35
C GLY A 2100 -23.88 -34.04 21.44
N CYS A 2101 -24.65 -33.15 20.83
CA CYS A 2101 -24.11 -32.19 19.87
C CYS A 2101 -25.12 -31.07 19.66
N ALA A 2102 -24.65 -30.03 18.99
CA ALA A 2102 -25.53 -28.97 18.51
C ALA A 2102 -26.38 -29.50 17.36
N PRO A 2103 -27.53 -28.87 17.08
CA PRO A 2103 -28.31 -29.27 15.90
C PRO A 2103 -27.56 -29.06 14.61
N TRP A 2104 -27.18 -27.81 14.34
CA TRP A 2104 -26.35 -27.44 13.19
C TRP A 2104 -26.94 -27.95 11.88
N PRO A 2105 -28.16 -27.55 11.53
CA PRO A 2105 -28.97 -28.37 10.62
C PRO A 2105 -28.62 -28.21 9.15
N MET A 2106 -28.05 -27.08 8.74
CA MET A 2106 -27.73 -26.93 7.33
C MET A 2106 -26.53 -27.76 6.91
N VAL A 2107 -25.82 -28.40 7.84
CA VAL A 2107 -24.77 -29.33 7.47
C VAL A 2107 -25.29 -30.75 7.69
N GLU A 2108 -26.32 -30.89 8.52
CA GLU A 2108 -26.99 -32.18 8.63
C GLU A 2108 -27.73 -32.52 7.35
N LYS A 2109 -28.38 -31.51 6.75
CA LYS A 2109 -28.98 -31.69 5.43
C LYS A 2109 -27.91 -32.03 4.40
N LEU A 2110 -26.73 -31.44 4.53
CA LEU A 2110 -25.62 -31.78 3.63
C LEU A 2110 -25.17 -33.22 3.82
N ILE A 2111 -25.10 -33.67 5.07
CA ILE A 2111 -24.71 -35.05 5.37
C ILE A 2111 -25.72 -36.03 4.76
N LYS A 2112 -27.01 -35.77 4.99
CA LYS A 2112 -28.03 -36.62 4.39
C LYS A 2112 -28.05 -36.50 2.87
N GLN A 2113 -27.53 -35.39 2.33
CA GLN A 2113 -27.50 -35.20 0.90
C GLN A 2113 -26.37 -35.99 0.25
N CYS A 2114 -25.20 -36.06 0.90
CA CYS A 2114 -24.07 -36.81 0.35
C CYS A 2114 -23.86 -38.15 1.05
N LEU A 2115 -24.86 -38.64 1.76
CA LEU A 2115 -24.81 -39.95 2.39
C LEU A 2115 -25.90 -40.86 1.85
N LYS A 2116 -26.17 -40.77 0.56
CA LYS A 2116 -27.10 -41.68 -0.10
C LYS A 2116 -26.36 -42.92 -0.58
N GLU A 2117 -27.10 -44.01 -0.72
CA GLU A 2117 -26.50 -45.25 -1.18
C GLU A 2117 -26.17 -45.22 -2.66
N ASN A 2118 -26.74 -44.28 -3.41
CA ASN A 2118 -26.40 -44.17 -4.82
C ASN A 2118 -25.13 -43.34 -4.98
N PRO A 2119 -24.22 -43.74 -5.88
CA PRO A 2119 -23.02 -42.92 -6.09
C PRO A 2119 -23.27 -41.64 -6.86
N GLN A 2120 -24.07 -41.70 -7.93
CA GLN A 2120 -24.14 -40.56 -8.85
C GLN A 2120 -25.12 -39.49 -8.43
N GLU A 2121 -25.93 -39.71 -7.39
CA GLU A 2121 -26.87 -38.68 -6.97
C GLU A 2121 -26.24 -37.73 -5.95
N ARG A 2122 -25.23 -38.19 -5.22
CA ARG A 2122 -24.54 -37.34 -4.27
C ARG A 2122 -23.77 -36.25 -5.01
N PRO A 2123 -23.59 -35.06 -4.38
CA PRO A 2123 -23.06 -33.91 -5.14
C PRO A 2123 -21.60 -34.03 -5.52
N THR A 2124 -21.12 -33.09 -6.32
CA THR A 2124 -19.73 -33.02 -6.71
C THR A 2124 -18.96 -32.13 -5.74
N SER A 2125 -17.63 -32.30 -5.74
CA SER A 2125 -16.78 -31.58 -4.80
C SER A 2125 -16.87 -30.07 -5.00
N ALA A 2126 -16.96 -29.63 -6.25
CA ALA A 2126 -17.11 -28.21 -6.53
C ALA A 2126 -18.45 -27.67 -6.03
N GLN A 2127 -19.45 -28.53 -5.85
CA GLN A 2127 -20.71 -28.09 -5.28
C GLN A 2127 -20.72 -28.16 -3.76
N VAL A 2128 -20.03 -29.14 -3.17
CA VAL A 2128 -19.98 -29.19 -1.72
C VAL A 2128 -19.11 -28.07 -1.18
N PHE A 2129 -18.17 -27.56 -2.00
CA PHE A 2129 -17.44 -26.36 -1.60
C PHE A 2129 -18.36 -25.16 -1.52
N ASP A 2130 -19.26 -25.01 -2.50
CA ASP A 2130 -20.18 -23.88 -2.47
C ASP A 2130 -21.21 -24.02 -1.36
N ILE A 2131 -21.60 -25.25 -1.03
CA ILE A 2131 -22.48 -25.46 0.11
C ILE A 2131 -21.78 -25.07 1.40
N LEU A 2132 -20.50 -25.45 1.55
CA LEU A 2132 -19.74 -25.09 2.74
C LEU A 2132 -19.32 -23.62 2.74
N ASN A 2133 -19.46 -22.92 1.63
CA ASN A 2133 -18.98 -21.56 1.50
C ASN A 2133 -20.01 -20.51 1.93
N SER A 2134 -21.04 -20.89 2.68
CA SER A 2134 -22.08 -19.96 3.08
C SER A 2134 -21.90 -19.61 4.55
N ALA A 2135 -21.94 -18.31 4.85
CA ALA A 2135 -21.91 -17.88 6.24
C ALA A 2135 -23.20 -18.24 6.96
N GLU A 2136 -24.29 -18.40 6.21
CA GLU A 2136 -25.55 -18.86 6.80
C GLU A 2136 -25.42 -20.27 7.35
N LEU A 2137 -24.54 -21.08 6.77
CA LEU A 2137 -24.32 -22.43 7.26
C LEU A 2137 -23.67 -22.41 8.64
N VAL A 2138 -22.58 -21.64 8.79
CA VAL A 2138 -21.87 -21.59 10.06
C VAL A 2138 -22.65 -20.78 11.10
N CYS A 2139 -23.56 -19.91 10.68
CA CYS A 2139 -24.25 -19.07 11.64
C CYS A 2139 -25.52 -19.73 12.20
N LEU A 2140 -26.27 -20.42 11.34
CA LEU A 2140 -27.59 -20.92 11.72
C LEU A 2140 -27.46 -21.95 12.84
N THR A 2141 -28.00 -21.62 14.02
CA THR A 2141 -27.91 -22.54 15.14
C THR A 2141 -28.89 -23.68 14.98
N ARG A 2142 -30.18 -23.39 14.81
CA ARG A 2142 -31.12 -24.49 14.64
C ARG A 2142 -32.35 -24.03 13.90
N ARG A 2143 -33.09 -25.00 13.37
CA ARG A 2143 -34.43 -24.80 12.87
C ARG A 2143 -35.39 -25.59 13.76
N ILE A 2144 -36.68 -25.27 13.64
CA ILE A 2144 -37.72 -26.11 14.22
C ILE A 2144 -39.00 -25.86 13.44
N LEU A 2145 -39.72 -26.93 13.19
CA LEU A 2145 -41.05 -26.88 12.61
C LEU A 2145 -42.11 -26.80 13.71
N LEU A 2146 -43.29 -26.39 13.32
CA LEU A 2146 -44.47 -26.37 14.15
C LEU A 2146 -45.52 -27.27 13.50
N PRO A 2147 -46.57 -27.67 14.23
CA PRO A 2147 -47.57 -28.59 13.65
C PRO A 2147 -48.30 -28.02 12.44
N LYS A 2148 -49.16 -28.86 11.88
CA LYS A 2148 -49.82 -28.56 10.61
C LYS A 2148 -50.78 -27.39 10.76
N ASN A 2149 -50.42 -26.28 10.10
CA ASN A 2149 -51.24 -25.07 10.01
C ASN A 2149 -51.60 -24.51 11.39
N VAL A 2150 -50.56 -24.16 12.14
CA VAL A 2150 -50.71 -23.32 13.32
C VAL A 2150 -50.09 -21.98 13.01
N ILE A 2151 -50.92 -20.97 12.79
CA ILE A 2151 -50.46 -19.64 12.42
C ILE A 2151 -50.26 -18.85 13.69
N VAL A 2152 -49.01 -18.61 14.05
CA VAL A 2152 -48.64 -17.87 15.25
C VAL A 2152 -48.21 -16.46 14.85
N GLU A 2153 -48.81 -15.46 15.50
CA GLU A 2153 -48.59 -14.07 15.16
C GLU A 2153 -47.83 -13.31 16.24
N CYS A 2154 -47.48 -13.97 17.34
CA CYS A 2154 -46.90 -13.30 18.49
C CYS A 2154 -46.28 -14.33 19.41
N MET A 2155 -45.17 -13.95 20.04
CA MET A 2155 -44.33 -14.88 20.77
C MET A 2155 -43.36 -14.10 21.65
N VAL A 2156 -42.98 -14.71 22.78
CA VAL A 2156 -42.07 -14.12 23.73
C VAL A 2156 -41.10 -15.19 24.23
N ALA A 2157 -39.96 -14.74 24.74
CA ALA A 2157 -38.89 -15.60 25.19
C ALA A 2157 -38.54 -15.28 26.63
N THR A 2158 -38.47 -16.32 27.47
CA THR A 2158 -38.17 -16.17 28.88
C THR A 2158 -36.69 -15.88 29.04
N HIS A 2159 -36.34 -14.59 29.03
CA HIS A 2159 -34.95 -14.19 29.22
C HIS A 2159 -34.47 -14.49 30.63
N HIS A 2160 -35.37 -14.44 31.61
CA HIS A 2160 -35.10 -14.89 32.97
C HIS A 2160 -36.26 -15.76 33.40
N ASN A 2161 -36.02 -17.05 33.61
CA ASN A 2161 -34.69 -17.67 33.62
C ASN A 2161 -34.23 -18.12 32.24
N SER A 2162 -32.96 -17.84 31.94
CA SER A 2162 -32.36 -18.20 30.66
C SER A 2162 -31.81 -19.61 30.64
N ARG A 2163 -31.59 -20.23 31.81
CA ARG A 2163 -31.11 -21.61 31.84
C ARG A 2163 -32.19 -22.56 31.35
N ASN A 2164 -33.39 -22.46 31.91
CA ASN A 2164 -34.53 -23.22 31.40
C ASN A 2164 -35.01 -22.60 30.10
N ALA A 2165 -34.53 -23.13 28.97
CA ALA A 2165 -34.79 -22.52 27.67
C ALA A 2165 -36.19 -22.91 27.19
N SER A 2166 -37.00 -21.91 26.88
CA SER A 2166 -38.34 -22.12 26.36
C SER A 2166 -38.80 -20.87 25.64
N ILE A 2167 -39.91 -21.00 24.92
CA ILE A 2167 -40.51 -19.89 24.17
C ILE A 2167 -42.03 -20.00 24.29
N TRP A 2168 -42.66 -18.92 24.73
CA TRP A 2168 -44.10 -18.81 24.69
C TRP A 2168 -44.53 -18.25 23.34
N LEU A 2169 -45.71 -18.64 22.86
CA LEU A 2169 -46.20 -18.15 21.58
C LEU A 2169 -47.71 -17.99 21.64
N GLY A 2170 -48.22 -17.14 20.76
CA GLY A 2170 -49.65 -16.97 20.56
C GLY A 2170 -50.15 -17.86 19.44
N CYS A 2171 -51.28 -17.45 18.87
CA CYS A 2171 -51.87 -18.21 17.76
C CYS A 2171 -52.82 -17.33 16.99
N GLY A 2172 -53.09 -17.74 15.75
CA GLY A 2172 -54.12 -17.13 14.93
C GLY A 2172 -54.79 -18.17 14.05
N HIS A 2173 -54.52 -19.45 14.31
CA HIS A 2173 -54.93 -20.55 13.46
C HIS A 2173 -56.37 -20.98 13.66
N THR A 2174 -57.17 -20.19 14.38
CA THR A 2174 -58.58 -20.49 14.57
C THR A 2174 -59.27 -19.20 15.00
N ASP A 2175 -60.54 -19.33 15.40
CA ASP A 2175 -61.23 -18.22 16.05
C ASP A 2175 -60.98 -18.24 17.56
N ARG A 2176 -61.31 -19.36 18.20
CA ARG A 2176 -61.02 -19.55 19.62
C ARG A 2176 -59.50 -19.65 19.78
N GLY A 2177 -58.89 -18.60 20.33
CA GLY A 2177 -57.45 -18.57 20.48
C GLY A 2177 -56.94 -19.59 21.49
N GLN A 2178 -55.67 -19.94 21.35
CA GLN A 2178 -55.05 -20.93 22.23
C GLN A 2178 -53.55 -20.73 22.22
N LEU A 2179 -52.99 -20.29 23.35
CA LEU A 2179 -51.56 -20.03 23.42
C LEU A 2179 -50.78 -21.34 23.34
N SER A 2180 -49.47 -21.22 23.17
CA SER A 2180 -48.64 -22.38 22.87
C SER A 2180 -47.30 -22.27 23.57
N PHE A 2181 -47.02 -23.23 24.45
CA PHE A 2181 -45.73 -23.39 25.07
C PHE A 2181 -44.83 -24.23 24.17
N LEU A 2182 -43.56 -23.85 24.07
CA LEU A 2182 -42.61 -24.60 23.25
C LEU A 2182 -41.31 -24.76 24.01
N ASP A 2183 -40.85 -26.00 24.12
CA ASP A 2183 -39.54 -26.27 24.66
C ASP A 2183 -38.46 -25.91 23.63
N LEU A 2184 -37.21 -25.98 24.06
CA LEU A 2184 -36.09 -25.73 23.15
C LEU A 2184 -35.10 -26.88 23.20
N ASN A 2185 -35.00 -27.55 24.34
CA ASN A 2185 -34.14 -28.71 24.47
C ASN A 2185 -34.82 -30.00 24.02
N THR A 2186 -36.15 -30.06 24.08
CA THR A 2186 -36.88 -31.26 23.68
C THR A 2186 -37.83 -31.06 22.51
N GLU A 2187 -38.10 -29.81 22.11
CA GLU A 2187 -38.98 -29.48 20.97
C GLU A 2187 -40.39 -30.02 21.18
N GLY A 2188 -40.93 -29.84 22.38
CA GLY A 2188 -42.27 -30.31 22.69
C GLY A 2188 -43.28 -29.19 22.63
N TYR A 2189 -44.40 -29.45 21.97
CA TYR A 2189 -45.46 -28.47 21.80
C TYR A 2189 -46.55 -28.66 22.84
N THR A 2190 -47.07 -27.54 23.35
CA THR A 2190 -48.12 -27.58 24.35
C THR A 2190 -49.15 -26.50 24.04
N SER A 2191 -50.43 -26.85 24.14
CA SER A 2191 -51.51 -25.92 23.86
C SER A 2191 -52.26 -25.58 25.14
N GLU A 2192 -52.56 -24.30 25.32
CA GLU A 2192 -53.26 -23.82 26.51
C GLU A 2192 -54.40 -22.92 26.06
N GLU A 2193 -55.64 -23.35 26.30
CA GLU A 2193 -56.80 -22.55 25.91
C GLU A 2193 -56.91 -21.34 26.82
N VAL A 2194 -57.03 -20.15 26.21
CA VAL A 2194 -56.95 -18.90 26.97
C VAL A 2194 -58.17 -18.00 26.75
N ALA A 2195 -58.51 -17.69 25.50
CA ALA A 2195 -59.53 -16.69 25.22
C ALA A 2195 -60.20 -17.00 23.89
N ASP A 2196 -61.32 -16.32 23.65
CA ASP A 2196 -62.09 -16.53 22.44
C ASP A 2196 -61.58 -15.73 21.25
N SER A 2197 -60.67 -14.78 21.48
CA SER A 2197 -60.07 -13.99 20.41
C SER A 2197 -58.57 -14.29 20.31
N ARG A 2198 -58.02 -14.06 19.12
CA ARG A 2198 -56.63 -14.38 18.86
C ARG A 2198 -55.70 -13.47 19.65
N ILE A 2199 -54.66 -14.07 20.24
CA ILE A 2199 -53.71 -13.32 21.05
C ILE A 2199 -52.88 -12.41 20.16
N LEU A 2200 -52.70 -11.16 20.59
CA LEU A 2200 -51.96 -10.20 19.79
C LEU A 2200 -50.51 -10.02 20.20
N CYS A 2201 -50.19 -10.14 21.49
CA CYS A 2201 -48.80 -10.07 21.92
C CYS A 2201 -48.65 -10.84 23.23
N LEU A 2202 -47.39 -10.99 23.64
CA LEU A 2202 -47.07 -11.58 24.94
C LEU A 2202 -45.92 -10.82 25.59
N ALA A 2203 -45.83 -10.98 26.91
CA ALA A 2203 -44.68 -10.53 27.67
C ALA A 2203 -44.61 -11.37 28.94
N LEU A 2204 -43.57 -11.11 29.74
CA LEU A 2204 -43.37 -11.84 30.99
C LEU A 2204 -42.46 -11.02 31.89
N VAL A 2205 -42.62 -11.22 33.20
CA VAL A 2205 -41.82 -10.52 34.20
C VAL A 2205 -41.27 -11.54 35.20
N HIS A 2206 -39.95 -11.59 35.33
CA HIS A 2206 -39.29 -12.43 36.31
C HIS A 2206 -39.14 -11.61 37.59
N LEU A 2207 -40.03 -11.85 38.54
CA LEU A 2207 -40.11 -10.99 39.70
C LEU A 2207 -38.91 -11.19 40.62
N PRO A 2208 -38.25 -10.12 41.07
CA PRO A 2208 -37.29 -10.28 42.18
C PRO A 2208 -37.95 -10.76 43.45
N VAL A 2209 -39.06 -10.12 43.85
CA VAL A 2209 -39.83 -10.58 45.00
C VAL A 2209 -40.51 -11.90 44.66
N GLU A 2210 -40.60 -12.78 45.64
CA GLU A 2210 -41.30 -14.07 45.62
C GLU A 2210 -40.70 -15.10 44.67
N LYS A 2211 -39.67 -14.75 43.90
CA LYS A 2211 -38.86 -15.68 43.10
C LYS A 2211 -39.70 -16.51 42.12
N GLU A 2212 -40.33 -15.83 41.17
CA GLU A 2212 -41.17 -16.51 40.20
C GLU A 2212 -41.03 -15.84 38.84
N SER A 2213 -41.50 -16.55 37.82
CA SER A 2213 -41.55 -16.04 36.44
C SER A 2213 -43.02 -15.87 36.06
N TRP A 2214 -43.56 -14.70 36.39
CA TRP A 2214 -44.90 -14.32 35.97
C TRP A 2214 -44.91 -14.10 34.46
N ILE A 2215 -46.06 -14.35 33.83
CA ILE A 2215 -46.18 -14.16 32.39
C ILE A 2215 -47.56 -13.62 32.07
N VAL A 2216 -47.65 -12.78 31.06
CA VAL A 2216 -48.88 -12.10 30.72
C VAL A 2216 -49.41 -12.66 29.40
N SER A 2217 -50.68 -12.36 29.13
CA SER A 2217 -51.36 -12.80 27.92
C SER A 2217 -52.47 -11.81 27.63
N GLY A 2218 -52.49 -11.28 26.41
CA GLY A 2218 -53.47 -10.27 26.04
C GLY A 2218 -53.96 -10.42 24.61
N THR A 2219 -55.23 -10.09 24.37
CA THR A 2219 -55.84 -10.37 23.08
C THR A 2219 -56.92 -9.37 22.72
N GLN A 2220 -57.71 -9.68 21.69
CA GLN A 2220 -58.74 -8.76 21.22
C GLN A 2220 -59.93 -8.70 22.16
N SER A 2221 -60.12 -9.74 22.98
CA SER A 2221 -61.19 -9.74 23.97
C SER A 2221 -60.77 -9.11 25.29
N GLY A 2222 -59.63 -8.43 25.32
CA GLY A 2222 -59.24 -7.58 26.43
C GLY A 2222 -58.82 -8.28 27.70
N THR A 2223 -58.94 -9.60 27.78
CA THR A 2223 -58.63 -10.33 29.01
C THR A 2223 -57.11 -10.39 29.21
N LEU A 2224 -56.62 -9.46 30.03
CA LEU A 2224 -55.18 -9.41 30.32
C LEU A 2224 -54.83 -10.48 31.34
N LEU A 2225 -54.93 -11.74 30.93
CA LEU A 2225 -54.72 -12.86 31.83
C LEU A 2225 -53.24 -13.01 32.15
N VAL A 2226 -52.93 -13.65 33.27
CA VAL A 2226 -51.55 -13.90 33.67
C VAL A 2226 -51.42 -15.34 34.15
N ILE A 2227 -50.23 -15.90 33.97
CA ILE A 2227 -49.91 -17.28 34.27
C ILE A 2227 -48.51 -17.34 34.85
N ASN A 2228 -48.36 -18.02 35.99
CA ASN A 2228 -47.05 -18.26 36.55
C ASN A 2228 -46.43 -19.48 35.88
N THR A 2229 -45.09 -19.46 35.74
CA THR A 2229 -44.41 -20.49 34.97
C THR A 2229 -44.47 -21.84 35.67
N GLU A 2230 -44.02 -21.89 36.93
CA GLU A 2230 -44.09 -23.12 37.70
C GLU A 2230 -45.47 -23.38 38.27
N ASP A 2231 -46.39 -22.40 38.20
CA ASP A 2231 -47.74 -22.53 38.72
C ASP A 2231 -48.73 -22.23 37.59
N GLY A 2232 -49.10 -23.27 36.85
CA GLY A 2232 -50.05 -23.11 35.76
C GLY A 2232 -51.49 -23.25 36.21
N LYS A 2233 -51.81 -22.74 37.41
CA LYS A 2233 -53.18 -22.69 37.87
C LYS A 2233 -53.54 -21.36 38.53
N LYS A 2234 -52.57 -20.49 38.81
CA LYS A 2234 -52.84 -19.16 39.35
C LYS A 2234 -53.14 -18.24 38.18
N ARG A 2235 -54.43 -18.00 37.92
CA ARG A 2235 -54.86 -17.25 36.76
C ARG A 2235 -55.87 -16.20 37.18
N HIS A 2236 -55.72 -15.01 36.59
CA HIS A 2236 -56.68 -13.93 36.70
C HIS A 2236 -56.38 -12.94 35.59
N THR A 2237 -57.38 -12.14 35.24
CA THR A 2237 -57.18 -11.03 34.32
C THR A 2237 -57.08 -9.74 35.11
N LEU A 2238 -56.31 -8.79 34.57
CA LEU A 2238 -56.08 -7.52 35.23
C LEU A 2238 -57.27 -6.60 34.97
N GLU A 2239 -57.11 -5.29 35.22
CA GLU A 2239 -58.08 -4.31 34.75
C GLU A 2239 -58.27 -4.46 33.24
N LYS A 2240 -59.54 -4.56 32.82
CA LYS A 2240 -59.86 -4.85 31.43
C LYS A 2240 -59.47 -3.67 30.57
N MET A 2241 -58.50 -3.88 29.68
CA MET A 2241 -58.21 -2.89 28.65
C MET A 2241 -59.45 -2.69 27.79
N THR A 2242 -59.77 -1.42 27.53
CA THR A 2242 -61.07 -1.06 26.97
C THR A 2242 -61.26 -1.68 25.57
N ASP A 2243 -60.42 -1.29 24.63
CA ASP A 2243 -60.42 -1.90 23.31
C ASP A 2243 -59.45 -3.08 23.33
N SER A 2244 -59.11 -3.59 22.15
CA SER A 2244 -58.12 -4.64 22.04
C SER A 2244 -56.75 -4.16 22.48
N VAL A 2245 -56.08 -4.96 23.31
CA VAL A 2245 -54.67 -4.73 23.58
C VAL A 2245 -53.90 -4.88 22.28
N THR A 2246 -52.92 -4.01 22.06
CA THR A 2246 -52.19 -4.01 20.80
C THR A 2246 -50.71 -4.29 20.95
N CYS A 2247 -50.08 -3.80 22.01
CA CYS A 2247 -48.66 -4.03 22.22
C CYS A 2247 -48.34 -3.99 23.69
N LEU A 2248 -47.91 -5.12 24.23
CA LEU A 2248 -47.48 -5.20 25.62
C LEU A 2248 -45.97 -4.98 25.71
N TYR A 2249 -45.52 -4.60 26.89
CA TYR A 2249 -44.10 -4.39 27.11
C TYR A 2249 -43.82 -4.45 28.61
N CYS A 2250 -42.65 -4.99 28.95
CA CYS A 2250 -42.11 -4.95 30.31
C CYS A 2250 -40.67 -4.47 30.19
N ASN A 2251 -40.45 -3.19 30.50
CA ASN A 2251 -39.14 -2.57 30.35
C ASN A 2251 -38.09 -3.13 31.31
N LYS A 2260 -36.96 -0.08 40.49
CA LYS A 2260 -37.62 -1.26 39.96
C LYS A 2260 -37.90 -1.10 38.47
N ASN A 2261 -38.86 -1.86 37.96
CA ASN A 2261 -39.26 -1.80 36.56
C ASN A 2261 -40.77 -1.83 36.46
N PHE A 2262 -41.27 -1.51 35.27
CA PHE A 2262 -42.70 -1.33 35.07
C PHE A 2262 -43.23 -2.21 33.94
N LEU A 2263 -44.49 -2.00 33.57
CA LEU A 2263 -45.12 -2.71 32.48
C LEU A 2263 -46.03 -1.76 31.74
N LEU A 2264 -46.17 -1.96 30.44
CA LEU A 2264 -46.87 -1.03 29.56
C LEU A 2264 -47.97 -1.75 28.81
N VAL A 2265 -49.12 -1.09 28.72
CA VAL A 2265 -50.32 -1.63 28.07
C VAL A 2265 -50.72 -0.69 26.95
N GLY A 2266 -50.75 -1.19 25.72
CA GLY A 2266 -51.18 -0.39 24.59
C GLY A 2266 -52.49 -0.84 23.98
N THR A 2267 -53.54 -0.05 24.18
CA THR A 2267 -54.84 -0.36 23.61
C THR A 2267 -54.93 0.14 22.17
N ALA A 2268 -56.14 0.08 21.61
CA ALA A 2268 -56.37 0.67 20.30
C ALA A 2268 -56.55 2.18 20.39
N ASP A 2269 -56.74 2.72 21.59
CA ASP A 2269 -56.77 4.16 21.82
C ASP A 2269 -55.46 4.66 22.40
N GLY A 2270 -54.41 3.84 22.40
CA GLY A 2270 -53.11 4.26 22.89
C GLY A 2270 -53.04 4.57 24.36
N LYS A 2271 -54.05 4.17 25.13
CA LYS A 2271 -54.14 4.55 26.54
C LYS A 2271 -53.13 3.79 27.39
N LEU A 2272 -51.94 4.37 27.56
CA LEU A 2272 -50.88 3.71 28.29
C LEU A 2272 -51.21 3.63 29.78
N ALA A 2273 -51.04 2.44 30.35
CA ALA A 2273 -51.09 2.24 31.78
C ALA A 2273 -49.72 1.79 32.25
N ILE A 2274 -49.40 2.11 33.50
CA ILE A 2274 -48.11 1.77 34.08
C ILE A 2274 -48.38 0.73 35.16
N PHE A 2275 -48.10 -0.53 34.85
CA PHE A 2275 -48.16 -1.59 35.84
C PHE A 2275 -46.78 -1.75 36.47
N GLU A 2276 -46.70 -2.59 37.50
CA GLU A 2276 -45.45 -2.79 38.21
C GLU A 2276 -45.40 -4.23 38.71
N ASP A 2277 -44.18 -4.70 39.01
CA ASP A 2277 -43.96 -6.11 39.32
C ASP A 2277 -44.65 -6.53 40.62
N LYS A 2278 -44.87 -5.60 41.54
CA LYS A 2278 -45.65 -5.89 42.73
C LYS A 2278 -47.13 -5.60 42.55
N THR A 2279 -47.52 -4.98 41.43
CA THR A 2279 -48.92 -4.71 41.15
C THR A 2279 -49.56 -5.76 40.25
N VAL A 2280 -48.76 -6.45 39.43
CA VAL A 2280 -49.31 -7.44 38.50
C VAL A 2280 -49.89 -8.63 39.24
N LYS A 2281 -49.37 -8.92 40.43
CA LYS A 2281 -49.93 -10.01 41.24
C LYS A 2281 -51.31 -9.63 41.80
N LEU A 2282 -51.57 -8.34 41.98
CA LEU A 2282 -52.86 -7.89 42.46
C LEU A 2282 -53.79 -7.70 41.28
N LYS A 2283 -54.95 -8.36 41.31
CA LYS A 2283 -55.95 -8.23 40.26
C LYS A 2283 -56.44 -6.80 40.15
N GLY A 2284 -56.48 -6.29 38.93
CA GLY A 2284 -56.83 -4.90 38.71
C GLY A 2284 -55.77 -3.97 39.25
N ALA A 2285 -54.62 -3.93 38.59
CA ALA A 2285 -53.44 -3.26 39.13
C ALA A 2285 -53.61 -1.74 39.04
N ALA A 2286 -52.56 -1.03 39.37
CA ALA A 2286 -52.67 0.42 39.51
C ALA A 2286 -52.48 1.10 38.18
N PRO A 2287 -53.43 1.90 37.73
CA PRO A 2287 -53.25 2.77 36.56
C PRO A 2287 -52.64 4.11 36.98
N LEU A 2288 -51.32 4.09 37.15
CA LEU A 2288 -50.58 5.30 37.51
C LEU A 2288 -50.81 6.41 36.48
N LYS A 2289 -50.44 6.16 35.24
CA LYS A 2289 -50.68 7.08 34.14
C LYS A 2289 -51.80 6.53 33.28
N ILE A 2290 -52.62 7.43 32.75
CA ILE A 2290 -53.46 7.16 31.60
C ILE A 2290 -53.01 8.14 30.53
N LEU A 2291 -52.20 7.67 29.59
CA LEU A 2291 -51.62 8.49 28.55
C LEU A 2291 -52.48 8.35 27.29
N ASN A 2292 -53.37 9.32 27.08
CA ASN A 2292 -54.18 9.37 25.87
C ASN A 2292 -53.45 10.26 24.86
N ILE A 2293 -52.47 9.66 24.18
CA ILE A 2293 -51.72 10.38 23.17
C ILE A 2293 -52.59 10.67 21.96
N GLY A 2294 -53.09 9.60 21.33
CA GLY A 2294 -54.02 9.71 20.23
C GLY A 2294 -55.32 8.97 20.52
N ASN A 2295 -56.26 9.12 19.60
CA ASN A 2295 -57.59 8.55 19.74
C ASN A 2295 -57.57 7.06 19.35
N VAL A 2296 -58.77 6.49 19.18
CA VAL A 2296 -58.88 5.12 18.70
C VAL A 2296 -58.36 5.02 17.27
N SER A 2297 -58.44 6.12 16.51
CA SER A 2297 -57.94 6.16 15.14
C SER A 2297 -56.42 6.11 15.05
N THR A 2298 -55.72 6.14 16.18
CA THR A 2298 -54.27 5.93 16.22
C THR A 2298 -53.98 4.81 17.22
N PRO A 2299 -54.05 3.55 16.79
CA PRO A 2299 -53.72 2.44 17.69
C PRO A 2299 -52.22 2.28 17.86
N LEU A 2300 -51.75 2.54 19.08
CA LEU A 2300 -50.34 2.37 19.44
C LEU A 2300 -49.90 0.93 19.21
N MET A 2301 -48.97 0.72 18.29
CA MET A 2301 -48.57 -0.62 17.87
C MET A 2301 -47.13 -0.95 18.22
N CYS A 2302 -46.22 0.01 18.12
CA CYS A 2302 -44.84 -0.23 18.49
C CYS A 2302 -44.50 0.47 19.80
N LEU A 2303 -43.73 -0.22 20.63
CA LEU A 2303 -43.22 0.33 21.88
C LEU A 2303 -41.80 -0.17 22.06
N SER A 2304 -40.91 0.71 22.52
CA SER A 2304 -39.50 0.39 22.55
C SER A 2304 -38.88 0.94 23.82
N GLU A 2305 -37.55 0.95 23.85
CA GLU A 2305 -36.78 1.39 25.01
C GLU A 2305 -35.49 1.99 24.48
N SER A 2306 -34.77 2.67 25.38
CA SER A 2306 -33.56 3.39 25.00
C SER A 2306 -32.47 2.43 24.52
N THR A 2307 -31.62 2.95 23.63
CA THR A 2307 -30.58 2.11 23.04
C THR A 2307 -29.47 1.81 24.05
N ASN A 2308 -29.18 2.73 24.95
CA ASN A 2308 -28.14 2.57 25.94
C ASN A 2308 -28.69 2.95 27.31
N SER A 2309 -27.86 2.76 28.33
CA SER A 2309 -28.15 3.27 29.66
C SER A 2309 -27.57 4.67 29.87
N THR A 2310 -26.93 5.24 28.86
CA THR A 2310 -26.34 6.57 28.99
C THR A 2310 -27.42 7.66 29.03
N GLU A 2311 -28.57 7.39 28.43
CA GLU A 2311 -29.69 8.34 28.44
C GLU A 2311 -30.74 7.99 29.50
N ARG A 2312 -30.58 6.86 30.18
CA ARG A 2312 -31.38 6.48 31.35
C ARG A 2312 -32.87 6.37 31.04
N ASN A 2313 -33.20 5.42 30.17
CA ASN A 2313 -34.56 4.90 29.97
C ASN A 2313 -35.54 5.99 29.54
N VAL A 2314 -35.32 6.50 28.33
CA VAL A 2314 -36.25 7.40 27.67
C VAL A 2314 -36.92 6.62 26.53
N MET A 2315 -38.07 6.02 26.84
CA MET A 2315 -38.71 5.12 25.89
C MET A 2315 -39.46 5.90 24.82
N TRP A 2316 -39.83 5.18 23.76
CA TRP A 2316 -40.49 5.76 22.60
C TRP A 2316 -41.65 4.86 22.20
N GLY A 2317 -42.44 5.34 21.24
CA GLY A 2317 -43.48 4.48 20.67
C GLY A 2317 -44.46 5.27 19.84
N GLY A 2318 -45.02 4.66 18.79
CA GLY A 2318 -45.88 5.38 17.86
C GLY A 2318 -47.33 4.93 17.93
N CYS A 2319 -48.22 5.91 18.02
CA CYS A 2319 -49.65 5.67 17.89
C CYS A 2319 -50.10 6.14 16.51
N GLY A 2320 -50.75 5.24 15.78
CA GLY A 2320 -51.15 5.50 14.40
C GLY A 2320 -49.95 5.81 13.52
N THR A 2321 -49.81 7.08 13.16
CA THR A 2321 -48.61 7.55 12.49
C THR A 2321 -47.74 8.42 13.40
N LYS A 2322 -48.33 9.11 14.36
CA LYS A 2322 -47.57 10.04 15.18
C LYS A 2322 -46.83 9.30 16.28
N ILE A 2323 -45.54 9.53 16.38
CA ILE A 2323 -44.73 8.92 17.42
C ILE A 2323 -44.73 9.83 18.63
N PHE A 2324 -44.71 9.22 19.82
CA PHE A 2324 -44.50 9.94 21.06
C PHE A 2324 -43.31 9.36 21.80
N SER A 2325 -42.85 10.13 22.78
CA SER A 2325 -41.66 9.82 23.55
C SER A 2325 -41.95 10.11 25.01
N PHE A 2326 -41.29 9.36 25.90
CA PHE A 2326 -41.58 9.51 27.32
C PHE A 2326 -40.39 8.98 28.11
N SER A 2327 -40.48 9.12 29.42
CA SER A 2327 -39.44 8.71 30.36
C SER A 2327 -40.14 8.32 31.66
N ASN A 2328 -39.40 8.32 32.76
CA ASN A 2328 -40.01 8.05 34.05
C ASN A 2328 -40.96 9.15 34.50
N ASP A 2329 -40.98 10.30 33.82
CA ASP A 2329 -42.06 11.26 34.03
C ASP A 2329 -43.35 10.76 33.40
N PHE A 2330 -43.26 9.96 32.34
CA PHE A 2330 -44.40 9.34 31.64
C PHE A 2330 -45.41 10.38 31.15
N THR A 2331 -44.91 11.40 30.44
CA THR A 2331 -45.74 12.35 29.73
C THR A 2331 -45.24 12.46 28.29
N ILE A 2332 -45.90 13.29 27.50
CA ILE A 2332 -45.44 13.54 26.14
C ILE A 2332 -44.18 14.39 26.20
N GLN A 2333 -43.08 13.83 25.73
CA GLN A 2333 -41.82 14.55 25.67
C GLN A 2333 -41.47 15.03 24.27
N LYS A 2334 -41.73 14.21 23.25
CA LYS A 2334 -41.57 14.59 21.85
C LYS A 2334 -42.71 13.96 21.07
N LEU A 2335 -43.33 14.76 20.20
CA LEU A 2335 -44.57 14.37 19.53
C LEU A 2335 -44.45 14.58 18.02
N ILE A 2336 -43.40 14.01 17.44
CA ILE A 2336 -43.11 14.20 16.01
C ILE A 2336 -44.19 13.57 15.16
N GLU A 2337 -44.70 14.35 14.19
CA GLU A 2337 -45.61 13.85 13.18
C GLU A 2337 -44.79 13.43 11.97
N THR A 2338 -45.16 12.30 11.36
CA THR A 2338 -44.30 11.65 10.37
C THR A 2338 -44.98 11.36 9.04
N ARG A 2339 -46.13 11.95 8.74
CA ARG A 2339 -46.82 11.63 7.49
C ARG A 2339 -46.10 12.25 6.28
N THR A 2340 -45.86 13.56 6.32
CA THR A 2340 -45.34 14.26 5.16
C THR A 2340 -43.87 13.89 4.90
N SER A 2341 -43.36 14.38 3.78
CA SER A 2341 -42.00 14.04 3.36
C SER A 2341 -41.47 15.14 2.44
N GLN A 2342 -40.16 15.40 2.53
CA GLN A 2342 -39.51 16.38 1.68
C GLN A 2342 -39.07 15.81 0.34
N LEU A 2343 -39.25 14.51 0.13
CA LEU A 2343 -38.86 13.81 -1.10
C LEU A 2343 -40.02 12.93 -1.57
N PHE A 2344 -41.19 13.56 -1.73
CA PHE A 2344 -42.49 12.93 -1.98
C PHE A 2344 -42.44 11.83 -3.02
N SER A 2345 -42.79 10.61 -2.62
CA SER A 2345 -42.80 9.45 -3.49
C SER A 2345 -44.19 8.89 -3.70
N TYR A 2346 -44.94 8.62 -2.63
CA TYR A 2346 -46.30 8.12 -2.72
C TYR A 2346 -47.01 8.45 -1.41
N ALA A 2347 -48.34 8.56 -1.50
CA ALA A 2347 -49.14 8.98 -0.34
C ALA A 2347 -49.24 7.87 0.69
N ALA A 2348 -49.71 6.68 0.27
CA ALA A 2348 -49.92 5.59 1.20
C ALA A 2348 -48.61 5.09 1.79
N PHE A 2349 -47.51 5.23 1.05
CA PHE A 2349 -46.20 4.90 1.59
C PHE A 2349 -45.82 5.89 2.68
N SER A 2350 -45.99 7.19 2.40
CA SER A 2350 -45.64 8.21 3.38
C SER A 2350 -46.67 8.28 4.49
N ASP A 2351 -47.95 8.05 4.19
CA ASP A 2351 -49.03 8.18 5.17
C ASP A 2351 -49.61 6.78 5.40
N SER A 2352 -49.27 6.19 6.53
CA SER A 2352 -49.78 4.88 6.91
C SER A 2352 -49.65 4.72 8.42
N ASN A 2353 -50.15 3.61 8.94
CA ASN A 2353 -50.03 3.33 10.35
C ASN A 2353 -48.67 2.72 10.66
N ILE A 2354 -48.17 3.00 11.87
CA ILE A 2354 -46.84 2.57 12.26
C ILE A 2354 -46.84 1.07 12.50
N ILE A 2355 -45.66 0.46 12.38
CA ILE A 2355 -45.50 -0.96 12.69
C ILE A 2355 -44.35 -1.12 13.68
N THR A 2356 -43.16 -0.62 13.33
CA THR A 2356 -42.01 -0.79 14.21
C THR A 2356 -41.11 0.44 14.15
N VAL A 2357 -40.63 0.85 15.33
CA VAL A 2357 -39.48 1.75 15.44
C VAL A 2357 -38.48 1.13 16.40
N VAL A 2358 -37.22 1.52 16.26
CA VAL A 2358 -36.15 1.13 17.17
C VAL A 2358 -35.30 2.36 17.46
N VAL A 2359 -34.87 2.49 18.70
CA VAL A 2359 -34.18 3.68 19.17
C VAL A 2359 -32.68 3.49 19.03
N ASP A 2360 -32.01 4.48 18.44
CA ASP A 2360 -30.57 4.63 18.46
C ASP A 2360 -30.27 6.12 18.38
N THR A 2361 -29.05 6.48 17.98
CA THR A 2361 -28.71 7.88 17.73
C THR A 2361 -29.64 8.56 16.73
N ALA A 2362 -30.26 7.78 15.84
CA ALA A 2362 -31.24 8.25 14.89
C ALA A 2362 -32.58 7.59 15.20
N LEU A 2363 -33.53 7.69 14.27
CA LEU A 2363 -34.79 6.99 14.37
C LEU A 2363 -35.04 6.27 13.06
N TYR A 2364 -35.56 5.04 13.15
CA TYR A 2364 -36.00 4.31 11.98
C TYR A 2364 -37.45 3.92 12.21
N ILE A 2365 -38.28 4.07 11.19
CA ILE A 2365 -39.72 3.85 11.32
C ILE A 2365 -40.23 3.12 10.08
N ALA A 2366 -41.05 2.09 10.33
CA ALA A 2366 -41.68 1.31 9.28
C ALA A 2366 -43.19 1.46 9.35
N LYS A 2367 -43.86 1.16 8.24
CA LYS A 2367 -45.31 1.24 8.14
C LYS A 2367 -45.83 -0.03 7.48
N GLN A 2368 -47.15 -0.19 7.50
CA GLN A 2368 -47.77 -1.26 6.74
C GLN A 2368 -47.69 -0.95 5.25
N ASN A 2369 -47.44 -2.00 4.46
CA ASN A 2369 -47.43 -1.95 2.98
C ASN A 2369 -46.41 -0.94 2.44
N SER A 2370 -45.31 -0.73 3.16
CA SER A 2370 -44.32 0.28 2.80
C SER A 2370 -42.97 -0.40 2.60
N PRO A 2371 -42.55 -0.63 1.36
CA PRO A 2371 -41.21 -1.19 1.11
C PRO A 2371 -40.06 -0.29 1.53
N VAL A 2372 -40.31 0.93 1.99
CA VAL A 2372 -39.26 1.84 2.43
C VAL A 2372 -39.35 1.97 3.95
N VAL A 2373 -38.20 2.19 4.58
CA VAL A 2373 -38.11 2.55 5.98
C VAL A 2373 -37.51 3.94 6.09
N GLU A 2374 -38.09 4.78 6.95
CA GLU A 2374 -37.70 6.17 7.05
C GLU A 2374 -36.72 6.36 8.21
N VAL A 2375 -35.83 7.33 8.06
CA VAL A 2375 -34.79 7.63 9.04
C VAL A 2375 -35.00 9.07 9.49
N TRP A 2376 -35.54 9.23 10.68
CA TRP A 2376 -35.76 10.52 11.33
C TRP A 2376 -34.64 10.81 12.32
N ASP A 2377 -34.71 11.98 12.93
CA ASP A 2377 -33.80 12.35 14.01
C ASP A 2377 -34.57 12.58 15.30
N LYS A 2378 -33.85 12.46 16.41
CA LYS A 2378 -34.40 12.83 17.71
C LYS A 2378 -34.08 14.26 18.09
N LYS A 2379 -33.11 14.89 17.44
CA LYS A 2379 -32.78 16.28 17.73
C LYS A 2379 -33.48 17.26 16.79
N THR A 2380 -33.19 17.16 15.48
CA THR A 2380 -33.80 18.08 14.53
C THR A 2380 -35.12 17.57 13.99
N GLU A 2381 -35.39 16.27 14.10
CA GLU A 2381 -36.66 15.64 13.76
C GLU A 2381 -37.04 15.87 12.30
N LYS A 2382 -36.10 15.56 11.42
CA LYS A 2382 -36.29 15.64 9.98
C LYS A 2382 -35.93 14.29 9.37
N LEU A 2383 -36.32 14.10 8.12
CA LEU A 2383 -36.11 12.84 7.41
C LEU A 2383 -34.64 12.70 7.03
N CYS A 2384 -33.86 12.09 7.93
CA CYS A 2384 -32.44 11.90 7.70
C CYS A 2384 -32.14 10.83 6.66
N GLY A 2385 -33.12 10.07 6.21
CA GLY A 2385 -32.84 9.15 5.12
C GLY A 2385 -34.02 8.26 4.80
N LEU A 2386 -33.83 7.49 3.73
CA LEU A 2386 -34.79 6.50 3.28
C LEU A 2386 -34.04 5.27 2.80
N ILE A 2387 -34.55 4.09 3.17
CA ILE A 2387 -33.97 2.84 2.68
C ILE A 2387 -35.11 1.99 2.11
N ASP A 2388 -35.10 1.80 0.81
CA ASP A 2388 -36.09 0.97 0.14
C ASP A 2388 -35.51 -0.41 -0.12
N CYS A 2389 -36.29 -1.45 0.17
CA CYS A 2389 -35.78 -2.80 0.01
C CYS A 2389 -35.71 -3.23 -1.44
N VAL A 2390 -36.54 -2.64 -2.31
CA VAL A 2390 -36.44 -2.93 -3.74
C VAL A 2390 -35.19 -2.32 -4.35
N HIS A 2391 -34.54 -1.38 -3.66
CA HIS A 2391 -33.22 -0.95 -4.08
C HIS A 2391 -32.16 -2.02 -3.82
N PHE A 2392 -32.49 -3.05 -3.05
CA PHE A 2392 -31.58 -4.16 -2.78
C PHE A 2392 -32.11 -5.51 -3.24
N LEU A 2393 -33.35 -5.86 -2.89
CA LEU A 2393 -33.85 -7.22 -3.15
C LEU A 2393 -34.04 -7.46 -4.63
N ARG A 2394 -34.30 -6.40 -5.39
CA ARG A 2394 -34.41 -6.53 -6.85
C ARG A 2394 -33.07 -6.77 -7.51
N GLU A 2395 -31.97 -6.72 -6.77
CA GLU A 2395 -30.64 -6.96 -7.33
C GLU A 2395 -30.31 -8.45 -7.45
N VAL A 2396 -31.28 -9.33 -7.34
CA VAL A 2396 -31.06 -10.75 -7.58
C VAL A 2396 -31.76 -11.17 -8.86
N TYR A 2410 -45.93 -7.17 -7.13
CA TYR A 2410 -44.87 -7.84 -6.39
C TYR A 2410 -45.19 -7.91 -4.89
N SER A 2411 -44.21 -8.34 -4.12
CA SER A 2411 -44.34 -8.40 -2.66
C SER A 2411 -43.01 -8.00 -2.03
N GLY A 2412 -43.00 -7.98 -0.71
CA GLY A 2412 -41.83 -7.60 0.05
C GLY A 2412 -42.04 -6.28 0.76
N ARG A 2413 -42.39 -6.37 2.04
CA ARG A 2413 -42.67 -5.21 2.88
C ARG A 2413 -42.02 -5.44 4.23
N VAL A 2414 -41.47 -4.38 4.80
CA VAL A 2414 -40.80 -4.49 6.09
C VAL A 2414 -41.83 -4.82 7.16
N LYS A 2415 -41.75 -6.05 7.68
CA LYS A 2415 -42.68 -6.52 8.69
C LYS A 2415 -42.08 -6.64 10.07
N THR A 2416 -40.75 -6.66 10.17
CA THR A 2416 -40.04 -6.70 11.44
C THR A 2416 -38.90 -5.71 11.40
N LEU A 2417 -38.50 -5.25 12.58
CA LEU A 2417 -37.28 -4.46 12.74
C LEU A 2417 -36.59 -4.85 14.04
N CYS A 2418 -35.32 -5.23 13.94
CA CYS A 2418 -34.53 -5.55 15.12
C CYS A 2418 -33.10 -5.17 14.80
N LEU A 2419 -32.41 -4.61 15.79
CA LEU A 2419 -31.12 -3.97 15.57
C LEU A 2419 -30.13 -4.43 16.63
N GLN A 2420 -28.90 -4.66 16.20
CA GLN A 2420 -27.81 -5.05 17.09
C GLN A 2420 -27.41 -3.86 17.96
N LYS A 2421 -26.42 -4.09 18.83
CA LYS A 2421 -25.89 -3.03 19.69
C LYS A 2421 -25.31 -1.89 18.87
N ASN A 2422 -24.30 -2.17 18.05
CA ASN A 2422 -23.73 -1.16 17.18
C ASN A 2422 -23.32 -1.65 15.81
N THR A 2423 -23.56 -2.91 15.47
CA THR A 2423 -23.01 -3.46 14.23
C THR A 2423 -23.98 -3.40 13.05
N ALA A 2424 -25.13 -4.06 13.17
CA ALA A 2424 -25.97 -4.26 12.00
C ALA A 2424 -27.45 -4.22 12.38
N LEU A 2425 -28.26 -3.91 11.38
CA LEU A 2425 -29.70 -3.83 11.51
C LEU A 2425 -30.31 -4.96 10.69
N TRP A 2426 -31.22 -5.71 11.32
CA TRP A 2426 -31.90 -6.83 10.69
C TRP A 2426 -33.26 -6.36 10.21
N ILE A 2427 -33.54 -6.55 8.92
CA ILE A 2427 -34.82 -6.17 8.34
C ILE A 2427 -35.46 -7.39 7.73
N GLY A 2428 -36.69 -7.70 8.16
CA GLY A 2428 -37.44 -8.81 7.62
C GLY A 2428 -38.49 -8.32 6.65
N THR A 2429 -38.54 -8.96 5.48
CA THR A 2429 -39.45 -8.57 4.41
C THR A 2429 -40.75 -9.35 4.51
N GLY A 2430 -41.82 -8.77 3.97
CA GLY A 2430 -43.07 -9.49 3.81
C GLY A 2430 -43.00 -10.62 2.81
N GLY A 2431 -41.92 -10.69 2.02
CA GLY A 2431 -41.58 -11.87 1.26
C GLY A 2431 -40.45 -12.62 1.93
N GLY A 2432 -40.03 -13.71 1.30
CA GLY A 2432 -39.03 -14.57 1.89
C GLY A 2432 -37.63 -14.04 1.90
N HIS A 2433 -37.40 -12.89 2.53
CA HIS A 2433 -36.09 -12.28 2.56
C HIS A 2433 -35.82 -11.63 3.90
N ILE A 2434 -34.56 -11.71 4.32
CA ILE A 2434 -34.04 -10.97 5.46
C ILE A 2434 -32.79 -10.24 4.97
N LEU A 2435 -32.53 -9.08 5.56
CA LEU A 2435 -31.55 -8.14 5.04
C LEU A 2435 -30.71 -7.63 6.19
N LEU A 2436 -29.39 -7.59 5.99
CA LEU A 2436 -28.47 -7.11 7.01
C LEU A 2436 -27.87 -5.79 6.54
N LEU A 2437 -28.13 -4.72 7.29
CA LEU A 2437 -27.66 -3.39 6.94
C LEU A 2437 -26.65 -2.90 7.96
N ASP A 2438 -25.43 -2.64 7.53
CA ASP A 2438 -24.48 -1.97 8.41
C ASP A 2438 -24.91 -0.52 8.50
N LEU A 2439 -25.41 -0.13 9.67
CA LEU A 2439 -26.04 1.17 9.83
C LEU A 2439 -25.05 2.34 9.74
N SER A 2440 -23.76 2.05 9.79
CA SER A 2440 -22.77 3.13 9.87
C SER A 2440 -22.21 3.55 8.51
N THR A 2441 -21.53 2.65 7.80
CA THR A 2441 -20.82 3.04 6.59
C THR A 2441 -21.55 2.67 5.30
N ARG A 2442 -21.76 1.38 5.06
CA ARG A 2442 -22.31 0.89 3.80
C ARG A 2442 -23.52 0.04 4.09
N ARG A 2443 -24.50 0.05 3.18
CA ARG A 2443 -25.80 -0.49 3.54
C ARG A 2443 -25.87 -2.01 3.39
N LEU A 2444 -25.79 -2.52 2.17
CA LEU A 2444 -26.14 -3.92 1.96
C LEU A 2444 -24.94 -4.81 2.31
N ILE A 2445 -25.08 -5.58 3.39
CA ILE A 2445 -24.13 -6.63 3.72
C ILE A 2445 -24.50 -7.93 3.03
N ARG A 2446 -25.72 -8.40 3.27
CA ARG A 2446 -26.21 -9.61 2.64
C ARG A 2446 -27.73 -9.63 2.71
N VAL A 2447 -28.31 -10.40 1.79
CA VAL A 2447 -29.72 -10.73 1.80
C VAL A 2447 -29.82 -12.24 1.84
N ILE A 2448 -30.38 -12.78 2.92
CA ILE A 2448 -30.60 -14.21 3.05
C ILE A 2448 -32.05 -14.47 2.70
N TYR A 2449 -32.31 -15.60 2.04
CA TYR A 2449 -33.62 -15.86 1.47
C TYR A 2449 -33.88 -17.36 1.48
N ASN A 2450 -35.06 -17.73 0.98
CA ASN A 2450 -35.53 -19.08 0.69
C ASN A 2450 -35.57 -20.01 1.92
N PHE A 2451 -35.30 -19.50 3.11
CA PHE A 2451 -35.45 -20.32 4.31
C PHE A 2451 -36.86 -20.25 4.87
N CYS A 2452 -37.53 -19.11 4.71
CA CYS A 2452 -38.94 -18.96 5.02
C CYS A 2452 -39.60 -18.29 3.83
N ASN A 2453 -40.92 -18.47 3.72
CA ASN A 2453 -41.64 -17.82 2.63
C ASN A 2453 -41.95 -16.37 2.94
N SER A 2454 -42.04 -16.02 4.23
CA SER A 2454 -42.24 -14.65 4.66
C SER A 2454 -42.00 -14.60 6.16
N VAL A 2455 -41.21 -13.62 6.63
CA VAL A 2455 -41.05 -13.44 8.06
C VAL A 2455 -42.36 -12.93 8.64
N ARG A 2456 -42.61 -13.28 9.90
CA ARG A 2456 -43.73 -12.67 10.60
C ARG A 2456 -43.35 -12.03 11.92
N VAL A 2457 -42.55 -12.71 12.74
CA VAL A 2457 -42.12 -12.14 14.02
C VAL A 2457 -40.63 -12.37 14.18
N MET A 2458 -39.86 -11.30 14.31
CA MET A 2458 -38.42 -11.40 14.53
C MET A 2458 -38.05 -10.67 15.81
N MET A 2459 -37.28 -11.34 16.67
CA MET A 2459 -36.85 -10.70 17.91
C MET A 2459 -35.61 -11.42 18.43
N THR A 2460 -34.76 -10.67 19.12
CA THR A 2460 -33.59 -11.27 19.73
C THR A 2460 -33.93 -11.84 21.10
N ALA A 2461 -33.07 -12.74 21.58
CA ALA A 2461 -33.27 -13.38 22.88
C ALA A 2461 -31.92 -13.91 23.35
N GLN A 2462 -31.93 -14.53 24.52
CA GLN A 2462 -30.73 -15.13 25.09
C GLN A 2462 -31.11 -16.51 25.63
N LEU A 2463 -30.71 -17.56 24.92
CA LEU A 2463 -31.12 -18.92 25.26
C LEU A 2463 -29.98 -19.88 24.98
N GLY A 2464 -30.11 -21.08 25.56
CA GLY A 2464 -29.24 -22.20 25.24
C GLY A 2464 -27.80 -22.09 25.69
N SER A 2465 -27.52 -21.15 26.60
CA SER A 2465 -26.23 -20.86 27.23
C SER A 2465 -25.19 -20.31 26.25
N LEU A 2466 -25.52 -20.27 24.96
CA LEU A 2466 -24.80 -19.45 23.99
C LEU A 2466 -25.75 -18.31 23.64
N LYS A 2467 -25.70 -17.27 24.47
CA LYS A 2467 -26.76 -16.28 24.49
C LYS A 2467 -26.67 -15.37 23.27
N ASN A 2468 -27.62 -14.43 23.19
CA ASN A 2468 -27.79 -13.52 22.05
C ASN A 2468 -28.00 -14.32 20.75
N VAL A 2469 -29.15 -14.98 20.69
CA VAL A 2469 -29.59 -15.67 19.48
C VAL A 2469 -30.85 -15.00 18.97
N MET A 2470 -31.01 -14.98 17.65
CA MET A 2470 -32.11 -14.29 17.00
C MET A 2470 -33.19 -15.30 16.63
N LEU A 2471 -34.42 -15.04 17.06
CA LEU A 2471 -35.56 -15.89 16.73
C LEU A 2471 -36.30 -15.26 15.56
N VAL A 2472 -36.44 -16.02 14.49
CA VAL A 2472 -37.15 -15.60 13.28
C VAL A 2472 -38.31 -16.56 13.06
N LEU A 2473 -39.52 -16.03 13.07
CA LEU A 2473 -40.75 -16.81 13.00
C LEU A 2473 -41.45 -16.48 11.69
N GLY A 2474 -41.55 -17.46 10.81
CA GLY A 2474 -42.12 -17.25 9.49
C GLY A 2474 -43.03 -18.34 9.01
N TYR A 2475 -43.30 -18.36 7.70
CA TYR A 2475 -44.26 -19.26 7.09
C TYR A 2475 -43.63 -20.00 5.92
N ASN A 2476 -44.37 -20.99 5.42
CA ASN A 2476 -43.93 -21.79 4.28
C ASN A 2476 -45.17 -22.19 3.49
N ARG A 2477 -45.50 -21.41 2.47
CA ARG A 2477 -46.70 -21.65 1.68
C ARG A 2477 -46.53 -22.81 0.72
N GLU A 2488 -51.61 -25.46 3.43
CA GLU A 2488 -50.26 -25.98 3.52
C GLU A 2488 -49.27 -24.89 3.90
N ILE A 2489 -49.43 -24.33 5.10
CA ILE A 2489 -48.56 -23.28 5.60
C ILE A 2489 -48.09 -23.73 6.99
N GLN A 2490 -46.84 -24.18 7.08
CA GLN A 2490 -46.25 -24.63 8.33
C GLN A 2490 -45.34 -23.51 8.83
N SER A 2491 -45.75 -22.87 9.92
CA SER A 2491 -44.97 -21.78 10.51
C SER A 2491 -43.63 -22.28 11.03
N CYS A 2492 -42.54 -21.87 10.39
CA CYS A 2492 -41.22 -22.30 10.81
C CYS A 2492 -40.64 -21.32 11.81
N LEU A 2493 -39.71 -21.81 12.63
CA LEU A 2493 -39.01 -20.95 13.58
C LEU A 2493 -37.53 -21.28 13.51
N THR A 2494 -36.73 -20.30 13.10
CA THR A 2494 -35.29 -20.48 13.02
C THR A 2494 -34.63 -19.70 14.16
N VAL A 2495 -33.55 -20.26 14.67
CA VAL A 2495 -32.74 -19.64 15.70
C VAL A 2495 -31.37 -19.45 15.10
N TRP A 2496 -31.06 -18.20 14.76
CA TRP A 2496 -29.74 -17.83 14.26
C TRP A 2496 -28.83 -17.52 15.43
N ASP A 2497 -27.51 -17.61 15.19
CA ASP A 2497 -26.53 -16.81 15.95
C ASP A 2497 -26.63 -15.34 15.59
N ILE A 2498 -26.38 -14.47 16.58
CA ILE A 2498 -26.37 -13.04 16.31
C ILE A 2498 -25.06 -12.61 15.66
N ASN A 2499 -24.07 -13.49 15.60
CA ASN A 2499 -22.79 -13.12 15.07
C ASN A 2499 -22.73 -13.24 13.54
N LEU A 2500 -23.90 -13.31 12.90
CA LEU A 2500 -24.08 -13.35 11.46
C LEU A 2500 -23.34 -12.22 10.73
N PRO A 2501 -23.60 -10.93 11.00
CA PRO A 2501 -23.05 -9.90 10.10
C PRO A 2501 -21.55 -9.74 10.20
N HIS A 2502 -20.91 -10.26 11.24
CA HIS A 2502 -19.46 -10.34 11.24
C HIS A 2502 -18.99 -11.44 10.30
N GLU A 2503 -19.60 -12.63 10.41
CA GLU A 2503 -19.18 -13.80 9.65
C GLU A 2503 -19.24 -13.55 8.16
N VAL A 2504 -20.28 -12.86 7.70
CA VAL A 2504 -20.42 -12.57 6.28
C VAL A 2504 -19.29 -11.67 5.81
N GLN A 2505 -18.88 -10.71 6.63
CA GLN A 2505 -17.71 -9.94 6.25
C GLN A 2505 -16.42 -10.56 6.74
N ASN A 2506 -16.50 -11.65 7.51
CA ASN A 2506 -15.29 -12.39 7.87
C ASN A 2506 -14.95 -13.43 6.81
N LEU A 2507 -15.92 -14.29 6.49
CA LEU A 2507 -15.71 -15.37 5.54
C LEU A 2507 -15.25 -14.85 4.19
N GLU A 2508 -15.96 -13.85 3.65
CA GLU A 2508 -15.60 -13.29 2.35
C GLU A 2508 -14.26 -12.57 2.38
N LYS A 2509 -13.73 -12.27 3.58
CA LYS A 2509 -12.33 -11.91 3.65
C LYS A 2509 -11.46 -13.15 3.56
N HIS A 2510 -11.69 -14.09 4.49
CA HIS A 2510 -10.78 -15.21 4.71
C HIS A 2510 -10.64 -16.08 3.47
N ILE A 2511 -11.79 -16.48 2.91
CA ILE A 2511 -11.83 -17.21 1.65
C ILE A 2511 -11.00 -16.52 0.59
N GLU A 2512 -11.21 -15.21 0.45
CA GLU A 2512 -10.51 -14.41 -0.55
C GLU A 2512 -9.00 -14.49 -0.34
N VAL A 2513 -8.56 -14.45 0.91
CA VAL A 2513 -7.13 -14.51 1.22
C VAL A 2513 -6.56 -15.82 0.72
N ARG A 2514 -7.28 -16.93 0.97
CA ARG A 2514 -6.81 -18.23 0.51
C ARG A 2514 -6.73 -18.27 -1.00
N LYS A 2515 -7.70 -17.61 -1.66
CA LYS A 2515 -7.69 -17.48 -3.12
C LYS A 2515 -6.37 -16.89 -3.59
N GLU A 2516 -5.97 -15.77 -2.97
CA GLU A 2516 -4.74 -15.10 -3.35
C GLU A 2516 -3.54 -16.02 -3.11
N LEU A 2517 -3.60 -16.79 -2.02
CA LEU A 2517 -2.50 -17.70 -1.69
C LEU A 2517 -2.33 -18.74 -2.78
N ALA A 2518 -3.45 -19.26 -3.28
CA ALA A 2518 -3.40 -20.21 -4.39
C ALA A 2518 -2.74 -19.57 -5.60
N GLU A 2519 -3.14 -18.32 -5.90
CA GLU A 2519 -2.61 -17.62 -7.05
C GLU A 2519 -1.12 -17.36 -6.95
N LYS A 2520 -0.55 -17.48 -5.75
CA LYS A 2520 0.90 -17.50 -5.71
C LYS A 2520 1.42 -18.88 -6.12
N MET A 2521 1.10 -19.91 -5.34
CA MET A 2521 1.89 -21.14 -5.45
C MET A 2521 1.51 -21.93 -6.69
N ARG A 2522 0.30 -21.70 -7.22
CA ARG A 2522 -0.09 -22.34 -8.47
C ARG A 2522 0.79 -21.90 -9.63
N ARG A 2523 1.39 -20.69 -9.56
CA ARG A 2523 2.30 -20.33 -10.63
C ARG A 2523 3.71 -20.84 -10.37
N THR A 2524 4.04 -21.17 -9.11
CA THR A 2524 5.39 -21.63 -8.80
C THR A 2524 5.69 -23.00 -9.39
N SER A 2525 4.66 -23.74 -9.82
CA SER A 2525 4.89 -24.95 -10.59
C SER A 2525 5.50 -24.65 -11.95
N VAL A 2526 5.02 -23.59 -12.62
CA VAL A 2526 5.46 -23.32 -13.97
C VAL A 2526 6.63 -22.33 -13.95
N GLU A 2527 7.04 -21.93 -12.75
CA GLU A 2527 8.21 -21.07 -12.60
C GLU A 2527 9.50 -21.87 -12.78
N ALA B 4 41.29 71.72 -11.04
CA ALA B 4 40.26 70.96 -10.34
C ALA B 4 40.08 69.58 -10.97
N ASP B 5 40.81 68.59 -10.45
CA ASP B 5 40.75 67.24 -10.98
C ASP B 5 39.79 66.33 -10.21
N PHE B 6 39.62 66.56 -8.91
CA PHE B 6 38.79 65.67 -8.10
C PHE B 6 38.11 66.46 -6.98
N LYS B 7 36.91 66.03 -6.63
CA LYS B 7 36.16 66.60 -5.52
C LYS B 7 35.97 65.55 -4.43
N LEU B 8 36.10 65.98 -3.18
CA LEU B 8 35.92 65.11 -2.03
C LEU B 8 34.78 65.63 -1.17
N GLN B 9 34.55 64.95 -0.04
CA GLN B 9 33.43 65.32 0.83
C GLN B 9 33.77 65.14 2.31
N VAL B 10 35.03 65.40 2.70
CA VAL B 10 35.49 65.10 4.05
C VAL B 10 34.72 65.88 5.09
N ILE B 11 34.11 65.16 6.04
CA ILE B 11 33.25 65.72 7.07
C ILE B 11 33.98 65.68 8.40
N ILE B 12 33.60 66.55 9.33
CA ILE B 12 34.20 66.64 10.66
C ILE B 12 33.09 66.54 11.68
N ILE B 13 33.05 65.44 12.42
CA ILE B 13 31.99 65.20 13.38
C ILE B 13 32.56 65.13 14.78
N GLY B 14 31.73 65.47 15.76
CA GLY B 14 32.16 65.40 17.14
C GLY B 14 31.27 66.13 18.11
N SER B 15 31.29 65.72 19.37
CA SER B 15 30.48 66.36 20.40
C SER B 15 30.94 67.79 20.62
N ARG B 16 30.00 68.67 20.95
CA ARG B 16 30.25 70.11 20.95
C ARG B 16 31.32 70.50 21.98
N GLY B 17 31.95 71.64 21.74
CA GLY B 17 32.95 72.17 22.63
C GLY B 17 34.37 71.73 22.38
N VAL B 18 34.60 70.78 21.46
CA VAL B 18 35.96 70.27 21.27
C VAL B 18 36.79 71.21 20.42
N GLY B 19 36.21 71.80 19.38
CA GLY B 19 36.99 72.64 18.49
C GLY B 19 37.05 72.19 17.05
N LYS B 20 35.96 71.61 16.54
CA LYS B 20 35.91 71.21 15.14
C LYS B 20 36.07 72.41 14.21
N THR B 21 35.32 73.48 14.47
CA THR B 21 35.40 74.69 13.66
C THR B 21 36.79 75.31 13.73
N SER B 22 37.45 75.19 14.88
CA SER B 22 38.79 75.75 15.02
C SER B 22 39.79 74.99 14.16
N LEU B 23 39.67 73.66 14.09
CA LEU B 23 40.57 72.89 13.24
C LEU B 23 40.30 73.14 11.76
N MET B 24 39.02 73.25 11.39
CA MET B 24 38.71 73.56 10.00
C MET B 24 39.22 74.93 9.60
N GLU B 25 39.15 75.90 10.52
CA GLU B 25 39.64 77.23 10.22
C GLU B 25 41.16 77.26 10.16
N ARG B 26 41.84 76.54 11.07
CA ARG B 26 43.29 76.48 11.04
C ARG B 26 43.81 75.81 9.79
N PHE B 27 43.05 74.87 9.22
CA PHE B 27 43.49 74.30 7.96
C PHE B 27 43.18 75.20 6.78
N THR B 28 41.98 75.74 6.70
CA THR B 28 41.55 76.37 5.46
C THR B 28 41.95 77.85 5.38
N ASP B 29 41.76 78.62 6.45
CA ASP B 29 42.02 80.05 6.39
C ASP B 29 42.88 80.57 7.53
N ASP B 30 43.34 79.71 8.44
CA ASP B 30 44.35 80.01 9.46
C ASP B 30 43.92 81.05 10.48
N THR B 31 42.68 81.52 10.42
CA THR B 31 42.21 82.49 11.39
C THR B 31 41.86 81.79 12.70
N PHE B 32 41.81 82.57 13.77
CA PHE B 32 41.46 82.03 15.08
C PHE B 32 40.99 83.16 15.98
N CYS B 33 39.79 83.01 16.53
CA CYS B 33 39.28 83.84 17.61
C CYS B 33 38.88 82.92 18.75
N GLU B 34 39.24 83.30 19.98
CA GLU B 34 39.01 82.42 21.12
C GLU B 34 37.53 82.23 21.39
N ALA B 35 36.70 83.21 21.05
CA ALA B 35 35.25 83.08 21.20
C ALA B 35 34.63 82.68 19.86
N CYS B 36 35.01 81.50 19.39
CA CYS B 36 34.46 80.93 18.17
C CYS B 36 32.99 80.57 18.41
N LYS B 37 32.09 81.31 17.77
CA LYS B 37 30.66 81.05 17.92
C LYS B 37 30.32 79.69 17.36
N SER B 38 29.50 78.94 18.10
CA SER B 38 29.17 77.57 17.73
C SER B 38 28.38 77.54 16.42
N THR B 39 28.66 76.53 15.60
CA THR B 39 28.01 76.41 14.31
C THR B 39 26.53 76.08 14.50
N VAL B 40 25.65 76.93 13.96
CA VAL B 40 24.22 76.77 14.11
C VAL B 40 23.66 75.63 13.26
N GLY B 41 24.51 74.99 12.47
CA GLY B 41 24.07 73.85 11.70
C GLY B 41 25.27 73.20 11.04
N VAL B 42 25.09 72.87 9.78
CA VAL B 42 26.21 72.43 8.97
C VAL B 42 26.71 73.60 8.13
N ASP B 43 27.97 73.52 7.70
CA ASP B 43 28.57 74.62 6.94
C ASP B 43 29.77 74.12 6.16
N PHE B 44 29.91 74.59 4.92
CA PHE B 44 31.10 74.30 4.14
C PHE B 44 32.30 75.05 4.70
N LYS B 45 33.47 74.66 4.18
CA LYS B 45 34.59 75.60 4.03
C LYS B 45 35.44 75.02 2.92
N ILE B 46 35.27 75.54 1.70
CA ILE B 46 35.84 74.90 0.53
C ILE B 46 37.34 75.16 0.48
N LYS B 47 38.08 74.21 -0.08
CA LYS B 47 39.53 74.28 -0.11
C LYS B 47 40.02 73.62 -1.38
N THR B 48 41.12 74.14 -1.93
CA THR B 48 41.76 73.57 -3.10
C THR B 48 43.20 73.22 -2.72
N VAL B 49 43.52 71.93 -2.71
CA VAL B 49 44.86 71.48 -2.36
C VAL B 49 45.46 70.74 -3.55
N GLU B 50 46.75 70.96 -3.79
CA GLU B 50 47.45 70.36 -4.92
C GLU B 50 48.42 69.34 -4.37
N LEU B 51 48.18 68.07 -4.69
CA LEU B 51 48.97 67.00 -4.11
C LEU B 51 48.82 65.76 -4.97
N ARG B 52 49.86 64.90 -4.93
CA ARG B 52 49.92 63.64 -5.67
C ARG B 52 49.74 63.85 -7.17
N GLY B 53 50.23 64.98 -7.69
CA GLY B 53 50.06 65.29 -9.10
C GLY B 53 48.63 65.56 -9.49
N LYS B 54 47.79 65.97 -8.55
CA LYS B 54 46.39 66.23 -8.85
C LYS B 54 45.92 67.47 -8.11
N LYS B 55 44.94 68.14 -8.69
CA LYS B 55 44.22 69.22 -8.02
C LYS B 55 43.01 68.62 -7.33
N ILE B 56 42.82 68.98 -6.06
CA ILE B 56 41.84 68.33 -5.21
C ILE B 56 40.91 69.42 -4.67
N ARG B 57 39.63 69.31 -5.00
CA ARG B 57 38.61 70.22 -4.47
C ARG B 57 38.03 69.59 -3.22
N LEU B 58 38.60 69.95 -2.08
CA LEU B 58 38.22 69.35 -0.80
C LEU B 58 37.11 70.19 -0.19
N GLN B 59 36.01 69.53 0.16
CA GLN B 59 34.89 70.17 0.83
C GLN B 59 34.87 69.74 2.28
N ILE B 60 34.87 70.70 3.19
CA ILE B 60 34.93 70.36 4.61
C ILE B 60 33.60 70.73 5.27
N TRP B 61 32.78 69.71 5.52
CA TRP B 61 31.47 69.89 6.15
C TRP B 61 31.67 69.93 7.66
N ASP B 62 31.59 71.11 8.25
CA ASP B 62 31.63 71.22 9.70
C ASP B 62 30.24 71.02 10.27
N THR B 63 30.14 70.21 11.31
CA THR B 63 28.84 69.78 11.82
C THR B 63 28.60 70.40 13.19
N ALA B 64 27.41 70.13 13.73
CA ALA B 64 26.91 70.88 14.88
C ALA B 64 27.49 70.37 16.19
N GLY B 65 27.20 69.12 16.54
CA GLY B 65 27.64 68.56 17.79
C GLY B 65 26.56 68.46 18.84
N LEU B 66 25.47 69.20 18.70
CA LEU B 66 24.37 69.10 19.64
C LEU B 66 23.62 67.79 19.42
N GLU B 67 22.64 67.53 20.29
CA GLU B 67 21.74 66.41 20.09
C GLU B 67 20.55 66.78 19.22
N ARG B 68 20.26 68.07 19.10
CA ARG B 68 19.06 68.50 18.37
C ARG B 68 19.27 68.42 16.87
N PHE B 69 20.47 68.76 16.39
CA PHE B 69 20.75 68.72 14.96
C PHE B 69 21.27 67.37 14.49
N ASN B 70 21.27 66.36 15.36
CA ASN B 70 21.80 65.03 15.04
C ASN B 70 21.08 64.37 13.87
N SER B 71 19.86 64.80 13.55
CA SER B 71 19.20 64.25 12.38
C SER B 71 19.73 64.91 11.10
N ILE B 72 19.91 66.23 11.14
CA ILE B 72 20.25 66.99 9.92
C ILE B 72 21.63 66.58 9.42
N THR B 73 22.60 66.53 10.33
CA THR B 73 23.94 66.04 10.02
C THR B 73 23.91 64.62 9.47
N SER B 74 22.92 63.82 9.89
CA SER B 74 22.79 62.46 9.40
C SER B 74 22.61 62.40 7.89
N ALA B 75 22.17 63.49 7.27
CA ALA B 75 22.00 63.46 5.82
C ALA B 75 23.32 63.47 5.06
N TYR B 76 24.42 63.83 5.71
CA TYR B 76 25.68 64.04 5.00
C TYR B 76 26.72 62.95 5.25
N TYR B 77 26.40 61.94 6.05
CA TYR B 77 27.40 60.93 6.33
C TYR B 77 27.62 59.97 5.16
N ARG B 78 26.79 60.03 4.12
CA ARG B 78 26.86 59.07 3.02
C ARG B 78 27.99 59.40 2.06
N SER B 79 28.04 60.64 1.57
CA SER B 79 28.99 60.99 0.54
C SER B 79 30.40 61.22 1.09
N ALA B 80 30.57 61.25 2.40
CA ALA B 80 31.87 61.57 3.02
C ALA B 80 32.93 60.54 2.68
N LYS B 81 33.95 60.97 1.93
CA LYS B 81 35.05 60.07 1.61
C LYS B 81 35.88 59.76 2.84
N GLY B 82 36.02 60.74 3.74
CA GLY B 82 36.78 60.55 4.96
C GLY B 82 36.19 61.29 6.13
N ILE B 83 35.94 60.58 7.23
CA ILE B 83 35.25 61.15 8.37
C ILE B 83 36.23 61.35 9.50
N ILE B 84 36.14 62.50 10.15
CA ILE B 84 37.05 62.90 11.22
C ILE B 84 36.23 63.04 12.50
N LEU B 85 36.60 62.29 13.53
CA LEU B 85 35.93 62.33 14.83
C LEU B 85 36.85 62.94 15.85
N VAL B 86 36.29 63.78 16.72
CA VAL B 86 37.11 64.61 17.61
C VAL B 86 36.58 64.54 19.03
N TYR B 87 37.50 64.61 19.99
CA TYR B 87 37.19 64.60 21.40
C TYR B 87 38.21 65.49 22.10
N ASP B 88 37.75 66.29 23.05
CA ASP B 88 38.63 67.21 23.75
C ASP B 88 39.24 66.54 24.97
N ILE B 89 40.55 66.74 25.16
CA ILE B 89 41.28 66.00 26.18
C ILE B 89 41.10 66.57 27.58
N THR B 90 40.33 67.63 27.74
CA THR B 90 40.10 68.18 29.08
C THR B 90 38.81 67.65 29.71
N LYS B 91 37.81 67.28 28.91
CA LYS B 91 36.55 66.75 29.41
C LYS B 91 36.44 65.28 29.02
N LYS B 92 36.22 64.43 30.01
CA LYS B 92 36.22 62.98 29.76
C LYS B 92 34.95 62.55 29.02
N GLU B 93 33.81 63.16 29.34
CA GLU B 93 32.56 62.76 28.69
C GLU B 93 32.56 63.16 27.23
N THR B 94 33.34 64.16 26.84
CA THR B 94 33.49 64.48 25.43
C THR B 94 34.25 63.39 24.67
N PHE B 95 34.95 62.51 25.38
CA PHE B 95 35.46 61.29 24.78
C PHE B 95 34.47 60.14 24.92
N ASP B 96 33.75 60.07 26.03
CA ASP B 96 32.82 58.96 26.22
C ASP B 96 31.56 59.09 25.37
N ASP B 97 31.36 60.21 24.69
CA ASP B 97 30.29 60.27 23.70
C ASP B 97 30.55 59.33 22.52
N LEU B 98 31.82 59.07 22.20
CA LEU B 98 32.29 58.35 21.01
C LEU B 98 31.62 57.02 20.66
N PRO B 99 31.11 56.22 21.62
CA PRO B 99 30.24 55.11 21.22
C PRO B 99 29.02 55.53 20.42
N LYS B 100 28.38 56.65 20.79
CA LYS B 100 27.21 57.11 20.04
C LYS B 100 27.60 57.60 18.66
N TRP B 101 28.71 58.33 18.55
CA TRP B 101 29.17 58.79 17.24
C TRP B 101 29.53 57.61 16.35
N MET B 102 30.19 56.59 16.94
CA MET B 102 30.53 55.42 16.16
C MET B 102 29.28 54.64 15.75
N LYS B 103 28.23 54.68 16.58
CA LYS B 103 26.97 54.06 16.19
C LYS B 103 26.37 54.78 14.99
N MET B 104 26.42 56.11 14.99
CA MET B 104 25.90 56.87 13.85
C MET B 104 26.73 56.64 12.60
N ILE B 105 28.04 56.51 12.76
CA ILE B 105 28.91 56.20 11.62
C ILE B 105 28.57 54.84 11.05
N ASP B 106 28.48 53.83 11.92
CA ASP B 106 28.19 52.48 11.46
C ASP B 106 26.78 52.35 10.88
N LYS B 107 25.89 53.27 11.25
CA LYS B 107 24.56 53.24 10.65
C LYS B 107 24.53 53.94 9.29
N TYR B 108 25.16 55.11 9.16
CA TYR B 108 24.97 55.95 7.98
C TYR B 108 26.10 55.92 6.96
N ALA B 109 27.34 55.63 7.36
CA ALA B 109 28.46 55.82 6.45
C ALA B 109 28.47 54.77 5.34
N SER B 110 29.38 54.97 4.39
CA SER B 110 29.53 54.10 3.23
C SER B 110 30.58 53.03 3.52
N GLU B 111 31.00 52.32 2.47
CA GLU B 111 32.01 51.28 2.61
C GLU B 111 33.42 51.78 2.36
N ASP B 112 33.57 52.83 1.56
CA ASP B 112 34.87 53.44 1.29
C ASP B 112 35.12 54.67 2.15
N ALA B 113 34.58 54.69 3.36
CA ALA B 113 34.66 55.84 4.25
C ALA B 113 35.76 55.59 5.29
N GLU B 114 36.90 56.22 5.09
CA GLU B 114 37.97 56.16 6.07
C GLU B 114 37.60 56.99 7.30
N LEU B 115 37.83 56.42 8.48
CA LEU B 115 37.35 56.99 9.73
C LEU B 115 38.55 57.34 10.60
N LEU B 116 38.82 58.62 10.77
CA LEU B 116 39.99 59.09 11.48
C LEU B 116 39.59 59.76 12.79
N LEU B 117 40.33 59.48 13.85
CA LEU B 117 40.09 60.09 15.15
C LEU B 117 41.17 61.15 15.41
N VAL B 118 40.77 62.24 16.05
CA VAL B 118 41.65 63.37 16.30
C VAL B 118 41.39 63.90 17.70
N GLY B 119 42.45 64.08 18.48
CA GLY B 119 42.30 64.70 19.79
C GLY B 119 42.75 66.14 19.76
N ASN B 120 41.86 67.07 20.09
CA ASN B 120 42.12 68.49 19.94
C ASN B 120 42.58 69.12 21.26
N LYS B 121 43.13 70.33 21.14
CA LYS B 121 43.57 71.17 22.27
C LYS B 121 44.65 70.49 23.09
N LEU B 122 45.76 70.13 22.42
CA LEU B 122 46.83 69.39 23.08
C LEU B 122 47.69 70.25 23.99
N ASP B 123 47.58 71.58 23.90
CA ASP B 123 48.41 72.46 24.71
C ASP B 123 48.07 72.41 26.19
N CYS B 124 47.02 71.68 26.58
CA CYS B 124 46.74 71.40 27.98
C CYS B 124 46.94 69.91 28.28
N GLU B 125 47.98 69.32 27.68
CA GLU B 125 48.32 67.93 27.96
C GLU B 125 48.64 67.72 29.43
N THR B 126 49.26 68.71 30.07
CA THR B 126 49.52 68.63 31.51
C THR B 126 48.24 68.71 32.33
N ASP B 127 47.15 69.22 31.75
CA ASP B 127 45.85 69.22 32.39
C ASP B 127 44.89 68.27 31.71
N ARG B 128 45.38 67.40 30.82
CA ARG B 128 44.53 66.54 30.00
C ARG B 128 43.89 65.46 30.86
N GLU B 129 42.58 65.57 31.08
CA GLU B 129 41.85 64.56 31.84
C GLU B 129 41.70 63.25 31.08
N ILE B 130 41.98 63.24 29.78
CA ILE B 130 42.10 62.02 29.00
C ILE B 130 43.57 61.85 28.64
N THR B 131 44.05 60.61 28.65
CA THR B 131 45.48 60.35 28.50
C THR B 131 45.86 60.44 27.02
N ARG B 132 47.09 60.04 26.71
CA ARG B 132 47.54 60.00 25.32
C ARG B 132 47.51 58.61 24.72
N GLN B 133 47.62 57.58 25.56
CA GLN B 133 47.60 56.21 25.07
C GLN B 133 46.20 55.73 24.73
N GLN B 134 45.17 56.35 25.33
CA GLN B 134 43.81 55.86 25.20
C GLN B 134 43.28 55.97 23.78
N GLY B 135 43.84 56.86 22.98
CA GLY B 135 43.41 57.08 21.61
C GLY B 135 43.54 55.86 20.71
N GLU B 136 44.76 55.39 20.50
CA GLU B 136 44.94 54.18 19.70
C GLU B 136 44.40 52.94 20.41
N LYS B 137 44.27 53.00 21.74
CA LYS B 137 43.66 51.90 22.47
C LYS B 137 42.18 51.78 22.14
N PHE B 138 41.50 52.90 21.96
CA PHE B 138 40.14 52.88 21.44
C PHE B 138 40.15 52.54 19.96
N ALA B 139 41.15 53.02 19.23
CA ALA B 139 41.30 52.72 17.82
C ALA B 139 41.77 51.30 17.55
N GLN B 140 41.88 50.46 18.58
CA GLN B 140 42.10 49.03 18.43
C GLN B 140 40.90 48.30 17.83
N GLN B 141 39.85 49.04 17.44
CA GLN B 141 38.76 48.58 16.59
C GLN B 141 39.23 48.56 15.14
N ILE B 142 38.28 48.59 14.20
CA ILE B 142 38.50 48.49 12.75
C ILE B 142 39.69 49.30 12.28
N THR B 143 40.58 48.65 11.53
CA THR B 143 41.97 49.06 11.39
C THR B 143 42.14 50.38 10.66
N GLY B 144 41.11 50.86 9.96
CA GLY B 144 41.17 52.18 9.36
C GLY B 144 41.22 53.31 10.37
N MET B 145 40.84 53.03 11.62
CA MET B 145 40.80 54.04 12.65
C MET B 145 42.20 54.43 13.09
N ARG B 146 42.72 55.51 12.51
CA ARG B 146 43.98 56.09 12.96
C ARG B 146 43.74 56.89 14.24
N PHE B 147 44.77 57.62 14.65
CA PHE B 147 44.69 58.54 15.78
C PHE B 147 45.89 59.46 15.70
N CYS B 148 45.66 60.77 15.77
CA CYS B 148 46.75 61.73 15.70
C CYS B 148 46.32 63.01 16.41
N GLU B 149 46.82 63.21 17.62
CA GLU B 149 46.45 64.37 18.40
C GLU B 149 47.06 65.64 17.79
N ALA B 150 46.42 66.77 18.08
CA ALA B 150 46.81 68.06 17.53
C ALA B 150 46.27 69.16 18.43
N SER B 151 46.42 70.40 17.99
CA SER B 151 45.99 71.56 18.77
C SER B 151 45.78 72.74 17.84
N ALA B 152 44.59 73.32 17.87
CA ALA B 152 44.22 74.37 16.92
C ALA B 152 44.90 75.70 17.25
N LYS B 153 44.77 76.15 18.49
CA LYS B 153 45.18 77.51 18.84
C LYS B 153 46.68 77.72 18.73
N ASP B 154 47.46 76.66 18.86
CA ASP B 154 48.91 76.77 18.77
C ASP B 154 49.46 76.30 17.43
N ASN B 155 48.60 75.83 16.53
CA ASN B 155 48.96 75.32 15.21
C ASN B 155 50.02 74.21 15.31
N PHE B 156 49.63 73.14 15.98
CA PHE B 156 50.50 71.99 16.21
C PHE B 156 49.85 70.76 15.59
N ASN B 157 50.52 70.19 14.58
CA ASN B 157 50.04 69.02 13.84
C ASN B 157 48.66 69.24 13.22
N VAL B 158 48.35 70.48 12.84
CA VAL B 158 47.02 70.77 12.33
C VAL B 158 46.85 70.24 10.91
N ASP B 159 47.67 70.72 9.98
CA ASP B 159 47.54 70.30 8.59
C ASP B 159 48.02 68.88 8.38
N GLU B 160 48.75 68.32 9.35
CA GLU B 160 49.11 66.90 9.32
C GLU B 160 47.87 66.03 9.21
N ILE B 161 46.82 66.38 9.96
CA ILE B 161 45.55 65.64 9.94
C ILE B 161 45.00 65.56 8.53
N PHE B 162 44.75 66.72 7.92
CA PHE B 162 44.05 66.74 6.65
C PHE B 162 44.94 66.22 5.52
N LEU B 163 46.24 66.48 5.57
CA LEU B 163 47.10 66.02 4.49
C LEU B 163 47.32 64.51 4.54
N LYS B 164 47.54 63.97 5.75
CA LYS B 164 47.61 62.52 5.88
C LYS B 164 46.29 61.87 5.50
N LEU B 165 45.16 62.53 5.79
CA LEU B 165 43.87 61.95 5.45
C LEU B 165 43.64 61.92 3.95
N VAL B 166 43.97 63.02 3.24
CA VAL B 166 43.72 63.03 1.81
C VAL B 166 44.71 62.12 1.09
N ASP B 167 45.92 61.94 1.64
CA ASP B 167 46.83 60.97 1.07
C ASP B 167 46.31 59.54 1.27
N ASP B 168 45.85 59.23 2.49
CA ASP B 168 45.28 57.92 2.74
C ASP B 168 44.03 57.65 1.91
N ILE B 169 43.30 58.71 1.53
CA ILE B 169 42.13 58.54 0.67
C ILE B 169 42.55 58.25 -0.76
N LEU B 170 43.33 59.16 -1.36
CA LEU B 170 43.59 59.02 -2.79
C LEU B 170 44.73 58.07 -3.12
N LYS B 171 45.38 57.46 -2.13
CA LYS B 171 46.33 56.41 -2.44
C LYS B 171 45.65 55.08 -2.70
N LYS B 172 44.35 54.97 -2.41
CA LYS B 172 43.64 53.71 -2.54
C LYS B 172 42.78 53.65 -3.80
N MET B 173 41.89 54.61 -3.98
CA MET B 173 40.97 54.59 -5.11
C MET B 173 41.73 54.93 -6.39
N PRO B 174 41.29 54.38 -7.54
CA PRO B 174 41.89 54.71 -8.84
C PRO B 174 41.46 56.07 -9.38
PB GDP C . 4.08 -73.37 -41.06
O1B GDP C . 4.79 -74.13 -39.98
O2B GDP C . 2.92 -72.61 -40.46
O3B GDP C . 5.02 -72.40 -41.70
O3A GDP C . 3.55 -74.40 -42.16
PA GDP C . 4.45 -75.70 -42.41
O1A GDP C . 4.16 -76.74 -41.37
O2A GDP C . 5.90 -75.29 -42.36
O5' GDP C . 4.09 -76.22 -43.87
C5' GDP C . 4.08 -77.62 -44.09
C4' GDP C . 5.00 -77.97 -45.25
O4' GDP C . 6.23 -78.45 -44.72
C3' GDP C . 4.43 -79.07 -46.11
O3' GDP C . 4.43 -78.65 -47.48
C2' GDP C . 5.37 -80.25 -45.97
O2' GDP C . 5.63 -80.82 -47.25
C1' GDP C . 6.63 -79.62 -45.43
N9 GDP C . 7.38 -80.57 -44.57
C8 GDP C . 7.62 -80.42 -43.25
N7 GDP C . 8.34 -81.46 -42.77
C5 GDP C . 8.57 -82.29 -43.79
C6 GDP C . 9.27 -83.57 -43.96
O6 GDP C . 9.84 -84.12 -43.00
N1 GDP C . 9.29 -84.13 -45.18
C2 GDP C . 8.71 -83.55 -46.23
N2 GDP C . 8.77 -84.17 -47.42
N3 GDP C . 8.04 -82.37 -46.14
C4 GDP C . 7.94 -81.71 -44.97
PG ANP D . 0.83 -45.69 6.93
O1G ANP D . 1.84 -44.87 6.21
O2G ANP D . 0.47 -46.95 6.06
O3G ANP D . 1.43 -46.17 8.32
PB ANP D . -0.32 -43.73 8.50
O1B ANP D . -0.99 -42.42 8.21
O2B ANP D . -0.92 -44.34 9.80
N3B ANP D . -0.56 -44.78 7.22
PA ANP D . 1.84 -42.16 8.06
O1A ANP D . 3.19 -42.43 7.54
O2A ANP D . 0.84 -41.65 7.02
O3A ANP D . 1.19 -43.47 8.71
O5' ANP D . 1.95 -41.15 9.27
C5' ANP D . 1.77 -41.61 10.62
C4' ANP D . 1.33 -40.44 11.47
O4' ANP D . 2.34 -39.41 11.41
C3' ANP D . 0.05 -39.75 11.05
O3' ANP D . -1.08 -40.42 11.59
C2' ANP D . 0.22 -38.37 11.68
O2' ANP D . -0.21 -38.36 13.03
C1' ANP D . 1.73 -38.15 11.61
N9 ANP D . 2.16 -37.26 10.53
C8 ANP D . 2.13 -37.52 9.19
N7 ANP D . 2.57 -36.53 8.45
C5 ANP D . 2.94 -35.57 9.37
C6 ANP D . 3.48 -34.28 9.23
N6 ANP D . 3.78 -33.73 8.05
N1 ANP D . 3.72 -33.57 10.35
C2 ANP D . 3.42 -34.12 11.53
N3 ANP D . 2.91 -35.32 11.79
C4 ANP D . 2.68 -36.00 10.66
MG MG E . 32.63 74.75 16.89
PG GNP F . 30.61 73.50 17.49
O1G GNP F . 29.25 73.48 18.13
O2G GNP F . 30.61 74.47 16.32
O3G GNP F . 30.98 72.09 16.99
N3B GNP F . 31.75 73.98 18.67
PB GNP F . 33.19 73.21 18.70
O1B GNP F . 33.01 71.86 19.33
O2B GNP F . 33.71 73.07 17.30
O3A GNP F . 34.25 74.11 19.57
PA GNP F . 34.57 75.59 19.12
O1A GNP F . 33.37 76.07 18.31
O2A GNP F . 35.85 75.69 18.41
O5' GNP F . 34.66 76.36 20.48
C5' GNP F . 35.36 75.79 21.62
C4' GNP F . 36.41 76.77 22.07
O4' GNP F . 37.55 76.05 22.58
C3' GNP F . 36.96 77.67 21.00
O3' GNP F . 36.14 78.82 20.82
C2' GNP F . 38.33 78.06 21.57
O2' GNP F . 38.25 79.16 22.45
C1' GNP F . 38.73 76.79 22.33
N9 GNP F . 39.66 75.93 21.58
C8 GNP F . 39.37 75.12 20.51
N7 GNP F . 40.42 74.47 20.06
C5 GNP F . 41.46 74.88 20.87
C6 GNP F . 42.86 74.53 20.88
O6 GNP F . 43.43 73.74 20.12
N1 GNP F . 43.55 75.18 21.87
C2 GNP F . 43.01 76.06 22.76
N2 GNP F . 43.84 76.60 23.66
N3 GNP F . 41.72 76.40 22.77
C4 GNP F . 41.01 75.78 21.81
#